data_4M2G
#
_entry.id   4M2G
#
_cell.length_a   67.287
_cell.length_b   116.211
_cell.length_c   96.163
_cell.angle_alpha   90.00
_cell.angle_beta   91.66
_cell.angle_gamma   90.00
#
_symmetry.space_group_name_H-M   'P 1 21 1'
#
loop_
_entity.id
_entity.type
_entity.pdbx_description
1 polymer 'L-arginine beta-hydroxylase'
2 non-polymer 'FE (III) ION'
3 non-polymer 'SUCCINIC ACID'
4 non-polymer amino{[(2R,3R,4S)-4-amino-2,3,5-trihydroxy-5-oxopentyl]amino}methaniminium
5 water water
#
_entity_poly.entity_id   1
_entity_poly.type   'polypeptide(L)'
_entity_poly.pdbx_seq_one_letter_code
;MGSSHHHHHHSSGLVPRGSHMSNLTDQSTPSYSLTPAEASAVAELTLELAAAYGSFGDPVLLRDLPRLAARLPEGVQDFL
REFKLADRHGHTVIRGHDFDQRRIGPTPDHWRGRVRPGPEFPEELLLMLYSALLGEPFGWATQQDGHLVHDIFPIRSHEN
DQLGMGSKQLLTWHTEDAFHPYRSDYLILGALRNPDHVPTTVGELDLSSLSAEDIDVLFEPRYHIAPDESHLPKNNTIAT
EEEAARFATIQRMIDERPLGPLLYGSRLDPYMRLDPYFTSVPQDDTDARRAYDALFKVVDSGMREVVADQGDVLFIDNHR
AVHGRLPFQARYDGTDRWLKRVCVTSDLRRSREMRATSATRLLG
;
_entity_poly.pdbx_strand_id   A,B,C,D
#
loop_
_chem_comp.id
_chem_comp.type
_chem_comp.name
_chem_comp.formula
FE non-polymer 'FE (III) ION' 'Fe 3'
SIN non-polymer 'SUCCINIC ACID' 'C4 H6 O4'
#
# COMPACT_ATOMS: atom_id res chain seq x y z
N THR A 29 -34.18 -16.72 23.10
CA THR A 29 -32.85 -16.08 22.80
C THR A 29 -32.30 -16.55 21.45
N PRO A 30 -32.34 -15.67 20.43
CA PRO A 30 -31.85 -16.05 19.11
C PRO A 30 -30.34 -16.29 19.11
N SER A 31 -29.94 -17.36 18.43
CA SER A 31 -28.53 -17.66 18.21
C SER A 31 -28.31 -17.80 16.71
N TYR A 32 -27.08 -18.14 16.32
CA TYR A 32 -26.74 -18.39 14.93
C TYR A 32 -25.80 -19.56 14.92
N SER A 33 -26.19 -20.60 14.19
CA SER A 33 -25.38 -21.79 14.00
C SER A 33 -24.71 -21.73 12.62
N LEU A 34 -23.38 -21.75 12.62
CA LEU A 34 -22.60 -21.77 11.39
C LEU A 34 -22.73 -23.12 10.68
N THR A 35 -22.88 -23.08 9.36
CA THR A 35 -22.69 -24.27 8.56
C THR A 35 -21.19 -24.55 8.49
N PRO A 36 -20.79 -25.80 8.23
CA PRO A 36 -19.40 -26.12 7.99
C PRO A 36 -18.71 -25.18 7.00
N ALA A 37 -19.44 -24.79 5.96
CA ALA A 37 -18.89 -23.91 4.92
C ALA A 37 -18.53 -22.55 5.49
N GLU A 38 -19.43 -21.98 6.29
CA GLU A 38 -19.19 -20.71 6.94
C GLU A 38 -18.04 -20.85 7.93
N ALA A 39 -18.07 -21.93 8.71
CA ALA A 39 -17.04 -22.22 9.69
C ALA A 39 -15.68 -22.28 9.01
N SER A 40 -15.63 -23.00 7.89
CA SER A 40 -14.42 -23.12 7.08
C SER A 40 -14.00 -21.76 6.54
N ALA A 41 -14.97 -20.95 6.13
CA ALA A 41 -14.69 -19.60 5.63
C ALA A 41 -14.09 -18.70 6.72
N VAL A 42 -14.70 -18.67 7.89
CA VAL A 42 -14.18 -17.90 9.01
C VAL A 42 -12.77 -18.35 9.40
N ALA A 43 -12.60 -19.65 9.62
CA ALA A 43 -11.29 -20.19 9.95
C ALA A 43 -10.21 -19.76 8.93
N GLU A 44 -10.50 -19.93 7.64
CA GLU A 44 -9.59 -19.50 6.55
C GLU A 44 -9.24 -18.02 6.61
N LEU A 45 -10.24 -17.19 6.89
CA LEU A 45 -10.01 -15.75 6.99
C LEU A 45 -9.10 -15.42 8.18
N THR A 46 -9.40 -16.00 9.33
CA THR A 46 -8.62 -15.71 10.53
C THR A 46 -7.15 -16.10 10.33
N LEU A 47 -6.91 -17.16 9.58
CA LEU A 47 -5.55 -17.64 9.32
C LEU A 47 -4.79 -16.69 8.42
N GLU A 48 -5.45 -16.26 7.34
CA GLU A 48 -4.86 -15.33 6.40
C GLU A 48 -4.49 -14.04 7.13
N LEU A 49 -5.43 -13.53 7.94
CA LEU A 49 -5.21 -12.33 8.74
C LEU A 49 -4.05 -12.47 9.74
N ALA A 50 -3.98 -13.61 10.40
CA ALA A 50 -2.90 -13.89 11.34
C ALA A 50 -1.54 -13.90 10.67
N ALA A 51 -1.49 -14.34 9.41
CA ALA A 51 -0.25 -14.40 8.65
C ALA A 51 0.16 -13.02 8.18
N ALA A 52 -0.82 -12.23 7.77
CA ALA A 52 -0.59 -10.92 7.16
C ALA A 52 -0.25 -9.83 8.17
N TYR A 53 -0.74 -9.96 9.40
CA TYR A 53 -0.43 -8.99 10.46
C TYR A 53 0.46 -9.63 11.55
N GLY A 54 1.35 -8.83 12.11
CA GLY A 54 2.33 -9.34 13.08
C GLY A 54 1.74 -9.62 14.45
N SER A 55 1.10 -8.61 15.03
CA SER A 55 0.50 -8.70 16.35
C SER A 55 -0.56 -7.60 16.51
N PHE A 56 -1.19 -7.53 17.68
CA PHE A 56 -2.12 -6.43 17.97
C PHE A 56 -1.37 -5.12 18.22
N GLY A 57 -0.04 -5.21 18.37
CA GLY A 57 0.82 -4.03 18.46
C GLY A 57 0.97 -3.29 17.14
N ASP A 58 0.24 -3.75 16.12
CA ASP A 58 0.20 -3.10 14.82
C ASP A 58 -1.06 -2.23 14.71
N PRO A 59 -0.89 -0.89 14.70
CA PRO A 59 -2.01 0.05 14.64
C PRO A 59 -2.83 -0.05 13.35
N VAL A 60 -2.21 -0.54 12.29
CA VAL A 60 -2.88 -0.75 11.00
C VAL A 60 -3.98 -1.82 11.15
N LEU A 61 -3.72 -2.84 11.96
CA LEU A 61 -4.71 -3.88 12.21
C LEU A 61 -5.91 -3.32 12.95
N LEU A 62 -5.67 -2.45 13.92
CA LEU A 62 -6.77 -1.84 14.64
C LEU A 62 -7.53 -0.93 13.68
N ARG A 63 -6.79 -0.24 12.84
CA ARG A 63 -7.38 0.57 11.78
C ARG A 63 -8.25 -0.26 10.83
N ASP A 64 -7.75 -1.42 10.40
CA ASP A 64 -8.40 -2.21 9.38
C ASP A 64 -9.55 -3.09 9.92
N LEU A 65 -9.67 -3.23 11.22
CA LEU A 65 -10.61 -4.19 11.80
C LEU A 65 -12.02 -4.18 11.16
N PRO A 66 -12.72 -3.03 11.20
CA PRO A 66 -14.07 -3.01 10.57
C PRO A 66 -14.09 -3.41 9.10
N ARG A 67 -13.15 -2.92 8.30
CA ARG A 67 -13.12 -3.33 6.90
C ARG A 67 -12.83 -4.83 6.77
N LEU A 68 -11.89 -5.33 7.56
CA LEU A 68 -11.57 -6.78 7.61
C LEU A 68 -12.77 -7.62 8.02
N ALA A 69 -13.57 -7.10 8.96
CA ALA A 69 -14.77 -7.77 9.42
C ALA A 69 -15.85 -7.86 8.33
N ALA A 70 -15.75 -7.02 7.32
CA ALA A 70 -16.68 -7.08 6.18
C ALA A 70 -16.47 -8.32 5.32
N ARG A 71 -15.34 -9.00 5.53
CA ARG A 71 -15.02 -10.22 4.81
C ARG A 71 -15.51 -11.50 5.51
N LEU A 72 -16.17 -11.36 6.66
CA LEU A 72 -16.83 -12.49 7.33
C LEU A 72 -18.09 -12.88 6.54
N PRO A 73 -18.63 -14.10 6.76
CA PRO A 73 -19.83 -14.45 5.99
C PRO A 73 -20.94 -13.44 6.20
N GLU A 74 -21.78 -13.27 5.19
CA GLU A 74 -22.80 -12.21 5.17
C GLU A 74 -23.86 -12.46 6.25
N GLY A 75 -24.23 -13.72 6.40
CA GLY A 75 -25.23 -14.11 7.39
C GLY A 75 -24.79 -13.75 8.80
N VAL A 76 -23.49 -13.92 9.07
CA VAL A 76 -22.93 -13.57 10.38
C VAL A 76 -23.06 -12.07 10.60
N GLN A 77 -22.64 -11.30 9.59
CA GLN A 77 -22.65 -9.84 9.68
C GLN A 77 -24.05 -9.28 9.92
N ASP A 78 -25.02 -9.73 9.11
CA ASP A 78 -26.43 -9.32 9.25
C ASP A 78 -26.94 -9.70 10.64
N PHE A 79 -26.59 -10.90 11.09
CA PHE A 79 -27.03 -11.39 12.38
C PHE A 79 -26.64 -10.49 13.54
N LEU A 80 -25.37 -10.10 13.60
CA LEU A 80 -24.85 -9.28 14.70
C LEU A 80 -25.37 -7.86 14.62
N ARG A 81 -25.45 -7.36 13.40
CA ARG A 81 -26.01 -6.04 13.16
C ARG A 81 -27.46 -6.01 13.65
N GLU A 82 -28.21 -7.06 13.35
CA GLU A 82 -29.61 -7.17 13.80
C GLU A 82 -29.69 -7.24 15.31
N PHE A 83 -28.74 -7.96 15.90
CA PHE A 83 -28.64 -8.03 17.35
C PHE A 83 -28.36 -6.64 17.92
N LYS A 84 -27.43 -5.92 17.32
CA LYS A 84 -27.05 -4.59 17.81
C LYS A 84 -28.21 -3.61 17.72
N LEU A 85 -28.86 -3.56 16.56
CA LEU A 85 -29.88 -2.55 16.32
C LEU A 85 -31.21 -2.85 17.00
N ALA A 86 -31.52 -4.13 17.16
CA ALA A 86 -32.78 -4.53 17.78
C ALA A 86 -32.83 -4.02 19.23
N ASP A 87 -31.68 -4.03 19.90
CA ASP A 87 -31.56 -3.49 21.25
C ASP A 87 -32.69 -4.06 22.12
N ARG A 88 -32.74 -5.38 22.22
CA ARG A 88 -33.85 -6.10 22.83
C ARG A 88 -33.33 -7.25 23.66
N HIS A 89 -32.70 -8.23 23.01
CA HIS A 89 -32.04 -9.32 23.73
C HIS A 89 -30.69 -8.89 24.31
N GLY A 90 -30.38 -9.37 25.50
CA GLY A 90 -29.16 -8.99 26.21
C GLY A 90 -27.99 -9.94 25.99
N HIS A 91 -28.24 -11.02 25.25
CA HIS A 91 -27.17 -11.87 24.80
C HIS A 91 -27.53 -12.68 23.57
N THR A 92 -26.50 -13.14 22.88
CA THR A 92 -26.64 -14.05 21.75
C THR A 92 -25.33 -14.86 21.59
N VAL A 93 -25.43 -15.97 20.87
CA VAL A 93 -24.31 -16.88 20.66
C VAL A 93 -24.17 -17.22 19.18
N ILE A 94 -22.94 -17.23 18.69
CA ILE A 94 -22.65 -17.78 17.37
C ILE A 94 -21.89 -19.07 17.60
N ARG A 95 -22.48 -20.18 17.18
CA ARG A 95 -21.96 -21.52 17.46
C ARG A 95 -21.40 -22.14 16.19
N GLY A 96 -20.55 -23.15 16.35
CA GLY A 96 -20.03 -23.95 15.24
C GLY A 96 -18.70 -23.55 14.64
N HIS A 97 -17.98 -22.64 15.27
CA HIS A 97 -16.63 -22.23 14.80
C HIS A 97 -15.67 -23.40 14.83
N ASP A 98 -14.84 -23.47 13.81
CA ASP A 98 -13.76 -24.44 13.76
C ASP A 98 -12.54 -23.83 14.47
N PHE A 99 -12.35 -24.21 15.73
CA PHE A 99 -11.14 -23.82 16.47
C PHE A 99 -10.17 -24.99 16.52
N ASP A 100 -9.20 -24.95 15.62
CA ASP A 100 -8.20 -26.02 15.46
C ASP A 100 -7.38 -26.26 16.74
N GLN A 101 -7.77 -27.32 17.48
CA GLN A 101 -7.13 -27.67 18.75
C GLN A 101 -5.63 -28.01 18.64
N ARG A 102 -5.19 -28.59 17.53
CA ARG A 102 -3.79 -28.92 17.35
C ARG A 102 -2.93 -27.67 17.24
N ARG A 103 -3.44 -26.68 16.51
CA ARG A 103 -2.74 -25.42 16.30
C ARG A 103 -2.78 -24.55 17.55
N ILE A 104 -3.93 -24.50 18.21
CA ILE A 104 -4.10 -23.67 19.41
C ILE A 104 -3.14 -24.09 20.52
N GLY A 105 -2.94 -25.40 20.69
CA GLY A 105 -2.03 -25.91 21.71
C GLY A 105 -2.61 -26.03 23.12
N PRO A 106 -1.73 -26.36 24.10
CA PRO A 106 -2.11 -26.54 25.50
C PRO A 106 -2.55 -25.23 26.14
N THR A 107 -3.56 -25.30 27.02
CA THR A 107 -3.93 -24.15 27.82
C THR A 107 -2.67 -23.72 28.60
N PRO A 108 -2.36 -22.42 28.59
CA PRO A 108 -1.16 -21.97 29.30
C PRO A 108 -1.33 -22.01 30.82
N ASP A 109 -0.20 -21.99 31.53
CA ASP A 109 -0.19 -21.94 32.99
C ASP A 109 -0.46 -20.53 33.50
N HIS A 110 0.15 -19.57 32.85
CA HIS A 110 -0.05 -18.15 33.16
C HIS A 110 -0.13 -17.35 31.88
N TRP A 111 -0.76 -16.18 31.95
CA TRP A 111 -0.70 -15.21 30.87
C TRP A 111 0.64 -14.48 30.85
N ARG A 112 1.23 -14.29 32.02
CA ARG A 112 2.54 -13.66 32.14
C ARG A 112 3.59 -14.56 31.52
N GLY A 113 4.49 -13.93 30.80
CA GLY A 113 5.62 -14.61 30.15
C GLY A 113 5.28 -15.50 28.98
N ARG A 114 4.26 -15.14 28.22
CA ARG A 114 3.93 -15.86 26.98
C ARG A 114 4.42 -15.07 25.78
N VAL A 115 4.84 -15.78 24.74
CA VAL A 115 5.16 -15.13 23.47
C VAL A 115 3.89 -14.52 22.91
N ARG A 116 4.00 -13.27 22.48
CA ARG A 116 2.90 -12.54 21.89
C ARG A 116 3.21 -12.39 20.39
N PRO A 117 2.30 -12.82 19.51
CA PRO A 117 1.05 -13.52 19.84
C PRO A 117 1.24 -15.02 19.90
N GLY A 118 0.30 -15.70 20.57
CA GLY A 118 0.36 -17.14 20.70
C GLY A 118 -0.03 -17.78 19.41
N PRO A 119 -0.03 -19.12 19.36
CA PRO A 119 -0.54 -19.83 18.20
C PRO A 119 -2.08 -19.76 18.05
N GLU A 120 -2.76 -19.23 19.07
CA GLU A 120 -4.23 -19.06 19.03
C GLU A 120 -4.63 -17.65 18.53
N PHE A 121 -3.63 -16.90 18.06
CA PHE A 121 -3.83 -15.58 17.42
C PHE A 121 -4.98 -15.49 16.43
N PRO A 122 -5.17 -16.53 15.59
CA PRO A 122 -6.36 -16.43 14.71
C PRO A 122 -7.67 -16.24 15.46
N GLU A 123 -7.84 -16.93 16.58
CA GLU A 123 -9.08 -16.84 17.36
C GLU A 123 -9.25 -15.48 18.02
N GLU A 124 -8.12 -14.88 18.39
CA GLU A 124 -8.12 -13.54 18.95
C GLU A 124 -8.57 -12.55 17.89
N LEU A 125 -7.97 -12.68 16.71
CA LEU A 125 -8.33 -11.85 15.57
C LEU A 125 -9.82 -11.93 15.29
N LEU A 126 -10.36 -13.14 15.34
CA LEU A 126 -11.79 -13.35 15.15
C LEU A 126 -12.59 -12.45 16.09
N LEU A 127 -12.28 -12.52 17.37
CA LEU A 127 -13.03 -11.78 18.37
C LEU A 127 -12.87 -10.26 18.19
N MET A 128 -11.72 -9.83 17.69
CA MET A 128 -11.53 -8.43 17.38
C MET A 128 -12.37 -7.99 16.20
N LEU A 129 -12.54 -8.86 15.20
CA LEU A 129 -13.35 -8.55 14.04
C LEU A 129 -14.79 -8.39 14.48
N TYR A 130 -15.28 -9.36 15.27
CA TYR A 130 -16.62 -9.26 15.85
C TYR A 130 -16.80 -8.00 16.64
N SER A 131 -15.74 -7.56 17.32
CA SER A 131 -15.81 -6.39 18.18
C SER A 131 -15.98 -5.14 17.34
N ALA A 132 -15.36 -5.12 16.18
CA ALA A 132 -15.50 -3.97 15.27
C ALA A 132 -16.90 -3.92 14.62
N LEU A 133 -17.54 -5.07 14.51
CA LEU A 133 -18.95 -5.08 14.09
C LEU A 133 -19.87 -4.48 15.14
N LEU A 134 -19.52 -4.59 16.42
CA LEU A 134 -20.37 -4.00 17.46
C LEU A 134 -19.97 -2.58 17.89
N GLY A 135 -18.66 -2.29 17.87
CA GLY A 135 -18.16 -0.97 18.25
C GLY A 135 -16.63 -0.92 18.18
N GLU A 136 -15.98 -0.62 19.30
CA GLU A 136 -14.51 -0.56 19.36
C GLU A 136 -14.02 -1.43 20.51
N PRO A 137 -12.94 -2.20 20.28
CA PRO A 137 -12.34 -2.94 21.35
C PRO A 137 -11.56 -2.00 22.26
N PHE A 138 -11.65 -2.19 23.56
CA PHE A 138 -10.90 -1.37 24.49
C PHE A 138 -10.50 -2.22 25.67
N GLY A 139 -9.58 -1.70 26.46
CA GLY A 139 -9.11 -2.41 27.64
C GLY A 139 -8.81 -1.51 28.82
N TRP A 140 -8.35 -2.15 29.88
CA TRP A 140 -7.94 -1.48 31.10
C TRP A 140 -6.45 -1.64 31.23
N ALA A 141 -5.75 -0.53 31.37
CA ALA A 141 -4.28 -0.48 31.33
C ALA A 141 -3.59 -1.39 32.35
N THR A 142 -4.19 -1.54 33.52
CA THR A 142 -3.63 -2.40 34.58
C THR A 142 -3.91 -3.88 34.39
N GLN A 143 -4.91 -4.22 33.57
CA GLN A 143 -5.35 -5.61 33.41
C GLN A 143 -4.65 -6.39 32.28
N GLN A 144 -4.04 -7.50 32.68
CA GLN A 144 -3.28 -8.41 31.80
C GLN A 144 -2.34 -7.68 30.82
N ASP A 145 -1.56 -6.74 31.38
CA ASP A 145 -0.57 -5.94 30.64
C ASP A 145 -1.18 -5.08 29.52
N GLY A 146 -2.48 -4.78 29.63
CA GLY A 146 -3.20 -3.94 28.66
C GLY A 146 -3.56 -4.65 27.35
N HIS A 147 -3.51 -5.97 27.35
CA HIS A 147 -3.88 -6.72 26.16
C HIS A 147 -5.36 -6.49 25.85
N LEU A 148 -5.66 -6.17 24.60
CA LEU A 148 -7.04 -5.98 24.17
C LEU A 148 -7.86 -7.26 24.22
N VAL A 149 -7.22 -8.40 23.94
CA VAL A 149 -7.86 -9.70 24.13
C VAL A 149 -7.35 -10.32 25.42
N HIS A 150 -8.27 -10.53 26.36
CA HIS A 150 -7.98 -11.09 27.67
C HIS A 150 -8.05 -12.61 27.64
N ASP A 151 -7.25 -13.23 28.51
CA ASP A 151 -7.27 -14.65 28.72
C ASP A 151 -8.10 -15.00 29.93
N ILE A 152 -8.91 -16.04 29.81
CA ILE A 152 -9.67 -16.61 30.90
C ILE A 152 -9.33 -18.10 30.96
N PHE A 153 -8.48 -18.47 31.90
CA PHE A 153 -8.15 -19.86 32.18
C PHE A 153 -7.65 -20.00 33.62
N PRO A 154 -7.68 -21.22 34.19
CA PRO A 154 -7.31 -21.34 35.59
C PRO A 154 -5.81 -21.21 35.78
N ILE A 155 -5.43 -20.41 36.76
CA ILE A 155 -4.06 -20.31 37.21
C ILE A 155 -4.06 -20.79 38.64
N ARG A 156 -3.09 -21.61 38.99
CA ARG A 156 -3.04 -22.25 40.31
C ARG A 156 -2.91 -21.24 41.45
N SER A 157 -2.06 -20.22 41.28
CA SER A 157 -1.85 -19.21 42.33
C SER A 157 -3.06 -18.30 42.51
N HIS A 158 -3.92 -18.25 41.51
CA HIS A 158 -5.21 -17.52 41.55
C HIS A 158 -6.38 -18.43 41.92
N GLU A 159 -6.10 -19.59 42.52
CA GLU A 159 -7.15 -20.59 42.79
C GLU A 159 -8.26 -20.04 43.67
N ASN A 160 -7.88 -19.45 44.80
CA ASN A 160 -8.82 -18.85 45.76
C ASN A 160 -9.08 -17.37 45.45
N ASP A 161 -9.55 -17.13 44.23
CA ASP A 161 -9.82 -15.78 43.73
C ASP A 161 -11.09 -15.77 42.88
N GLN A 162 -11.88 -14.72 43.03
CA GLN A 162 -13.12 -14.55 42.29
C GLN A 162 -12.94 -13.63 41.09
N LEU A 163 -12.42 -14.21 40.01
CA LEU A 163 -12.33 -13.52 38.71
C LEU A 163 -12.33 -14.52 37.55
N GLY A 164 -11.83 -14.10 36.38
CA GLY A 164 -11.71 -14.98 35.21
C GLY A 164 -10.69 -16.10 35.40
N MET A 165 -9.58 -15.77 36.06
CA MET A 165 -8.48 -16.72 36.25
C MET A 165 -8.71 -17.73 37.38
N GLY A 166 -9.80 -17.55 38.13
CA GLY A 166 -10.18 -18.50 39.17
C GLY A 166 -10.70 -19.81 38.63
N SER A 167 -11.32 -20.59 39.51
CA SER A 167 -11.92 -21.87 39.15
C SER A 167 -12.82 -22.39 40.28
N LYS A 168 -12.22 -22.61 41.45
CA LYS A 168 -12.94 -23.14 42.62
C LYS A 168 -14.04 -22.22 43.13
N GLN A 169 -13.80 -20.91 43.02
CA GLN A 169 -14.69 -19.91 43.60
C GLN A 169 -15.80 -19.50 42.63
N LEU A 170 -17.02 -19.38 43.17
CA LEU A 170 -18.19 -18.91 42.42
C LEU A 170 -18.01 -17.45 41.99
N LEU A 171 -18.26 -17.18 40.71
CA LEU A 171 -18.24 -15.83 40.17
C LEU A 171 -19.68 -15.31 40.08
N THR A 172 -20.15 -14.71 41.18
CA THR A 172 -21.50 -14.17 41.29
C THR A 172 -21.82 -13.19 40.18
N TRP A 173 -23.09 -13.15 39.78
CA TRP A 173 -23.47 -12.39 38.59
C TRP A 173 -23.43 -10.88 38.78
N HIS A 174 -23.11 -10.19 37.68
CA HIS A 174 -22.96 -8.74 37.69
C HIS A 174 -22.97 -8.12 36.30
N THR A 175 -23.37 -6.84 36.28
CA THR A 175 -23.03 -5.94 35.22
C THR A 175 -21.54 -5.66 35.35
N GLU A 176 -20.83 -5.64 34.24
CA GLU A 176 -19.38 -5.36 34.26
C GLU A 176 -19.12 -3.87 34.56
N ASP A 177 -18.34 -3.63 35.60
CA ASP A 177 -17.96 -2.29 36.05
C ASP A 177 -19.17 -1.35 36.23
N ALA A 178 -20.17 -1.83 36.98
CA ALA A 178 -21.45 -1.13 37.16
C ALA A 178 -21.34 0.35 37.52
N PHE A 179 -20.38 0.70 38.36
CA PHE A 179 -20.23 2.09 38.80
C PHE A 179 -19.69 3.00 37.68
N HIS A 180 -18.88 2.41 36.79
CA HIS A 180 -18.03 3.16 35.87
C HIS A 180 -18.80 3.79 34.71
N PRO A 181 -18.60 5.11 34.48
CA PRO A 181 -19.30 5.80 33.41
C PRO A 181 -18.91 5.32 32.00
N TYR A 182 -17.72 4.75 31.89
CA TYR A 182 -17.19 4.27 30.62
C TYR A 182 -17.03 2.75 30.56
N ARG A 183 -17.85 2.03 31.33
CA ARG A 183 -17.87 0.56 31.32
C ARG A 183 -18.20 0.02 29.94
N SER A 184 -17.88 -1.24 29.72
CA SER A 184 -18.18 -1.91 28.44
C SER A 184 -19.65 -1.81 28.10
N ASP A 185 -19.94 -1.64 26.83
CA ASP A 185 -21.31 -1.71 26.33
C ASP A 185 -21.64 -3.16 25.98
N TYR A 186 -20.66 -3.88 25.43
CA TYR A 186 -20.80 -5.29 25.15
C TYR A 186 -19.56 -6.05 25.60
N LEU A 187 -19.74 -7.32 25.94
CA LEU A 187 -18.61 -8.21 26.16
C LEU A 187 -18.70 -9.34 25.15
N ILE A 188 -17.56 -9.76 24.64
CA ILE A 188 -17.47 -10.89 23.73
C ILE A 188 -16.60 -11.98 24.35
N LEU A 189 -17.17 -13.17 24.47
CA LEU A 189 -16.48 -14.30 25.07
C LEU A 189 -16.43 -15.45 24.09
N GLY A 190 -15.22 -15.86 23.72
CA GLY A 190 -15.00 -16.94 22.79
C GLY A 190 -14.34 -18.13 23.45
N ALA A 191 -15.02 -19.27 23.41
CA ALA A 191 -14.57 -20.49 24.08
C ALA A 191 -13.64 -21.31 23.20
N LEU A 192 -12.33 -21.23 23.48
CA LEU A 192 -11.34 -21.99 22.72
C LEU A 192 -11.46 -23.47 23.06
N ARG A 193 -11.65 -23.74 24.36
CA ARG A 193 -12.02 -25.06 24.83
C ARG A 193 -12.74 -24.97 26.16
N ASN A 194 -13.61 -25.94 26.40
CA ASN A 194 -14.42 -26.05 27.62
C ASN A 194 -14.81 -27.52 27.80
N PRO A 195 -13.81 -28.40 28.00
CA PRO A 195 -14.02 -29.84 27.92
C PRO A 195 -15.11 -30.39 28.86
N ASP A 196 -15.26 -29.78 30.03
CA ASP A 196 -16.26 -30.22 31.01
C ASP A 196 -17.55 -29.39 30.97
N HIS A 197 -17.70 -28.58 29.93
CA HIS A 197 -18.96 -27.90 29.63
C HIS A 197 -19.42 -26.96 30.74
N VAL A 198 -18.46 -26.29 31.38
CA VAL A 198 -18.72 -25.33 32.45
C VAL A 198 -19.51 -24.14 31.90
N PRO A 199 -20.72 -23.91 32.45
CA PRO A 199 -21.58 -22.84 31.96
C PRO A 199 -21.19 -21.46 32.47
N THR A 200 -21.43 -20.45 31.64
CA THR A 200 -21.46 -19.06 32.07
C THR A 200 -22.90 -18.76 32.48
N THR A 201 -23.07 -18.00 33.56
CA THR A 201 -24.42 -17.55 33.94
C THR A 201 -24.73 -16.19 33.31
N VAL A 202 -25.89 -16.06 32.68
CA VAL A 202 -26.35 -14.76 32.23
C VAL A 202 -27.81 -14.56 32.57
N GLY A 203 -28.14 -13.34 32.98
CA GLY A 203 -29.50 -12.99 33.35
C GLY A 203 -29.94 -11.68 32.73
N GLU A 204 -31.21 -11.62 32.32
CA GLU A 204 -31.83 -10.43 31.78
C GLU A 204 -32.92 -9.93 32.73
N LEU A 205 -33.54 -8.81 32.38
CA LEU A 205 -34.61 -8.24 33.20
C LEU A 205 -35.94 -8.64 32.59
N ASP A 206 -36.73 -9.39 33.36
CA ASP A 206 -38.14 -9.62 33.02
C ASP A 206 -38.98 -8.47 33.61
N LEU A 207 -39.30 -7.50 32.76
CA LEU A 207 -39.92 -6.23 33.20
C LEU A 207 -41.36 -6.38 33.70
N SER A 208 -42.06 -7.43 33.25
CA SER A 208 -43.44 -7.68 33.66
C SER A 208 -43.52 -8.26 35.08
N SER A 209 -42.37 -8.62 35.66
CA SER A 209 -42.29 -9.16 37.02
C SER A 209 -42.13 -8.07 38.08
N LEU A 210 -42.04 -6.82 37.66
CA LEU A 210 -41.89 -5.69 38.58
C LEU A 210 -43.11 -4.77 38.54
N SER A 211 -43.48 -4.26 39.72
CA SER A 211 -44.56 -3.28 39.83
C SER A 211 -44.11 -1.91 39.29
N ALA A 212 -45.06 -1.15 38.76
CA ALA A 212 -44.78 0.14 38.11
C ALA A 212 -44.22 1.19 39.08
N GLU A 213 -44.52 1.05 40.37
CA GLU A 213 -43.94 1.94 41.38
C GLU A 213 -42.45 1.64 41.57
N ASP A 214 -42.11 0.37 41.63
CA ASP A 214 -40.71 -0.05 41.75
C ASP A 214 -39.87 0.45 40.57
N ILE A 215 -40.41 0.27 39.37
CA ILE A 215 -39.71 0.73 38.17
C ILE A 215 -39.40 2.24 38.29
N ASP A 216 -40.41 3.03 38.65
CA ASP A 216 -40.24 4.48 38.83
C ASP A 216 -39.12 4.82 39.82
N VAL A 217 -39.05 4.07 40.92
CA VAL A 217 -38.05 4.30 41.97
C VAL A 217 -36.64 3.95 41.48
N LEU A 218 -36.52 2.80 40.81
CA LEU A 218 -35.25 2.31 40.28
C LEU A 218 -34.69 3.20 39.17
N PHE A 219 -35.56 3.98 38.54
CA PHE A 219 -35.17 4.96 37.54
C PHE A 219 -34.64 6.23 38.15
N GLU A 220 -34.84 6.40 39.46
CA GLU A 220 -34.45 7.62 40.14
C GLU A 220 -33.10 7.48 40.84
N PRO A 221 -32.37 8.60 40.99
CA PRO A 221 -31.01 8.54 41.57
C PRO A 221 -31.00 8.33 43.09
N ARG A 222 -31.17 7.07 43.49
CA ARG A 222 -31.36 6.76 44.90
C ARG A 222 -30.44 5.66 45.43
N TYR A 223 -29.43 5.29 44.64
CA TYR A 223 -28.53 4.20 44.97
C TYR A 223 -27.08 4.61 44.81
N HIS A 224 -26.22 4.05 45.65
CA HIS A 224 -24.78 4.27 45.51
C HIS A 224 -24.12 3.03 44.95
N ILE A 225 -23.36 3.18 43.88
CA ILE A 225 -22.64 2.04 43.34
C ILE A 225 -21.17 2.26 43.57
N ALA A 226 -20.57 1.37 44.34
CA ALA A 226 -19.19 1.51 44.78
C ALA A 226 -18.22 1.05 43.69
N PRO A 227 -17.11 1.78 43.53
CA PRO A 227 -16.06 1.39 42.60
C PRO A 227 -15.39 0.09 42.99
N ASP A 228 -14.95 -0.68 42.01
CA ASP A 228 -14.12 -1.87 42.25
C ASP A 228 -12.70 -1.39 42.60
N GLU A 229 -12.03 -2.13 43.46
CA GLU A 229 -10.72 -1.71 44.01
C GLU A 229 -9.68 -1.35 42.94
N SER A 230 -9.72 -2.04 41.80
CA SER A 230 -8.77 -1.79 40.71
C SER A 230 -8.94 -0.41 40.05
N HIS A 231 -10.13 0.17 40.17
CA HIS A 231 -10.45 1.48 39.61
C HIS A 231 -10.12 2.64 40.55
N LEU A 232 -9.77 2.31 41.79
CA LEU A 232 -9.43 3.32 42.80
C LEU A 232 -8.13 4.05 42.43
N PRO A 233 -8.16 5.39 42.40
CA PRO A 233 -6.98 6.22 42.10
C PRO A 233 -5.81 6.07 43.07
N LYS A 234 -6.07 5.59 44.29
CA LYS A 234 -4.99 5.32 45.25
C LYS A 234 -4.23 4.02 44.89
N ASN A 235 -4.83 3.20 44.05
CA ASN A 235 -4.18 2.00 43.49
C ASN A 235 -3.10 2.38 42.47
N ASN A 236 -3.41 3.37 41.64
CA ASN A 236 -2.53 3.81 40.55
C ASN A 236 -1.67 5.03 40.96
N THR A 237 -0.55 5.21 40.26
CA THR A 237 0.49 6.19 40.63
C THR A 237 -0.04 7.57 41.05
N ILE A 238 0.46 8.05 42.19
CA ILE A 238 0.09 9.36 42.74
C ILE A 238 1.11 10.41 42.24
N ALA A 239 1.52 10.29 40.98
CA ALA A 239 2.60 11.10 40.42
C ALA A 239 2.12 12.04 39.32
N THR A 240 2.64 13.27 39.34
CA THR A 240 2.40 14.31 38.31
C THR A 240 0.94 14.76 38.15
N GLU A 241 0.77 15.95 37.56
CA GLU A 241 -0.54 16.51 37.20
C GLU A 241 -1.15 15.66 36.08
N GLU A 242 -0.30 15.26 35.14
CA GLU A 242 -0.63 14.37 34.02
C GLU A 242 -1.58 13.23 34.44
N GLU A 243 -1.16 12.45 35.43
CA GLU A 243 -1.88 11.26 35.86
C GLU A 243 -3.02 11.54 36.85
N ALA A 244 -2.93 12.65 37.57
CA ALA A 244 -3.96 13.06 38.53
C ALA A 244 -5.27 13.40 37.82
N ALA A 245 -5.15 14.15 36.73
CA ALA A 245 -6.31 14.55 35.92
C ALA A 245 -6.97 13.38 35.18
N ARG A 246 -6.30 12.24 35.15
CA ARG A 246 -6.77 11.04 34.47
C ARG A 246 -7.81 10.27 35.29
N PHE A 247 -7.77 10.44 36.61
CA PHE A 247 -8.70 9.77 37.53
C PHE A 247 -9.61 10.73 38.28
N ALA A 248 -9.55 12.02 37.91
CA ALA A 248 -10.28 13.08 38.58
C ALA A 248 -11.79 12.89 38.62
N THR A 249 -12.35 12.23 37.60
CA THR A 249 -13.78 11.94 37.56
C THR A 249 -14.16 10.80 38.51
N ILE A 250 -13.32 9.78 38.57
CA ILE A 250 -13.52 8.68 39.52
C ILE A 250 -13.32 9.20 40.94
N GLN A 251 -12.26 9.99 41.12
CA GLN A 251 -11.95 10.58 42.42
C GLN A 251 -13.12 11.39 42.94
N ARG A 252 -13.72 12.18 42.05
CA ARG A 252 -14.93 12.95 42.39
C ARG A 252 -16.11 12.05 42.77
N MET A 253 -16.31 10.96 42.03
CA MET A 253 -17.36 9.99 42.40
C MET A 253 -17.13 9.34 43.77
N ILE A 254 -15.86 9.09 44.08
CA ILE A 254 -15.49 8.55 45.39
C ILE A 254 -15.73 9.59 46.49
N ASP A 255 -15.24 10.81 46.26
CA ASP A 255 -15.36 11.89 47.23
C ASP A 255 -16.80 12.32 47.47
N GLU A 256 -17.52 12.62 46.40
CA GLU A 256 -18.88 13.18 46.52
C GLU A 256 -19.97 12.12 46.70
N ARG A 257 -19.66 10.88 46.35
CA ARG A 257 -20.61 9.78 46.41
C ARG A 257 -21.99 10.12 45.81
N PRO A 258 -22.02 10.46 44.51
CA PRO A 258 -23.31 10.77 43.89
C PRO A 258 -24.16 9.54 43.89
N LEU A 259 -25.47 9.73 44.04
CA LEU A 259 -26.41 8.62 43.99
C LEU A 259 -26.93 8.49 42.57
N GLY A 260 -27.23 7.27 42.15
CA GLY A 260 -27.65 7.03 40.77
C GLY A 260 -28.70 5.94 40.62
N PRO A 261 -29.37 5.91 39.44
CA PRO A 261 -30.40 4.92 39.21
C PRO A 261 -29.80 3.57 38.87
N LEU A 262 -30.63 2.53 38.91
CA LEU A 262 -30.24 1.20 38.49
C LEU A 262 -30.96 0.76 37.20
N LEU A 263 -31.97 1.52 36.78
CA LEU A 263 -32.59 1.33 35.47
C LEU A 263 -32.60 2.66 34.74
N TYR A 264 -32.39 2.63 33.43
CA TYR A 264 -32.30 3.84 32.61
C TYR A 264 -32.69 3.55 31.15
N GLY A 265 -32.70 4.60 30.34
CA GLY A 265 -33.14 4.49 28.94
C GLY A 265 -34.65 4.62 28.84
N SER A 266 -35.27 3.65 28.18
CA SER A 266 -36.72 3.64 28.01
C SER A 266 -37.38 3.01 29.24
N ARG A 267 -38.42 3.66 29.74
CA ARG A 267 -39.16 3.14 30.89
C ARG A 267 -39.90 1.85 30.57
N LEU A 268 -40.12 1.61 29.28
CA LEU A 268 -40.90 0.48 28.79
C LEU A 268 -40.03 -0.78 28.61
N ASP A 269 -38.75 -0.57 28.30
CA ASP A 269 -37.80 -1.66 28.03
C ASP A 269 -36.40 -1.22 28.48
N PRO A 270 -36.16 -1.22 29.79
CA PRO A 270 -35.04 -0.45 30.33
C PRO A 270 -33.68 -1.14 30.35
N TYR A 271 -32.63 -0.34 30.20
CA TYR A 271 -31.28 -0.79 30.49
C TYR A 271 -31.11 -0.92 32.01
N MET A 272 -30.20 -1.78 32.45
CA MET A 272 -29.86 -1.85 33.88
C MET A 272 -28.36 -1.85 34.11
N ARG A 273 -27.97 -1.43 35.31
CA ARG A 273 -26.60 -1.60 35.81
C ARG A 273 -26.60 -2.13 37.26
N LEU A 274 -26.53 -3.45 37.38
CA LEU A 274 -26.71 -4.13 38.65
C LEU A 274 -25.51 -5.00 38.99
N ASP A 275 -24.75 -4.56 40.00
CA ASP A 275 -23.78 -5.44 40.67
C ASP A 275 -24.08 -5.41 42.16
N PRO A 276 -24.78 -6.45 42.65
CA PRO A 276 -25.17 -6.57 44.05
C PRO A 276 -24.04 -6.31 45.05
N TYR A 277 -22.85 -6.78 44.77
CA TYR A 277 -21.73 -6.67 45.72
C TYR A 277 -21.28 -5.23 45.99
N PHE A 278 -21.41 -4.35 45.00
CA PHE A 278 -20.95 -2.96 45.13
C PHE A 278 -22.09 -1.93 45.22
N THR A 279 -23.33 -2.40 45.26
CA THR A 279 -24.50 -1.51 45.35
C THR A 279 -24.88 -1.27 46.82
N SER A 280 -25.10 -0.01 47.17
CA SER A 280 -25.54 0.34 48.51
C SER A 280 -26.88 1.04 48.45
N VAL A 281 -27.85 0.47 49.15
CA VAL A 281 -29.15 1.12 49.32
C VAL A 281 -29.14 1.93 50.63
N PRO A 282 -29.30 3.26 50.54
CA PRO A 282 -29.34 4.12 51.73
C PRO A 282 -30.38 3.64 52.74
N GLN A 283 -30.00 3.56 54.01
CA GLN A 283 -30.81 2.92 55.04
C GLN A 283 -32.19 3.55 55.21
N ASP A 284 -32.26 4.87 55.18
CA ASP A 284 -33.49 5.62 55.42
C ASP A 284 -34.51 5.49 54.28
N ASP A 285 -34.03 5.19 53.07
CA ASP A 285 -34.90 5.07 51.89
C ASP A 285 -35.57 3.70 51.82
N THR A 286 -36.73 3.60 52.45
CA THR A 286 -37.52 2.37 52.50
C THR A 286 -38.04 1.97 51.12
N ASP A 287 -38.30 2.96 50.28
CA ASP A 287 -38.79 2.73 48.91
C ASP A 287 -37.69 2.14 48.01
N ALA A 288 -36.47 2.65 48.16
CA ALA A 288 -35.35 2.19 47.36
C ALA A 288 -35.03 0.75 47.69
N ARG A 289 -35.08 0.40 48.98
CA ARG A 289 -34.74 -0.95 49.42
C ARG A 289 -35.77 -1.98 48.99
N ARG A 290 -37.05 -1.61 49.05
CA ARG A 290 -38.12 -2.50 48.64
C ARG A 290 -38.00 -2.82 47.15
N ALA A 291 -37.73 -1.78 46.36
CA ALA A 291 -37.59 -1.92 44.90
C ALA A 291 -36.34 -2.73 44.51
N TYR A 292 -35.22 -2.44 45.15
CA TYR A 292 -33.99 -3.20 44.92
C TYR A 292 -34.15 -4.70 45.19
N ASP A 293 -34.83 -5.03 46.28
CA ASP A 293 -35.09 -6.42 46.65
C ASP A 293 -35.95 -7.13 45.62
N ALA A 294 -36.89 -6.39 45.05
CA ALA A 294 -37.74 -6.92 43.98
C ALA A 294 -36.94 -7.08 42.69
N LEU A 295 -36.16 -6.05 42.34
CA LEU A 295 -35.26 -6.13 41.18
C LEU A 295 -34.26 -7.27 41.32
N PHE A 296 -33.70 -7.45 42.50
CA PHE A 296 -32.75 -8.52 42.76
C PHE A 296 -33.39 -9.88 42.59
N LYS A 297 -34.56 -10.08 43.20
CA LYS A 297 -35.27 -11.38 43.13
C LYS A 297 -35.64 -11.77 41.69
N VAL A 298 -36.12 -10.79 40.92
CA VAL A 298 -36.49 -11.03 39.53
C VAL A 298 -35.28 -11.48 38.70
N VAL A 299 -34.16 -10.79 38.88
CA VAL A 299 -32.95 -11.09 38.10
C VAL A 299 -32.30 -12.41 38.54
N ASP A 300 -32.25 -12.67 39.84
CA ASP A 300 -31.65 -13.89 40.38
C ASP A 300 -32.37 -15.15 39.88
N SER A 301 -33.70 -15.11 39.91
CA SER A 301 -34.51 -16.25 39.48
C SER A 301 -34.57 -16.36 37.95
N GLY A 302 -34.26 -15.27 37.26
CA GLY A 302 -34.20 -15.25 35.80
C GLY A 302 -32.89 -15.77 35.22
N MET A 303 -31.87 -15.90 36.07
CA MET A 303 -30.53 -16.33 35.65
C MET A 303 -30.59 -17.62 34.83
N ARG A 304 -29.80 -17.65 33.77
CA ARG A 304 -29.71 -18.82 32.90
C ARG A 304 -28.27 -19.30 32.81
N GLU A 305 -28.10 -20.61 32.69
CA GLU A 305 -26.81 -21.20 32.39
C GLU A 305 -26.64 -21.27 30.88
N VAL A 306 -25.61 -20.61 30.36
CA VAL A 306 -25.30 -20.69 28.93
C VAL A 306 -23.91 -21.31 28.82
N VAL A 307 -23.85 -22.48 28.19
CA VAL A 307 -22.58 -23.17 28.02
C VAL A 307 -21.93 -22.70 26.73
N ALA A 308 -20.81 -21.99 26.87
CA ALA A 308 -20.00 -21.64 25.71
C ALA A 308 -19.06 -22.79 25.53
N ASP A 309 -19.35 -23.66 24.58
CA ASP A 309 -18.49 -24.78 24.27
C ASP A 309 -17.43 -24.38 23.24
N GLN A 310 -16.49 -25.28 22.99
CA GLN A 310 -15.49 -25.10 21.95
C GLN A 310 -16.12 -24.59 20.66
N GLY A 311 -15.68 -23.44 20.18
CA GLY A 311 -16.19 -22.88 18.92
C GLY A 311 -17.45 -22.02 19.08
N ASP A 312 -17.83 -21.73 20.31
CA ASP A 312 -18.91 -20.81 20.56
C ASP A 312 -18.36 -19.45 20.93
N VAL A 313 -19.01 -18.43 20.42
CA VAL A 313 -18.71 -17.07 20.81
C VAL A 313 -19.99 -16.49 21.35
N LEU A 314 -19.93 -16.15 22.62
CA LEU A 314 -21.03 -15.57 23.36
C LEU A 314 -20.89 -14.05 23.41
N PHE A 315 -21.95 -13.37 22.97
CA PHE A 315 -22.03 -11.92 23.03
C PHE A 315 -22.97 -11.52 24.15
N ILE A 316 -22.53 -10.61 25.02
CA ILE A 316 -23.34 -10.14 26.12
C ILE A 316 -23.52 -8.63 26.01
N ASP A 317 -24.76 -8.15 26.12
CA ASP A 317 -25.05 -6.72 26.18
C ASP A 317 -24.95 -6.29 27.63
N ASN A 318 -23.97 -5.44 27.94
CA ASN A 318 -23.71 -5.07 29.32
C ASN A 318 -24.76 -4.14 29.90
N HIS A 319 -25.61 -3.58 29.05
CA HIS A 319 -26.71 -2.72 29.49
C HIS A 319 -28.03 -3.48 29.65
N ARG A 320 -28.06 -4.75 29.25
CA ARG A 320 -29.30 -5.56 29.28
C ARG A 320 -29.15 -6.94 29.92
N ALA A 321 -27.92 -7.37 30.18
CA ALA A 321 -27.69 -8.65 30.81
C ALA A 321 -26.64 -8.52 31.89
N VAL A 322 -26.77 -9.37 32.90
CA VAL A 322 -25.68 -9.61 33.85
C VAL A 322 -25.08 -10.97 33.52
N HIS A 323 -23.93 -11.26 34.12
CA HIS A 323 -23.21 -12.48 33.84
C HIS A 323 -22.36 -12.89 35.03
N GLY A 324 -22.13 -14.19 35.14
CA GLY A 324 -21.24 -14.76 36.15
C GLY A 324 -20.68 -16.08 35.65
N ARG A 325 -20.00 -16.80 36.52
CA ARG A 325 -19.50 -18.14 36.19
C ARG A 325 -19.57 -19.07 37.39
N LEU A 326 -19.99 -20.31 37.14
CA LEU A 326 -20.08 -21.31 38.19
C LEU A 326 -18.68 -21.86 38.54
N PRO A 327 -18.50 -22.33 39.78
CA PRO A 327 -17.21 -22.90 40.18
C PRO A 327 -16.95 -24.23 39.49
N PHE A 328 -15.68 -24.51 39.21
CA PHE A 328 -15.28 -25.78 38.62
C PHE A 328 -13.90 -26.22 39.13
N GLN A 329 -13.62 -27.52 38.99
CA GLN A 329 -12.33 -28.06 39.41
C GLN A 329 -11.35 -28.05 38.25
N ALA A 330 -10.29 -27.27 38.38
CA ALA A 330 -9.27 -27.17 37.35
C ALA A 330 -8.31 -28.33 37.48
N ARG A 331 -7.50 -28.52 36.44
CA ARG A 331 -6.52 -29.60 36.40
C ARG A 331 -5.06 -29.11 36.26
N TYR A 332 -4.89 -27.87 35.81
CA TYR A 332 -3.55 -27.23 35.67
C TYR A 332 -2.53 -28.11 34.93
N ASP A 333 -2.99 -28.69 33.82
CA ASP A 333 -2.18 -29.64 33.03
C ASP A 333 -2.18 -29.31 31.54
N GLY A 334 -2.78 -28.17 31.18
CA GLY A 334 -2.82 -27.72 29.80
C GLY A 334 -4.04 -28.17 29.02
N THR A 335 -5.01 -28.77 29.72
CA THR A 335 -6.25 -29.25 29.10
C THR A 335 -7.46 -28.48 29.61
N ASP A 336 -7.20 -27.40 30.34
CA ASP A 336 -8.25 -26.67 31.03
C ASP A 336 -9.07 -25.78 30.14
N ARG A 337 -10.27 -25.48 30.62
CA ARG A 337 -11.17 -24.51 30.01
C ARG A 337 -10.40 -23.23 29.64
N TRP A 338 -10.69 -22.70 28.45
CA TRP A 338 -9.99 -21.52 27.97
C TRP A 338 -10.93 -20.67 27.13
N LEU A 339 -11.32 -19.51 27.67
CA LEU A 339 -12.03 -18.49 26.88
C LEU A 339 -11.14 -17.27 26.62
N LYS A 340 -11.43 -16.54 25.53
CA LYS A 340 -10.84 -15.23 25.28
C LYS A 340 -11.90 -14.18 25.48
N ARG A 341 -11.47 -13.02 25.97
CA ARG A 341 -12.38 -11.94 26.30
C ARG A 341 -11.95 -10.61 25.68
N VAL A 342 -12.89 -9.96 25.02
CA VAL A 342 -12.74 -8.61 24.44
C VAL A 342 -13.91 -7.76 24.93
N CYS A 343 -13.61 -6.58 25.44
CA CYS A 343 -14.63 -5.61 25.84
C CYS A 343 -14.87 -4.59 24.76
N VAL A 344 -16.13 -4.20 24.58
CA VAL A 344 -16.49 -3.27 23.51
C VAL A 344 -17.11 -1.98 24.03
N THR A 345 -16.63 -0.84 23.52
CA THR A 345 -17.24 0.46 23.75
C THR A 345 -17.96 0.96 22.47
N SER A 346 -19.13 1.56 22.64
CA SER A 346 -19.80 2.19 21.50
C SER A 346 -19.30 3.61 21.24
N ASP A 347 -18.40 4.10 22.10
CA ASP A 347 -17.83 5.44 21.92
C ASP A 347 -16.48 5.62 22.64
N LEU A 348 -15.42 5.29 21.93
CA LEU A 348 -14.05 5.37 22.44
C LEU A 348 -13.68 6.75 22.98
N ARG A 349 -14.17 7.79 22.32
CA ARG A 349 -13.82 9.16 22.66
C ARG A 349 -14.48 9.66 23.94
N ARG A 350 -15.57 9.03 24.35
CA ARG A 350 -16.24 9.39 25.60
C ARG A 350 -15.34 9.22 26.84
N SER A 351 -14.35 8.33 26.74
CA SER A 351 -13.43 8.06 27.85
C SER A 351 -12.05 8.69 27.72
N ARG A 352 -11.91 9.68 26.84
CA ARG A 352 -10.59 10.28 26.53
C ARG A 352 -9.82 10.75 27.77
N GLU A 353 -10.51 11.40 28.69
CA GLU A 353 -9.88 11.89 29.92
C GLU A 353 -9.16 10.80 30.73
N MET A 354 -9.61 9.55 30.62
CA MET A 354 -8.99 8.42 31.34
C MET A 354 -7.97 7.65 30.52
N ARG A 355 -7.66 8.17 29.34
CA ARG A 355 -6.69 7.56 28.45
C ARG A 355 -5.47 8.48 28.23
N ALA A 356 -4.28 7.89 28.26
CA ALA A 356 -3.02 8.63 28.17
C ALA A 356 -2.91 9.49 26.90
N THR A 357 -3.27 8.90 25.77
CA THR A 357 -3.25 9.54 24.46
C THR A 357 -4.59 9.33 23.76
N SER A 358 -4.75 9.93 22.59
CA SER A 358 -5.95 9.72 21.78
C SER A 358 -5.92 8.36 21.10
N ALA A 359 -4.74 7.96 20.65
CA ALA A 359 -4.55 6.67 19.97
C ALA A 359 -4.75 5.47 20.91
N THR A 360 -4.27 5.56 22.15
CA THR A 360 -4.34 4.42 23.07
C THR A 360 -5.78 4.04 23.41
N ARG A 361 -6.00 2.75 23.58
CA ARG A 361 -7.34 2.18 23.81
C ARG A 361 -7.47 1.70 25.24
N LEU A 362 -6.53 2.05 26.07
CA LEU A 362 -6.48 1.54 27.44
C LEU A 362 -6.83 2.63 28.43
N LEU A 363 -7.90 2.41 29.18
CA LEU A 363 -8.26 3.30 30.28
C LEU A 363 -7.36 3.02 31.45
N GLY A 364 -6.88 4.08 32.11
CA GLY A 364 -6.06 3.94 33.33
C GLY A 364 -4.58 4.24 33.13
N THR B 29 -4.14 20.30 7.74
CA THR B 29 -5.43 19.52 7.69
C THR B 29 -5.44 18.54 6.51
N PRO B 30 -5.04 17.28 6.77
CA PRO B 30 -5.09 16.21 5.78
C PRO B 30 -6.42 16.12 5.01
N SER B 31 -6.31 15.92 3.70
CA SER B 31 -7.48 15.68 2.84
C SER B 31 -7.19 14.51 1.91
N TYR B 32 -8.22 14.07 1.21
CA TYR B 32 -8.09 12.95 0.29
C TYR B 32 -8.66 13.34 -1.05
N SER B 33 -7.82 13.27 -2.08
CA SER B 33 -8.23 13.57 -3.44
C SER B 33 -8.45 12.26 -4.19
N LEU B 34 -9.69 11.99 -4.57
CA LEU B 34 -10.01 10.78 -5.31
C LEU B 34 -9.38 10.81 -6.71
N THR B 35 -8.89 9.65 -7.15
CA THR B 35 -8.52 9.44 -8.53
C THR B 35 -9.80 9.31 -9.32
N PRO B 36 -9.74 9.45 -10.67
CA PRO B 36 -10.96 9.25 -11.44
C PRO B 36 -11.55 7.84 -11.30
N ALA B 37 -10.68 6.85 -11.12
CA ALA B 37 -11.13 5.46 -10.93
C ALA B 37 -11.88 5.30 -9.63
N GLU B 38 -11.35 5.89 -8.57
CA GLU B 38 -12.04 5.92 -7.29
C GLU B 38 -13.36 6.62 -7.46
N ALA B 39 -13.32 7.81 -8.05
CA ALA B 39 -14.52 8.60 -8.29
C ALA B 39 -15.62 7.82 -9.07
N SER B 40 -15.20 7.06 -10.08
CA SER B 40 -16.12 6.27 -10.91
C SER B 40 -16.72 5.11 -10.13
N ALA B 41 -15.88 4.45 -9.33
CA ALA B 41 -16.30 3.35 -8.47
C ALA B 41 -17.35 3.81 -7.48
N VAL B 42 -17.09 4.96 -6.86
CA VAL B 42 -17.99 5.53 -5.88
C VAL B 42 -19.31 5.83 -6.56
N ALA B 43 -19.25 6.53 -7.69
CA ALA B 43 -20.46 6.88 -8.45
C ALA B 43 -21.28 5.63 -8.80
N GLU B 44 -20.63 4.63 -9.38
CA GLU B 44 -21.31 3.38 -9.78
C GLU B 44 -22.05 2.74 -8.61
N LEU B 45 -21.33 2.56 -7.50
CA LEU B 45 -21.85 1.96 -6.28
C LEU B 45 -23.06 2.76 -5.79
N THR B 46 -22.85 4.06 -5.73
CA THR B 46 -23.86 5.05 -5.39
C THR B 46 -25.16 4.86 -6.19
N LEU B 47 -25.04 4.62 -7.49
CA LEU B 47 -26.21 4.45 -8.38
C LEU B 47 -26.84 3.07 -8.29
N GLU B 48 -26.03 2.04 -8.07
CA GLU B 48 -26.52 0.67 -7.89
C GLU B 48 -27.43 0.58 -6.67
N LEU B 49 -26.95 1.11 -5.55
CA LEU B 49 -27.71 1.14 -4.30
C LEU B 49 -28.99 1.98 -4.43
N ALA B 50 -28.89 3.10 -5.15
CA ALA B 50 -30.05 3.99 -5.40
C ALA B 50 -31.20 3.30 -6.13
N ALA B 51 -30.88 2.23 -6.85
CA ALA B 51 -31.89 1.43 -7.55
C ALA B 51 -32.33 0.25 -6.68
N ALA B 52 -31.38 -0.29 -5.91
CA ALA B 52 -31.63 -1.48 -5.07
C ALA B 52 -32.53 -1.18 -3.86
N TYR B 53 -32.35 -0.01 -3.26
CA TYR B 53 -33.12 0.38 -2.08
C TYR B 53 -34.09 1.53 -2.42
N GLY B 54 -35.24 1.57 -1.73
CA GLY B 54 -36.29 2.52 -2.05
C GLY B 54 -36.03 3.94 -1.53
N SER B 55 -35.65 4.03 -0.26
CA SER B 55 -35.44 5.31 0.42
C SER B 55 -34.66 5.06 1.73
N PHE B 56 -34.47 6.12 2.52
CA PHE B 56 -33.93 5.93 3.89
C PHE B 56 -35.00 5.31 4.78
N GLY B 57 -36.25 5.46 4.36
CA GLY B 57 -37.38 4.80 5.01
C GLY B 57 -37.38 3.30 4.82
N ASP B 58 -36.26 2.77 4.33
CA ASP B 58 -36.05 1.34 4.21
C ASP B 58 -35.18 0.86 5.37
N PRO B 59 -35.75 0.07 6.29
CA PRO B 59 -35.00 -0.37 7.47
C PRO B 59 -33.85 -1.32 7.13
N VAL B 60 -33.97 -2.02 6.00
CA VAL B 60 -32.92 -2.95 5.56
C VAL B 60 -31.69 -2.20 5.02
N LEU B 61 -31.91 -1.03 4.42
CA LEU B 61 -30.82 -0.14 4.01
C LEU B 61 -30.01 0.30 5.23
N LEU B 62 -30.72 0.86 6.21
CA LEU B 62 -30.11 1.28 7.47
C LEU B 62 -29.36 0.12 8.13
N ARG B 63 -29.93 -1.08 8.05
CA ARG B 63 -29.30 -2.29 8.56
C ARG B 63 -28.00 -2.59 7.82
N ASP B 64 -28.03 -2.47 6.49
CA ASP B 64 -26.92 -2.90 5.63
C ASP B 64 -25.81 -1.86 5.48
N LEU B 65 -26.08 -0.65 5.92
CA LEU B 65 -25.21 0.51 5.71
C LEU B 65 -23.68 0.29 5.94
N PRO B 66 -23.28 -0.28 7.11
CA PRO B 66 -21.84 -0.46 7.30
C PRO B 66 -21.24 -1.52 6.38
N ARG B 67 -22.04 -2.55 6.06
CA ARG B 67 -21.61 -3.56 5.09
C ARG B 67 -21.47 -2.94 3.70
N LEU B 68 -22.45 -2.13 3.35
CA LEU B 68 -22.47 -1.41 2.09
C LEU B 68 -21.29 -0.42 1.98
N ALA B 69 -20.96 0.24 3.08
CA ALA B 69 -19.83 1.18 3.12
C ALA B 69 -18.47 0.52 2.86
N ALA B 70 -18.42 -0.81 3.03
CA ALA B 70 -17.20 -1.58 2.84
C ALA B 70 -16.87 -1.78 1.37
N ARG B 71 -17.85 -1.52 0.50
CA ARG B 71 -17.64 -1.68 -0.92
C ARG B 71 -17.02 -0.41 -1.53
N LEU B 72 -16.98 0.67 -0.77
CA LEU B 72 -16.33 1.90 -1.22
C LEU B 72 -14.84 1.64 -1.42
N PRO B 73 -14.15 2.47 -2.22
CA PRO B 73 -12.71 2.27 -2.40
C PRO B 73 -12.01 2.14 -1.07
N GLU B 74 -11.15 1.15 -0.96
CA GLU B 74 -10.48 0.85 0.31
C GLU B 74 -9.67 2.04 0.83
N GLY B 75 -9.06 2.79 -0.06
CA GLY B 75 -8.25 3.96 0.34
C GLY B 75 -9.07 5.05 0.99
N VAL B 76 -10.35 5.14 0.61
CA VAL B 76 -11.28 6.10 1.18
C VAL B 76 -11.60 5.70 2.62
N GLN B 77 -12.03 4.45 2.78
CA GLN B 77 -12.32 3.84 4.08
C GLN B 77 -11.13 3.99 5.02
N ASP B 78 -9.95 3.65 4.52
CA ASP B 78 -8.76 3.74 5.35
C ASP B 78 -8.56 5.18 5.81
N PHE B 79 -8.76 6.14 4.90
CA PHE B 79 -8.58 7.57 5.22
C PHE B 79 -9.51 8.08 6.32
N LEU B 80 -10.81 7.92 6.12
CA LEU B 80 -11.82 8.24 7.13
C LEU B 80 -11.55 7.60 8.49
N ARG B 81 -11.20 6.33 8.48
CA ARG B 81 -10.90 5.60 9.72
C ARG B 81 -9.70 6.20 10.44
N GLU B 82 -8.66 6.55 9.69
CA GLU B 82 -7.50 7.26 10.28
C GLU B 82 -7.91 8.60 10.88
N PHE B 83 -8.86 9.28 10.25
CA PHE B 83 -9.35 10.55 10.78
C PHE B 83 -10.08 10.37 12.10
N LYS B 84 -10.93 9.35 12.16
CA LYS B 84 -11.72 9.06 13.37
C LYS B 84 -10.82 8.71 14.55
N LEU B 85 -9.88 7.79 14.34
CA LEU B 85 -9.05 7.25 15.43
C LEU B 85 -7.93 8.17 15.84
N ALA B 86 -7.44 8.99 14.92
CA ALA B 86 -6.38 9.95 15.24
C ALA B 86 -6.86 10.97 16.28
N ASP B 87 -8.14 11.30 16.23
CA ASP B 87 -8.73 12.27 17.15
C ASP B 87 -7.81 13.50 17.28
N ARG B 88 -7.37 14.02 16.13
CA ARG B 88 -6.39 15.13 16.09
C ARG B 88 -6.88 16.38 15.37
N HIS B 89 -7.64 16.22 14.29
CA HIS B 89 -8.07 17.35 13.48
C HIS B 89 -9.57 17.56 13.57
N GLY B 90 -9.98 18.81 13.51
CA GLY B 90 -11.38 19.20 13.64
C GLY B 90 -12.22 18.99 12.40
N HIS B 91 -11.57 18.90 11.26
CA HIS B 91 -12.25 18.60 10.01
C HIS B 91 -11.33 17.90 9.03
N THR B 92 -11.95 17.29 8.02
CA THR B 92 -11.22 16.79 6.86
C THR B 92 -12.16 16.83 5.65
N VAL B 93 -11.58 16.74 4.45
CA VAL B 93 -12.33 16.79 3.20
C VAL B 93 -11.97 15.62 2.29
N ILE B 94 -12.98 14.92 1.78
CA ILE B 94 -12.77 14.01 0.66
C ILE B 94 -13.19 14.73 -0.63
N ARG B 95 -12.23 14.92 -1.53
CA ARG B 95 -12.43 15.76 -2.72
C ARG B 95 -12.42 14.95 -4.02
N GLY B 96 -13.22 15.41 -4.98
CA GLY B 96 -13.18 14.88 -6.34
C GLY B 96 -14.21 13.81 -6.67
N HIS B 97 -15.27 13.71 -5.88
CA HIS B 97 -16.40 12.86 -6.22
C HIS B 97 -17.00 13.36 -7.52
N ASP B 98 -17.47 12.43 -8.34
CA ASP B 98 -18.19 12.75 -9.56
C ASP B 98 -19.65 12.90 -9.18
N PHE B 99 -20.12 14.14 -9.16
CA PHE B 99 -21.56 14.45 -8.95
C PHE B 99 -22.21 14.95 -10.24
N ASP B 100 -23.00 14.07 -10.85
CA ASP B 100 -23.61 14.31 -12.16
C ASP B 100 -24.67 15.42 -12.10
N GLN B 101 -24.31 16.59 -12.61
CA GLN B 101 -25.18 17.77 -12.51
C GLN B 101 -26.51 17.60 -13.24
N ARG B 102 -26.51 16.99 -14.42
CA ARG B 102 -27.75 16.77 -15.17
C ARG B 102 -28.76 15.96 -14.34
N ARG B 103 -28.30 14.82 -13.83
CA ARG B 103 -29.13 13.91 -13.02
C ARG B 103 -29.58 14.54 -11.71
N ILE B 104 -28.68 15.27 -11.05
CA ILE B 104 -29.01 15.92 -9.77
C ILE B 104 -30.12 16.95 -10.03
N GLY B 105 -29.95 17.71 -11.11
CA GLY B 105 -30.97 18.65 -11.54
C GLY B 105 -30.92 19.99 -10.83
N PRO B 106 -32.02 20.75 -10.89
CA PRO B 106 -32.03 22.10 -10.35
C PRO B 106 -32.13 22.14 -8.82
N THR B 107 -31.40 23.09 -8.23
CA THR B 107 -31.52 23.41 -6.82
C THR B 107 -32.97 23.82 -6.54
N PRO B 108 -33.67 23.07 -5.67
CA PRO B 108 -35.10 23.31 -5.43
C PRO B 108 -35.40 24.65 -4.74
N ASP B 109 -36.68 24.99 -4.70
CA ASP B 109 -37.15 26.19 -4.01
C ASP B 109 -37.15 25.99 -2.49
N HIS B 110 -37.71 24.86 -2.05
CA HIS B 110 -37.83 24.56 -0.62
C HIS B 110 -37.76 23.05 -0.36
N TRP B 111 -37.47 22.69 0.89
CA TRP B 111 -37.47 21.28 1.31
C TRP B 111 -38.86 20.75 1.68
N ARG B 112 -39.74 21.65 2.11
CA ARG B 112 -41.05 21.27 2.65
C ARG B 112 -41.98 20.74 1.56
N GLY B 113 -42.65 19.63 1.86
CA GLY B 113 -43.61 19.00 0.95
C GLY B 113 -42.99 18.26 -0.23
N ARG B 114 -41.69 18.52 -0.47
CA ARG B 114 -40.94 17.89 -1.55
C ARG B 114 -40.84 16.38 -1.34
N VAL B 115 -41.15 15.63 -2.39
CA VAL B 115 -41.20 14.16 -2.30
C VAL B 115 -39.80 13.54 -2.20
N ARG B 116 -39.70 12.49 -1.40
CA ARG B 116 -38.42 11.82 -1.16
C ARG B 116 -38.45 10.35 -1.59
N PRO B 117 -37.35 9.87 -2.19
CA PRO B 117 -36.20 10.68 -2.53
C PRO B 117 -36.30 11.26 -3.94
N GLY B 118 -35.49 12.27 -4.22
CA GLY B 118 -35.41 12.86 -5.55
C GLY B 118 -34.40 12.13 -6.42
N PRO B 119 -33.93 12.77 -7.50
CA PRO B 119 -32.91 12.19 -8.35
C PRO B 119 -31.50 12.41 -7.82
N GLU B 120 -31.38 13.18 -6.73
CA GLU B 120 -30.09 13.39 -6.05
C GLU B 120 -29.85 12.30 -4.99
N PHE B 121 -30.77 11.33 -4.93
CA PHE B 121 -30.71 10.20 -4.00
C PHE B 121 -29.35 9.49 -3.94
N PRO B 122 -28.68 9.30 -5.09
CA PRO B 122 -27.36 8.70 -5.08
C PRO B 122 -26.37 9.37 -4.13
N GLU B 123 -26.37 10.70 -4.10
CA GLU B 123 -25.40 11.46 -3.32
C GLU B 123 -25.75 11.42 -1.84
N GLU B 124 -27.05 11.42 -1.55
CA GLU B 124 -27.54 11.28 -0.17
C GLU B 124 -27.04 9.98 0.42
N LEU B 125 -27.16 8.91 -0.36
CA LEU B 125 -26.65 7.58 0.03
C LEU B 125 -25.14 7.55 0.28
N LEU B 126 -24.36 8.27 -0.52
CA LEU B 126 -22.92 8.34 -0.31
C LEU B 126 -22.64 8.84 1.10
N LEU B 127 -23.28 9.95 1.45
CA LEU B 127 -23.10 10.55 2.77
C LEU B 127 -23.56 9.60 3.88
N MET B 128 -24.65 8.86 3.65
CA MET B 128 -25.13 7.85 4.61
C MET B 128 -24.09 6.75 4.81
N LEU B 129 -23.45 6.34 3.72
CA LEU B 129 -22.41 5.32 3.81
C LEU B 129 -21.28 5.86 4.69
N TYR B 130 -20.87 7.10 4.44
CA TYR B 130 -19.76 7.72 5.18
C TYR B 130 -20.06 7.79 6.68
N SER B 131 -21.33 8.02 7.00
CA SER B 131 -21.77 8.12 8.39
C SER B 131 -21.71 6.75 9.07
N ALA B 132 -21.91 5.69 8.29
CA ALA B 132 -21.81 4.33 8.83
C ALA B 132 -20.36 3.99 9.13
N LEU B 133 -19.44 4.59 8.38
CA LEU B 133 -18.02 4.43 8.64
C LEU B 133 -17.60 5.19 9.91
N LEU B 134 -18.31 6.27 10.27
CA LEU B 134 -17.96 7.06 11.46
C LEU B 134 -18.75 6.70 12.71
N GLY B 135 -19.98 6.22 12.53
CA GLY B 135 -20.81 5.80 13.62
C GLY B 135 -22.20 5.44 13.12
N GLU B 136 -23.18 6.27 13.43
CA GLU B 136 -24.56 6.00 13.07
C GLU B 136 -25.28 7.28 12.72
N PRO B 137 -25.93 7.31 11.56
CA PRO B 137 -26.72 8.48 11.20
C PRO B 137 -27.93 8.60 12.10
N PHE B 138 -28.15 9.80 12.60
CA PHE B 138 -29.33 10.13 13.37
C PHE B 138 -29.83 11.50 12.94
N GLY B 139 -31.03 11.85 13.42
CA GLY B 139 -31.64 13.12 13.08
C GLY B 139 -32.56 13.62 14.16
N TRP B 140 -33.27 14.69 13.83
CA TRP B 140 -34.19 15.34 14.77
C TRP B 140 -35.60 15.35 14.20
N ALA B 141 -36.53 14.71 14.91
CA ALA B 141 -37.93 14.59 14.47
C ALA B 141 -38.59 15.92 14.12
N THR B 142 -38.19 16.99 14.81
CA THR B 142 -38.71 18.33 14.54
C THR B 142 -38.16 18.89 13.23
N GLN B 143 -36.84 18.87 13.09
CA GLN B 143 -36.17 19.46 11.94
C GLN B 143 -36.51 18.76 10.61
N GLN B 144 -36.65 19.57 9.55
CA GLN B 144 -36.88 19.13 8.16
C GLN B 144 -37.66 17.82 7.96
N ASP B 145 -38.88 17.79 8.49
CA ASP B 145 -39.79 16.63 8.38
C ASP B 145 -39.22 15.31 8.91
N GLY B 146 -38.16 15.39 9.70
CA GLY B 146 -37.52 14.19 10.27
C GLY B 146 -36.80 13.33 9.25
N HIS B 147 -36.12 13.97 8.31
CA HIS B 147 -35.36 13.26 7.28
C HIS B 147 -33.94 13.06 7.77
N LEU B 148 -33.35 11.94 7.42
CA LEU B 148 -31.99 11.62 7.86
C LEU B 148 -30.93 12.40 7.07
N VAL B 149 -31.27 12.82 5.85
CA VAL B 149 -30.40 13.74 5.11
C VAL B 149 -31.04 15.12 5.02
N HIS B 150 -30.28 16.15 5.38
CA HIS B 150 -30.79 17.52 5.43
C HIS B 150 -30.36 18.33 4.22
N ASP B 151 -31.25 19.21 3.78
CA ASP B 151 -30.98 20.11 2.67
C ASP B 151 -30.47 21.45 3.16
N ILE B 152 -29.51 22.02 2.43
CA ILE B 152 -28.98 23.34 2.76
C ILE B 152 -28.79 24.11 1.47
N PHE B 153 -29.77 24.98 1.18
CA PHE B 153 -29.74 25.83 0.00
C PHE B 153 -30.51 27.13 0.25
N PRO B 154 -30.19 28.20 -0.52
CA PRO B 154 -30.84 29.49 -0.33
C PRO B 154 -32.34 29.42 -0.49
N ILE B 155 -33.05 30.02 0.46
CA ILE B 155 -34.50 30.06 0.43
C ILE B 155 -34.97 31.53 0.43
N ARG B 156 -35.80 31.87 -0.55
CA ARG B 156 -36.41 33.20 -0.64
C ARG B 156 -37.44 33.42 0.47
N SER B 157 -38.17 32.35 0.83
CA SER B 157 -39.16 32.37 1.92
C SER B 157 -38.56 32.63 3.31
N HIS B 158 -37.40 32.04 3.58
CA HIS B 158 -36.69 32.21 4.86
C HIS B 158 -35.53 33.20 4.71
N GLU B 159 -35.80 34.31 4.04
CA GLU B 159 -34.81 35.36 3.80
C GLU B 159 -35.09 36.55 4.73
N LYS B 168 -27.60 43.71 7.55
CA LYS B 168 -26.39 43.57 8.36
C LYS B 168 -26.32 42.17 8.96
N GLN B 169 -25.60 41.27 8.27
CA GLN B 169 -25.42 39.89 8.69
C GLN B 169 -24.20 39.71 9.60
N LEU B 170 -24.43 39.27 10.82
CA LEU B 170 -23.35 38.92 11.74
C LEU B 170 -22.74 37.57 11.36
N LEU B 171 -21.47 37.41 11.68
CA LEU B 171 -20.74 36.19 11.36
C LEU B 171 -20.53 35.36 12.63
N THR B 172 -21.38 34.34 12.80
CA THR B 172 -21.41 33.51 14.01
C THR B 172 -20.95 32.07 13.78
N TRP B 173 -20.27 31.52 14.78
CA TRP B 173 -19.85 30.11 14.77
C TRP B 173 -20.26 29.39 16.04
N HIS B 174 -20.51 28.09 15.90
CA HIS B 174 -20.92 27.28 17.03
C HIS B 174 -20.47 25.82 17.00
N THR B 175 -20.52 25.22 18.17
CA THR B 175 -20.64 23.79 18.29
C THR B 175 -22.10 23.48 17.99
N GLU B 176 -22.34 22.41 17.26
CA GLU B 176 -23.70 22.01 16.93
C GLU B 176 -24.38 21.51 18.17
N ASP B 177 -25.55 22.06 18.47
CA ASP B 177 -26.37 21.68 19.62
C ASP B 177 -25.55 21.58 20.91
N ALA B 178 -24.70 22.57 21.13
CA ALA B 178 -23.75 22.57 22.26
C ALA B 178 -24.39 22.15 23.58
N PHE B 179 -25.63 22.57 23.80
CA PHE B 179 -26.40 22.27 25.00
C PHE B 179 -26.70 20.78 25.17
N HIS B 180 -27.11 20.15 24.07
CA HIS B 180 -27.62 18.79 24.10
C HIS B 180 -26.54 17.78 24.48
N PRO B 181 -26.87 16.84 25.40
CA PRO B 181 -25.94 15.77 25.78
C PRO B 181 -25.82 14.70 24.68
N TYR B 182 -26.86 14.61 23.85
CA TYR B 182 -26.90 13.68 22.71
C TYR B 182 -26.67 14.40 21.37
N ARG B 183 -25.93 15.50 21.41
CA ARG B 183 -25.56 16.24 20.21
C ARG B 183 -24.71 15.39 19.27
N SER B 184 -24.54 15.87 18.05
CA SER B 184 -23.76 15.17 17.04
C SER B 184 -22.32 15.02 17.48
N ASP B 185 -21.72 13.89 17.10
CA ASP B 185 -20.29 13.67 17.27
C ASP B 185 -19.55 14.12 16.01
N TYR B 186 -20.16 13.88 14.84
CA TYR B 186 -19.64 14.39 13.57
C TYR B 186 -20.75 14.98 12.72
N LEU B 187 -20.34 15.86 11.81
CA LEU B 187 -21.21 16.43 10.78
C LEU B 187 -20.57 16.13 9.44
N ILE B 188 -21.39 15.69 8.49
CA ILE B 188 -20.96 15.39 7.13
C ILE B 188 -21.65 16.36 6.16
N LEU B 189 -20.86 17.10 5.38
CA LEU B 189 -21.38 18.07 4.44
C LEU B 189 -20.93 17.77 3.03
N GLY B 190 -21.85 17.27 2.21
CA GLY B 190 -21.58 16.98 0.81
C GLY B 190 -22.03 18.11 -0.09
N ALA B 191 -21.08 18.74 -0.75
CA ALA B 191 -21.34 19.80 -1.71
C ALA B 191 -21.75 19.27 -3.08
N LEU B 192 -23.06 19.34 -3.37
CA LEU B 192 -23.59 18.98 -4.67
C LEU B 192 -23.22 20.08 -5.68
N ARG B 193 -23.28 21.33 -5.24
CA ARG B 193 -22.76 22.46 -6.01
C ARG B 193 -22.38 23.64 -5.12
N ASN B 194 -21.50 24.50 -5.66
CA ASN B 194 -21.06 25.72 -5.00
C ASN B 194 -20.36 26.64 -6.02
N PRO B 195 -21.12 27.13 -7.02
CA PRO B 195 -20.52 27.83 -8.17
C PRO B 195 -19.59 28.98 -7.79
N ASP B 196 -19.98 29.79 -6.81
CA ASP B 196 -19.18 30.95 -6.40
C ASP B 196 -18.14 30.64 -5.33
N HIS B 197 -18.05 29.39 -4.91
CA HIS B 197 -17.05 28.93 -3.94
C HIS B 197 -17.25 29.56 -2.56
N VAL B 198 -18.50 29.59 -2.12
CA VAL B 198 -18.83 30.16 -0.82
C VAL B 198 -18.34 29.24 0.28
N PRO B 199 -17.36 29.69 1.07
CA PRO B 199 -16.69 28.86 2.07
C PRO B 199 -17.56 28.52 3.28
N THR B 200 -17.03 27.65 4.12
CA THR B 200 -17.58 27.33 5.44
C THR B 200 -16.54 27.75 6.47
N THR B 201 -16.99 28.28 7.61
CA THR B 201 -16.07 28.61 8.70
C THR B 201 -15.94 27.42 9.62
N VAL B 202 -14.71 27.11 9.97
CA VAL B 202 -14.41 26.04 10.92
C VAL B 202 -13.24 26.45 11.81
N GLY B 203 -13.38 26.21 13.10
CA GLY B 203 -12.41 26.66 14.09
C GLY B 203 -12.07 25.61 15.10
N GLU B 204 -10.77 25.48 15.38
CA GLU B 204 -10.23 24.53 16.35
C GLU B 204 -9.70 25.28 17.55
N LEU B 205 -9.21 24.53 18.54
CA LEU B 205 -8.76 25.12 19.82
C LEU B 205 -7.24 25.05 19.92
N ASP B 206 -6.58 26.19 19.89
CA ASP B 206 -5.17 26.29 20.21
C ASP B 206 -5.03 26.51 21.72
N LEU B 207 -4.32 25.61 22.40
CA LEU B 207 -4.12 25.73 23.84
C LEU B 207 -2.89 26.56 24.23
N SER B 208 -1.93 26.68 23.33
CA SER B 208 -0.69 27.41 23.60
C SER B 208 -0.93 28.90 23.92
N SER B 209 -2.14 29.38 23.66
CA SER B 209 -2.52 30.76 23.96
C SER B 209 -3.22 30.90 25.32
N LEU B 210 -3.81 29.81 25.82
CA LEU B 210 -4.53 29.83 27.10
C LEU B 210 -3.66 29.40 28.27
N SER B 211 -3.84 30.08 29.40
CA SER B 211 -3.19 29.74 30.65
C SER B 211 -3.81 28.48 31.25
N ALA B 212 -3.03 27.74 32.04
CA ALA B 212 -3.50 26.50 32.68
C ALA B 212 -4.57 26.76 33.75
N GLU B 213 -4.64 28.00 34.21
CA GLU B 213 -5.65 28.43 35.17
C GLU B 213 -7.02 28.56 34.52
N ASP B 214 -7.06 29.19 33.34
CA ASP B 214 -8.29 29.35 32.55
C ASP B 214 -8.85 28.00 32.13
N ILE B 215 -7.96 27.14 31.65
CA ILE B 215 -8.31 25.78 31.22
C ILE B 215 -9.04 25.08 32.37
N ASP B 216 -8.39 24.99 33.53
CA ASP B 216 -8.95 24.29 34.69
C ASP B 216 -10.33 24.83 35.10
N VAL B 217 -10.56 26.11 34.86
CA VAL B 217 -11.84 26.73 35.17
C VAL B 217 -12.90 26.32 34.15
N LEU B 218 -12.56 26.44 32.86
CA LEU B 218 -13.48 26.04 31.76
C LEU B 218 -13.85 24.55 31.81
N PHE B 219 -12.96 23.75 32.39
CA PHE B 219 -13.24 22.33 32.64
C PHE B 219 -14.31 22.09 33.71
N GLU B 220 -14.54 23.07 34.59
CA GLU B 220 -15.46 22.91 35.71
C GLU B 220 -16.88 23.31 35.34
N PRO B 221 -17.89 22.71 36.00
CA PRO B 221 -19.27 22.86 35.58
C PRO B 221 -19.89 24.17 36.05
N ARG B 222 -19.48 25.26 35.42
CA ARG B 222 -19.84 26.61 35.87
C ARG B 222 -20.48 27.48 34.79
N TYR B 223 -21.04 26.84 33.76
CA TYR B 223 -21.61 27.55 32.61
C TYR B 223 -22.98 27.00 32.21
N HIS B 224 -23.87 27.88 31.75
CA HIS B 224 -25.20 27.48 31.29
C HIS B 224 -25.29 27.61 29.78
N ILE B 225 -25.72 26.52 29.13
CA ILE B 225 -25.94 26.52 27.70
C ILE B 225 -27.43 26.47 27.45
N ALA B 226 -27.96 27.56 26.88
CA ALA B 226 -29.39 27.66 26.61
C ALA B 226 -29.81 26.71 25.49
N PRO B 227 -31.03 26.14 25.60
CA PRO B 227 -31.60 25.27 24.56
C PRO B 227 -31.86 25.97 23.21
N ASP B 228 -32.70 25.35 22.39
CA ASP B 228 -33.06 25.91 21.09
C ASP B 228 -34.52 25.57 20.74
N GLU B 229 -35.22 26.54 20.15
CA GLU B 229 -36.66 26.43 19.87
C GLU B 229 -36.98 25.85 18.48
N SER B 230 -36.00 25.21 17.86
CA SER B 230 -36.16 24.59 16.54
C SER B 230 -37.01 23.32 16.60
N ILE B 250 -46.16 11.81 26.50
CA ILE B 250 -44.99 11.18 27.10
C ILE B 250 -43.67 11.85 26.66
N GLN B 251 -43.76 13.11 26.22
CA GLN B 251 -42.60 13.90 25.76
C GLN B 251 -42.06 14.80 26.88
N ARG B 252 -41.02 14.33 27.56
CA ARG B 252 -40.41 15.09 28.64
C ARG B 252 -38.99 15.53 28.28
N MET B 253 -38.01 14.73 28.66
CA MET B 253 -36.61 15.02 28.35
C MET B 253 -36.17 16.35 28.95
N ILE B 254 -37.09 17.31 28.98
CA ILE B 254 -36.79 18.63 29.52
C ILE B 254 -36.06 18.52 30.85
N ASP B 255 -34.90 17.85 30.83
CA ASP B 255 -34.10 17.68 32.04
C ASP B 255 -33.72 19.02 32.66
N GLU B 256 -33.21 18.98 33.88
CA GLU B 256 -32.80 20.19 34.58
C GLU B 256 -31.45 20.70 34.08
N ARG B 257 -31.36 20.94 32.78
CA ARG B 257 -30.13 21.42 32.17
C ARG B 257 -29.52 22.55 33.00
N PRO B 258 -28.51 22.17 33.90
CA PRO B 258 -27.97 23.29 34.68
C PRO B 258 -26.63 23.77 34.13
N LEU B 259 -25.65 23.93 35.00
CA LEU B 259 -24.33 24.40 34.60
C LEU B 259 -23.36 23.22 34.46
N GLY B 260 -23.09 22.92 33.24
CA GLY B 260 -22.04 22.05 32.70
C GLY B 260 -20.78 22.83 32.35
N PRO B 261 -19.73 22.13 31.89
CA PRO B 261 -18.46 22.76 31.51
C PRO B 261 -18.44 23.10 30.02
N LEU B 262 -17.42 23.86 29.62
CA LEU B 262 -17.19 24.17 28.22
C LEU B 262 -16.08 23.31 27.62
N LEU B 263 -15.05 23.02 28.40
CA LEU B 263 -14.00 22.08 28.00
C LEU B 263 -14.11 20.77 28.78
N TYR B 264 -13.72 19.67 28.13
CA TYR B 264 -13.81 18.33 28.71
C TYR B 264 -12.91 17.35 27.95
N GLY B 265 -12.78 16.13 28.47
CA GLY B 265 -11.82 15.17 27.92
C GLY B 265 -10.43 15.44 28.48
N SER B 266 -9.43 15.39 27.61
CA SER B 266 -8.05 15.58 28.05
C SER B 266 -7.76 17.05 28.36
N ARG B 267 -7.13 17.31 29.50
CA ARG B 267 -6.79 18.68 29.88
C ARG B 267 -5.62 19.22 29.07
N LEU B 268 -4.94 18.32 28.37
CA LEU B 268 -3.82 18.67 27.48
C LEU B 268 -4.26 18.82 26.03
N ASP B 269 -5.38 18.20 25.67
CA ASP B 269 -5.94 18.25 24.31
C ASP B 269 -7.48 18.18 24.36
N PRO B 270 -8.12 19.23 24.91
CA PRO B 270 -9.53 19.20 25.27
C PRO B 270 -10.47 19.17 24.10
N TYR B 271 -11.60 18.49 24.29
CA TYR B 271 -12.77 18.66 23.45
C TYR B 271 -13.48 19.95 23.87
N MET B 272 -14.49 20.37 23.11
CA MET B 272 -15.20 21.62 23.43
C MET B 272 -16.66 21.66 22.99
N ARG B 273 -17.48 22.33 23.80
CA ARG B 273 -18.90 22.58 23.50
C ARG B 273 -19.13 24.08 23.63
N LEU B 274 -19.00 24.77 22.51
CA LEU B 274 -18.91 26.21 22.50
C LEU B 274 -19.90 26.80 21.53
N ASP B 275 -20.98 27.37 22.06
CA ASP B 275 -21.96 28.14 21.30
C ASP B 275 -22.17 29.47 22.04
N PRO B 276 -21.40 30.50 21.65
CA PRO B 276 -21.38 31.81 22.34
C PRO B 276 -22.75 32.45 22.52
N TYR B 277 -23.58 32.37 21.48
CA TYR B 277 -24.89 33.00 21.48
C TYR B 277 -25.82 32.49 22.59
N PHE B 278 -25.68 31.21 22.97
CA PHE B 278 -26.53 30.62 24.02
C PHE B 278 -25.75 30.34 25.31
N THR B 279 -24.56 30.92 25.43
CA THR B 279 -23.72 30.70 26.59
C THR B 279 -23.72 31.95 27.47
N SER B 280 -23.99 31.74 28.75
CA SER B 280 -23.92 32.80 29.76
C SER B 280 -23.38 32.25 31.08
N VAL B 281 -22.53 33.04 31.73
CA VAL B 281 -21.94 32.68 33.00
C VAL B 281 -22.74 33.34 34.13
N PRO B 282 -22.89 32.65 35.27
CA PRO B 282 -23.37 33.31 36.48
C PRO B 282 -22.54 34.54 36.84
N GLN B 283 -23.23 35.66 37.06
CA GLN B 283 -22.58 36.96 37.27
C GLN B 283 -21.53 36.95 38.39
N ASP B 284 -21.82 36.22 39.46
CA ASP B 284 -20.97 36.19 40.64
C ASP B 284 -19.72 35.34 40.46
N ASP B 285 -19.54 34.73 39.28
CA ASP B 285 -18.39 33.87 39.02
C ASP B 285 -17.39 34.56 38.08
N THR B 286 -16.61 35.47 38.63
CA THR B 286 -15.78 36.37 37.81
C THR B 286 -14.60 35.66 37.18
N ASP B 287 -14.10 34.63 37.85
CA ASP B 287 -13.02 33.81 37.29
C ASP B 287 -13.47 33.09 36.02
N ALA B 288 -14.69 32.56 36.05
CA ALA B 288 -15.28 31.83 34.92
C ALA B 288 -15.52 32.70 33.68
N ARG B 289 -15.84 33.96 33.90
CA ARG B 289 -16.09 34.92 32.82
C ARG B 289 -14.78 35.41 32.21
N ARG B 290 -13.72 35.44 33.02
CA ARG B 290 -12.39 35.76 32.55
C ARG B 290 -11.83 34.66 31.65
N ALA B 291 -12.07 33.41 32.05
CA ALA B 291 -11.63 32.25 31.29
C ALA B 291 -12.44 32.08 30.00
N TYR B 292 -13.74 32.37 30.10
CA TYR B 292 -14.63 32.30 28.93
C TYR B 292 -14.24 33.29 27.85
N ASP B 293 -13.96 34.54 28.22
CA ASP B 293 -13.51 35.55 27.26
C ASP B 293 -12.24 35.09 26.54
N ALA B 294 -11.29 34.57 27.31
CA ALA B 294 -9.99 34.13 26.77
C ALA B 294 -10.14 32.97 25.78
N LEU B 295 -11.09 32.08 26.05
CA LEU B 295 -11.41 30.97 25.16
C LEU B 295 -12.06 31.49 23.86
N PHE B 296 -13.05 32.37 24.02
CA PHE B 296 -13.71 33.02 22.88
C PHE B 296 -12.70 33.71 21.95
N LYS B 297 -11.84 34.54 22.53
CA LYS B 297 -10.82 35.25 21.74
C LYS B 297 -9.90 34.28 20.99
N VAL B 298 -9.60 33.14 21.61
CA VAL B 298 -8.69 32.15 21.03
C VAL B 298 -9.38 31.44 19.87
N VAL B 299 -10.65 31.11 20.05
CA VAL B 299 -11.40 30.36 19.05
C VAL B 299 -11.76 31.26 17.87
N ASP B 300 -12.24 32.47 18.17
CA ASP B 300 -12.56 33.46 17.13
C ASP B 300 -11.35 33.82 16.25
N SER B 301 -10.21 34.12 16.87
CA SER B 301 -9.02 34.54 16.12
C SER B 301 -8.35 33.41 15.33
N GLY B 302 -8.74 32.17 15.59
CA GLY B 302 -8.20 31.02 14.88
C GLY B 302 -9.06 30.56 13.70
N MET B 303 -10.28 31.10 13.60
CA MET B 303 -11.25 30.65 12.60
C MET B 303 -10.67 30.59 11.20
N ARG B 304 -11.06 29.55 10.48
CA ARG B 304 -10.59 29.31 9.12
C ARG B 304 -11.77 29.23 8.16
N GLU B 305 -11.49 29.56 6.90
CA GLU B 305 -12.47 29.42 5.83
C GLU B 305 -12.10 28.23 4.97
N VAL B 306 -13.05 27.30 4.83
CA VAL B 306 -12.83 26.07 4.12
C VAL B 306 -13.94 25.90 3.09
N VAL B 307 -13.56 25.88 1.81
CA VAL B 307 -14.53 25.84 0.73
C VAL B 307 -14.88 24.41 0.39
N ALA B 308 -16.14 24.05 0.58
CA ALA B 308 -16.67 22.78 0.10
C ALA B 308 -17.13 22.95 -1.34
N ASP B 309 -16.21 22.71 -2.27
CA ASP B 309 -16.54 22.83 -3.71
C ASP B 309 -17.31 21.62 -4.21
N GLN B 310 -17.93 21.78 -5.37
CA GLN B 310 -18.65 20.67 -6.00
C GLN B 310 -17.73 19.45 -6.06
N GLY B 311 -18.21 18.35 -5.48
CA GLY B 311 -17.44 17.11 -5.42
C GLY B 311 -16.74 16.88 -4.09
N ASP B 312 -16.68 17.92 -3.26
CA ASP B 312 -16.16 17.82 -1.91
C ASP B 312 -17.22 17.29 -0.94
N VAL B 313 -16.81 16.37 -0.08
CA VAL B 313 -17.59 16.07 1.13
C VAL B 313 -16.75 16.49 2.34
N LEU B 314 -17.27 17.44 3.09
CA LEU B 314 -16.57 17.99 4.27
C LEU B 314 -17.02 17.27 5.51
N PHE B 315 -16.05 16.80 6.30
CA PHE B 315 -16.30 16.14 7.58
C PHE B 315 -15.90 17.06 8.71
N ILE B 316 -16.80 17.28 9.66
CA ILE B 316 -16.51 18.14 10.83
C ILE B 316 -16.69 17.36 12.14
N ASP B 317 -15.64 17.40 12.95
CA ASP B 317 -15.68 16.82 14.29
C ASP B 317 -16.35 17.82 15.24
N ASN B 318 -17.57 17.50 15.67
CA ASN B 318 -18.34 18.41 16.53
C ASN B 318 -17.73 18.60 17.93
N HIS B 319 -16.64 17.89 18.22
CA HIS B 319 -15.96 17.96 19.51
C HIS B 319 -14.65 18.73 19.43
N ARG B 320 -14.07 18.81 18.24
CA ARG B 320 -12.79 19.49 18.05
C ARG B 320 -12.88 20.79 17.24
N ALA B 321 -14.08 21.11 16.75
CA ALA B 321 -14.25 22.24 15.86
C ALA B 321 -15.62 22.87 16.00
N VAL B 322 -15.64 24.19 15.87
CA VAL B 322 -16.88 24.93 15.73
C VAL B 322 -17.06 25.24 14.25
N HIS B 323 -18.30 25.44 13.84
CA HIS B 323 -18.59 25.76 12.45
C HIS B 323 -19.60 26.88 12.31
N GLY B 324 -19.47 27.63 11.21
CA GLY B 324 -20.44 28.65 10.87
C GLY B 324 -20.63 28.76 9.38
N ARG B 325 -21.74 29.39 9.00
CA ARG B 325 -22.04 29.67 7.59
C ARG B 325 -21.65 31.12 7.28
N LEU B 326 -21.18 31.36 6.07
CA LEU B 326 -20.88 32.71 5.61
C LEU B 326 -22.04 33.21 4.75
N PRO B 327 -22.37 34.51 4.86
CA PRO B 327 -23.44 35.10 4.04
C PRO B 327 -23.05 35.22 2.56
N PHE B 328 -24.01 35.01 1.68
CA PHE B 328 -23.75 35.02 0.25
C PHE B 328 -24.98 35.40 -0.57
N GLN B 329 -24.74 36.11 -1.66
CA GLN B 329 -25.78 36.53 -2.59
C GLN B 329 -26.21 35.33 -3.45
N ALA B 330 -27.48 34.95 -3.33
CA ALA B 330 -28.03 33.85 -4.11
C ALA B 330 -28.75 34.37 -5.35
N ARG B 331 -28.76 33.56 -6.41
CA ARG B 331 -29.46 33.89 -7.68
C ARG B 331 -30.93 33.46 -7.66
N TYR B 332 -31.26 32.50 -6.80
CA TYR B 332 -32.63 32.00 -6.60
C TYR B 332 -33.30 31.35 -7.83
N ASP B 333 -32.51 31.05 -8.86
CA ASP B 333 -33.00 30.35 -10.06
C ASP B 333 -33.07 28.83 -9.85
N GLY B 334 -31.89 28.21 -9.87
CA GLY B 334 -31.74 26.76 -9.71
C GLY B 334 -30.28 26.34 -9.83
N THR B 335 -29.39 27.32 -9.85
CA THR B 335 -27.94 27.11 -9.97
C THR B 335 -27.23 27.39 -8.64
N ASP B 336 -28.02 27.62 -7.59
CA ASP B 336 -27.47 28.00 -6.28
C ASP B 336 -26.77 26.86 -5.55
N ARG B 337 -25.71 27.23 -4.82
CA ARG B 337 -25.01 26.38 -3.86
C ARG B 337 -25.97 25.46 -3.12
N TRP B 338 -25.62 24.18 -3.06
CA TRP B 338 -26.50 23.15 -2.48
C TRP B 338 -25.65 22.10 -1.76
N LEU B 339 -25.81 22.01 -0.44
CA LEU B 339 -25.13 20.99 0.36
C LEU B 339 -26.15 20.05 0.99
N LYS B 340 -25.69 18.86 1.34
CA LYS B 340 -26.46 17.90 2.12
C LYS B 340 -25.74 17.64 3.44
N ARG B 341 -26.51 17.60 4.53
CA ARG B 341 -25.96 17.36 5.87
C ARG B 341 -26.53 16.09 6.47
N VAL B 342 -25.64 15.25 7.00
CA VAL B 342 -26.01 14.08 7.79
C VAL B 342 -25.34 14.20 9.16
N CYS B 343 -26.11 13.94 10.20
CA CYS B 343 -25.61 14.01 11.57
C CYS B 343 -25.21 12.62 12.06
N VAL B 344 -24.06 12.55 12.72
CA VAL B 344 -23.46 11.29 13.14
C VAL B 344 -23.35 11.21 14.65
N THR B 345 -23.91 10.14 15.23
CA THR B 345 -23.67 9.80 16.62
C THR B 345 -22.76 8.58 16.69
N SER B 346 -21.88 8.56 17.68
CA SER B 346 -21.04 7.39 17.90
C SER B 346 -21.84 6.33 18.66
N ASP B 347 -22.79 6.79 19.48
CA ASP B 347 -23.57 5.89 20.34
C ASP B 347 -25.09 6.06 20.20
N LEU B 348 -25.66 5.45 19.17
CA LEU B 348 -27.10 5.53 18.95
C LEU B 348 -27.92 5.25 20.23
N ARG B 349 -27.49 4.28 21.04
CA ARG B 349 -28.28 3.85 22.22
C ARG B 349 -28.23 4.77 23.43
N ARG B 350 -27.24 5.65 23.50
CA ARG B 350 -27.15 6.57 24.63
C ARG B 350 -28.36 7.51 24.67
N SER B 351 -28.94 7.77 23.51
CA SER B 351 -30.06 8.70 23.37
C SER B 351 -31.43 8.01 23.39
N ARG B 352 -31.47 6.77 23.86
CA ARG B 352 -32.70 5.95 23.82
C ARG B 352 -33.89 6.64 24.49
N GLU B 353 -33.66 7.26 25.64
CA GLU B 353 -34.73 7.91 26.40
C GLU B 353 -35.47 9.03 25.66
N MET B 354 -34.86 9.56 24.59
CA MET B 354 -35.48 10.59 23.76
C MET B 354 -35.92 10.07 22.38
N ARG B 355 -36.16 8.77 22.28
CA ARG B 355 -36.53 8.17 21.00
C ARG B 355 -37.80 7.33 21.15
N ALA B 356 -38.73 7.53 20.24
CA ALA B 356 -40.08 6.98 20.34
C ALA B 356 -40.08 5.47 20.46
N THR B 357 -39.20 4.83 19.70
CA THR B 357 -39.01 3.37 19.77
C THR B 357 -37.52 3.04 19.67
N SER B 358 -37.22 1.75 19.71
CA SER B 358 -35.84 1.27 19.62
C SER B 358 -35.22 1.49 18.23
N ALA B 359 -36.01 1.24 17.18
CA ALA B 359 -35.52 1.27 15.79
C ALA B 359 -35.28 2.67 15.21
N THR B 360 -35.96 3.67 15.74
CA THR B 360 -35.91 5.01 15.16
C THR B 360 -34.61 5.74 15.49
N ARG B 361 -34.11 6.49 14.51
CA ARG B 361 -32.89 7.28 14.64
C ARG B 361 -33.22 8.77 14.77
N LEU B 362 -34.46 9.09 15.13
CA LEU B 362 -34.92 10.46 15.25
C LEU B 362 -35.14 10.84 16.72
N LEU B 363 -34.55 11.94 17.15
CA LEU B 363 -34.68 12.40 18.53
C LEU B 363 -35.81 13.43 18.64
N GLY B 364 -36.75 13.17 19.55
CA GLY B 364 -37.89 14.06 19.78
C GLY B 364 -39.21 13.34 19.55
N THR C 29 7.62 9.55 -37.89
CA THR C 29 7.80 8.25 -37.18
C THR C 29 8.17 7.10 -38.13
N PRO C 30 9.39 6.55 -37.98
CA PRO C 30 9.86 5.47 -38.85
C PRO C 30 8.99 4.19 -38.81
N SER C 31 8.87 3.55 -39.97
CA SER C 31 8.33 2.21 -40.04
C SER C 31 9.11 1.44 -41.10
N TYR C 32 8.87 0.13 -41.15
CA TYR C 32 9.59 -0.77 -42.03
C TYR C 32 8.54 -1.67 -42.68
N SER C 33 8.63 -1.85 -43.99
CA SER C 33 7.65 -2.66 -44.71
C SER C 33 8.33 -3.88 -45.30
N LEU C 34 7.90 -5.07 -44.87
CA LEU C 34 8.53 -6.30 -45.33
C LEU C 34 8.26 -6.52 -46.81
N THR C 35 9.27 -7.00 -47.52
CA THR C 35 9.07 -7.45 -48.91
C THR C 35 8.38 -8.80 -48.83
N PRO C 36 7.70 -9.21 -49.91
CA PRO C 36 7.16 -10.57 -49.99
C PRO C 36 8.17 -11.65 -49.59
N ALA C 37 9.41 -11.51 -50.04
CA ALA C 37 10.45 -12.49 -49.73
C ALA C 37 10.78 -12.48 -48.24
N GLU C 38 10.86 -11.29 -47.67
CA GLU C 38 11.11 -11.19 -46.24
C GLU C 38 9.96 -11.84 -45.47
N ALA C 39 8.73 -11.51 -45.83
CA ALA C 39 7.55 -12.03 -45.16
C ALA C 39 7.50 -13.55 -45.22
N SER C 40 7.66 -14.09 -46.43
CA SER C 40 7.66 -15.52 -46.65
C SER C 40 8.69 -16.24 -45.79
N ALA C 41 9.92 -15.72 -45.77
CA ALA C 41 10.98 -16.26 -44.91
C ALA C 41 10.67 -16.15 -43.42
N VAL C 42 10.11 -15.02 -42.99
CA VAL C 42 9.73 -14.85 -41.59
C VAL C 42 8.67 -15.89 -41.19
N ALA C 43 7.61 -16.01 -42.00
CA ALA C 43 6.55 -17.01 -41.76
C ALA C 43 7.10 -18.43 -41.74
N GLU C 44 8.12 -18.68 -42.55
CA GLU C 44 8.72 -20.01 -42.68
C GLU C 44 9.59 -20.39 -41.47
N LEU C 45 10.42 -19.46 -41.00
CA LEU C 45 11.21 -19.66 -39.78
C LEU C 45 10.26 -19.88 -38.62
N THR C 46 9.28 -19.00 -38.54
CA THR C 46 8.20 -19.05 -37.59
C THR C 46 7.45 -20.41 -37.53
N LEU C 47 7.18 -21.00 -38.70
CA LEU C 47 6.53 -22.32 -38.76
C LEU C 47 7.47 -23.44 -38.33
N GLU C 48 8.74 -23.35 -38.74
CA GLU C 48 9.76 -24.30 -38.32
C GLU C 48 9.92 -24.33 -36.79
N LEU C 49 9.87 -23.15 -36.18
CA LEU C 49 10.04 -23.02 -34.74
C LEU C 49 8.86 -23.58 -33.94
N ALA C 50 7.64 -23.39 -34.42
CA ALA C 50 6.44 -23.94 -33.76
C ALA C 50 6.45 -25.46 -33.73
N ALA C 51 7.05 -26.07 -34.75
CA ALA C 51 7.25 -27.52 -34.79
C ALA C 51 8.26 -27.96 -33.74
N ALA C 52 9.36 -27.21 -33.64
CA ALA C 52 10.52 -27.60 -32.84
C ALA C 52 10.38 -27.35 -31.34
N TYR C 53 9.53 -26.41 -30.94
CA TYR C 53 9.40 -26.04 -29.53
C TYR C 53 7.99 -26.30 -28.98
N GLY C 54 7.94 -26.66 -27.70
CA GLY C 54 6.71 -27.08 -27.04
C GLY C 54 5.71 -25.95 -26.86
N SER C 55 6.16 -24.87 -26.23
CA SER C 55 5.33 -23.67 -26.02
C SER C 55 6.20 -22.46 -25.68
N PHE C 56 5.62 -21.27 -25.77
CA PHE C 56 6.26 -20.08 -25.21
C PHE C 56 6.26 -20.26 -23.69
N GLY C 57 7.46 -20.47 -23.12
CA GLY C 57 7.59 -20.91 -21.73
C GLY C 57 8.58 -22.05 -21.62
N ASP C 58 8.73 -22.81 -22.71
CA ASP C 58 9.78 -23.82 -22.84
C ASP C 58 11.16 -23.20 -22.54
N PRO C 59 11.84 -23.68 -21.49
CA PRO C 59 13.16 -23.17 -21.07
C PRO C 59 14.20 -23.13 -22.16
N VAL C 60 14.17 -24.08 -23.10
CA VAL C 60 15.17 -24.12 -24.16
C VAL C 60 14.88 -23.02 -25.20
N LEU C 61 13.60 -22.82 -25.52
CA LEU C 61 13.21 -21.71 -26.40
C LEU C 61 13.69 -20.38 -25.82
N LEU C 62 13.36 -20.15 -24.56
CA LEU C 62 13.84 -18.98 -23.83
C LEU C 62 15.35 -18.78 -23.95
N ARG C 63 16.10 -19.88 -23.84
CA ARG C 63 17.55 -19.83 -23.98
C ARG C 63 17.97 -19.49 -25.42
N ASP C 64 17.28 -20.05 -26.41
CA ASP C 64 17.67 -19.92 -27.81
C ASP C 64 17.25 -18.59 -28.43
N LEU C 65 16.16 -18.05 -27.90
CA LEU C 65 15.56 -16.80 -28.40
C LEU C 65 16.52 -15.78 -29.10
N PRO C 66 17.57 -15.30 -28.42
CA PRO C 66 18.42 -14.28 -29.08
C PRO C 66 19.09 -14.76 -30.38
N ARG C 67 19.68 -15.93 -30.33
CA ARG C 67 20.25 -16.64 -31.48
C ARG C 67 19.20 -16.84 -32.59
N LEU C 68 18.08 -17.48 -32.23
CA LEU C 68 16.92 -17.63 -33.13
C LEU C 68 16.45 -16.32 -33.78
N ALA C 69 16.36 -15.25 -33.00
CA ALA C 69 15.96 -13.94 -33.55
C ALA C 69 16.94 -13.41 -34.59
N ALA C 70 18.20 -13.83 -34.51
CA ALA C 70 19.21 -13.43 -35.52
C ALA C 70 19.05 -14.15 -36.87
N ARG C 71 18.11 -15.09 -36.94
CA ARG C 71 17.75 -15.73 -38.20
C ARG C 71 16.72 -14.94 -39.00
N LEU C 72 16.09 -13.95 -38.37
CA LEU C 72 15.20 -13.02 -39.08
C LEU C 72 16.01 -12.24 -40.13
N PRO C 73 15.35 -11.63 -41.13
CA PRO C 73 16.10 -10.91 -42.16
C PRO C 73 16.95 -9.80 -41.56
N GLU C 74 18.15 -9.61 -42.10
CA GLU C 74 19.10 -8.62 -41.58
C GLU C 74 18.55 -7.21 -41.43
N GLY C 75 17.79 -6.78 -42.44
CA GLY C 75 17.16 -5.46 -42.41
C GLY C 75 16.22 -5.27 -41.23
N VAL C 76 15.58 -6.35 -40.81
CA VAL C 76 14.60 -6.26 -39.73
C VAL C 76 15.32 -6.05 -38.40
N GLN C 77 16.41 -6.77 -38.19
CA GLN C 77 17.21 -6.64 -36.97
C GLN C 77 17.83 -5.25 -36.86
N ASP C 78 18.42 -4.79 -37.95
CA ASP C 78 19.04 -3.47 -38.00
C ASP C 78 18.02 -2.38 -37.72
N PHE C 79 16.84 -2.51 -38.31
CA PHE C 79 15.76 -1.55 -38.07
C PHE C 79 15.37 -1.43 -36.59
N LEU C 80 15.20 -2.56 -35.92
CA LEU C 80 14.81 -2.56 -34.50
C LEU C 80 15.94 -2.17 -33.57
N ARG C 81 17.16 -2.50 -33.97
CA ARG C 81 18.34 -2.08 -33.24
C ARG C 81 18.46 -0.54 -33.29
N GLU C 82 18.30 0.03 -34.46
CA GLU C 82 18.29 1.50 -34.64
C GLU C 82 17.29 2.18 -33.71
N PHE C 83 16.04 1.72 -33.76
CA PHE C 83 14.95 2.26 -32.93
C PHE C 83 15.30 2.18 -31.43
N LYS C 84 15.91 1.08 -31.02
CA LYS C 84 16.29 0.84 -29.63
C LYS C 84 17.42 1.77 -29.18
N LEU C 85 18.51 1.80 -29.95
CA LEU C 85 19.67 2.59 -29.57
C LEU C 85 19.42 4.10 -29.65
N ALA C 86 18.51 4.49 -30.54
CA ALA C 86 18.22 5.90 -30.80
C ALA C 86 17.48 6.55 -29.64
N ASP C 87 16.63 5.76 -28.99
CA ASP C 87 15.91 6.24 -27.81
C ASP C 87 15.35 7.61 -28.16
N ARG C 88 14.56 7.63 -29.22
CA ARG C 88 14.00 8.88 -29.77
C ARG C 88 12.49 8.75 -29.85
N HIS C 89 12.02 7.80 -30.66
CA HIS C 89 10.60 7.70 -30.99
C HIS C 89 9.85 6.82 -30.01
N GLY C 90 8.58 7.13 -29.83
CA GLY C 90 7.75 6.48 -28.81
C GLY C 90 7.22 5.16 -29.29
N HIS C 91 7.20 4.98 -30.61
CA HIS C 91 6.72 3.73 -31.20
C HIS C 91 7.31 3.53 -32.57
N THR C 92 7.27 2.28 -33.03
CA THR C 92 7.57 1.97 -34.43
C THR C 92 6.74 0.77 -34.90
N VAL C 93 6.65 0.58 -36.21
CA VAL C 93 5.88 -0.53 -36.79
C VAL C 93 6.70 -1.28 -37.85
N ILE C 94 6.59 -2.60 -37.85
CA ILE C 94 7.07 -3.44 -38.94
C ILE C 94 5.82 -4.01 -39.58
N ARG C 95 5.57 -3.69 -40.85
CA ARG C 95 4.34 -4.08 -41.54
C ARG C 95 4.58 -5.11 -42.63
N GLY C 96 3.50 -5.80 -43.01
CA GLY C 96 3.49 -6.69 -44.16
C GLY C 96 3.84 -8.13 -43.87
N HIS C 97 3.77 -8.54 -42.61
CA HIS C 97 3.91 -9.94 -42.27
C HIS C 97 2.79 -10.76 -42.92
N ASP C 98 3.09 -12.04 -43.17
CA ASP C 98 2.10 -12.97 -43.66
C ASP C 98 1.53 -13.74 -42.48
N PHE C 99 0.29 -13.42 -42.11
CA PHE C 99 -0.41 -14.13 -41.04
C PHE C 99 -1.53 -14.96 -41.64
N ASP C 100 -1.28 -16.27 -41.74
CA ASP C 100 -2.19 -17.24 -42.31
C ASP C 100 -3.52 -17.30 -41.56
N GLN C 101 -4.54 -16.67 -42.13
CA GLN C 101 -5.85 -16.59 -41.49
C GLN C 101 -6.54 -17.96 -41.37
N ARG C 102 -6.38 -18.82 -42.36
CA ARG C 102 -6.91 -20.17 -42.30
C ARG C 102 -6.36 -20.88 -41.06
N ARG C 103 -5.03 -20.96 -40.99
CA ARG C 103 -4.34 -21.66 -39.89
C ARG C 103 -4.64 -21.06 -38.52
N ILE C 104 -4.52 -19.74 -38.40
CA ILE C 104 -4.73 -19.03 -37.13
C ILE C 104 -6.15 -19.29 -36.60
N GLY C 105 -7.13 -19.27 -37.49
CA GLY C 105 -8.50 -19.70 -37.17
C GLY C 105 -9.30 -18.63 -36.45
N PRO C 106 -10.45 -19.01 -35.88
CA PRO C 106 -11.35 -18.06 -35.21
C PRO C 106 -10.72 -17.33 -34.02
N THR C 107 -11.14 -16.09 -33.83
CA THR C 107 -10.80 -15.33 -32.63
C THR C 107 -11.55 -15.95 -31.45
N PRO C 108 -10.81 -16.42 -30.43
CA PRO C 108 -11.41 -17.06 -29.25
C PRO C 108 -12.40 -16.19 -28.47
N ASP C 109 -13.15 -16.83 -27.57
CA ASP C 109 -14.12 -16.12 -26.72
C ASP C 109 -13.50 -15.73 -25.37
N HIS C 110 -12.52 -16.53 -24.92
CA HIS C 110 -11.74 -16.19 -23.73
C HIS C 110 -10.34 -16.79 -23.85
N TRP C 111 -9.38 -16.14 -23.22
CA TRP C 111 -8.03 -16.67 -23.11
C TRP C 111 -7.96 -17.81 -22.09
N ARG C 112 -8.87 -17.78 -21.11
CA ARG C 112 -8.84 -18.70 -19.98
C ARG C 112 -9.02 -20.14 -20.45
N GLY C 113 -8.04 -20.97 -20.16
CA GLY C 113 -8.12 -22.41 -20.38
C GLY C 113 -8.37 -22.89 -21.80
N ARG C 114 -7.77 -22.23 -22.78
CA ARG C 114 -7.72 -22.77 -24.15
C ARG C 114 -6.35 -23.38 -24.42
N VAL C 115 -6.32 -24.36 -25.32
CA VAL C 115 -5.14 -25.18 -25.56
C VAL C 115 -3.93 -24.32 -25.92
N ARG C 116 -2.95 -24.30 -25.02
CA ARG C 116 -1.68 -23.59 -25.22
C ARG C 116 -0.55 -24.55 -25.58
N PRO C 117 0.17 -24.27 -26.67
CA PRO C 117 -0.09 -23.15 -27.58
C PRO C 117 -1.01 -23.53 -28.72
N GLY C 118 -1.89 -22.61 -29.10
CA GLY C 118 -2.89 -22.83 -30.13
C GLY C 118 -2.33 -22.89 -31.55
N PRO C 119 -3.21 -22.78 -32.55
CA PRO C 119 -2.76 -22.80 -33.95
C PRO C 119 -1.99 -21.55 -34.36
N GLU C 120 -2.15 -20.47 -33.59
CA GLU C 120 -1.48 -19.20 -33.86
C GLU C 120 -0.13 -19.07 -33.14
N PHE C 121 0.41 -20.22 -32.73
CA PHE C 121 1.70 -20.30 -32.05
C PHE C 121 2.85 -19.65 -32.83
N PRO C 122 2.89 -19.86 -34.16
CA PRO C 122 3.93 -19.23 -34.96
C PRO C 122 4.05 -17.70 -34.78
N GLU C 123 2.91 -17.04 -34.67
CA GLU C 123 2.84 -15.58 -34.52
C GLU C 123 3.39 -15.20 -33.16
N GLU C 124 3.08 -16.02 -32.17
CA GLU C 124 3.50 -15.80 -30.81
C GLU C 124 5.01 -15.91 -30.70
N LEU C 125 5.56 -16.93 -31.35
CA LEU C 125 7.00 -17.09 -31.41
C LEU C 125 7.65 -15.88 -32.07
N LEU C 126 7.05 -15.37 -33.14
CA LEU C 126 7.58 -14.20 -33.83
C LEU C 126 7.74 -13.05 -32.85
N LEU C 127 6.72 -12.85 -32.03
CA LEU C 127 6.72 -11.77 -31.05
C LEU C 127 7.79 -11.98 -29.99
N MET C 128 8.03 -13.25 -29.65
CA MET C 128 9.08 -13.62 -28.71
C MET C 128 10.45 -13.31 -29.28
N LEU C 129 10.65 -13.58 -30.56
CA LEU C 129 11.91 -13.29 -31.25
C LEU C 129 12.18 -11.80 -31.19
N TYR C 130 11.20 -11.02 -31.61
CA TYR C 130 11.29 -9.58 -31.56
C TYR C 130 11.66 -9.10 -30.16
N SER C 131 11.00 -9.65 -29.15
CA SER C 131 11.23 -9.26 -27.77
C SER C 131 12.67 -9.50 -27.33
N ALA C 132 13.32 -10.51 -27.92
CA ALA C 132 14.71 -10.84 -27.59
C ALA C 132 15.70 -9.91 -28.27
N LEU C 133 15.29 -9.25 -29.35
CA LEU C 133 16.14 -8.22 -29.97
C LEU C 133 16.07 -6.89 -29.21
N LEU C 134 15.02 -6.72 -28.39
CA LEU C 134 14.87 -5.52 -27.58
C LEU C 134 15.31 -5.74 -26.14
N GLY C 135 15.16 -6.96 -25.64
CA GLY C 135 15.58 -7.28 -24.28
C GLY C 135 15.17 -8.69 -23.89
N GLU C 136 14.48 -8.82 -22.77
CA GLU C 136 13.96 -10.11 -22.34
C GLU C 136 12.44 -10.07 -22.22
N PRO C 137 11.76 -11.12 -22.68
CA PRO C 137 10.33 -11.20 -22.40
C PRO C 137 10.08 -11.63 -20.97
N PHE C 138 9.03 -11.08 -20.38
CA PHE C 138 8.68 -11.37 -19.00
C PHE C 138 7.18 -11.14 -18.86
N GLY C 139 6.64 -11.53 -17.71
CA GLY C 139 5.22 -11.40 -17.49
C GLY C 139 4.91 -11.22 -16.03
N TRP C 140 3.64 -11.28 -15.71
CA TRP C 140 3.18 -11.10 -14.35
C TRP C 140 2.47 -12.37 -13.93
N ALA C 141 2.70 -12.79 -12.69
CA ALA C 141 2.06 -13.99 -12.15
C ALA C 141 0.54 -13.90 -12.21
N THR C 142 0.01 -12.70 -12.01
CA THR C 142 -1.43 -12.47 -12.00
C THR C 142 -2.05 -12.49 -13.40
N GLN C 143 -1.61 -11.57 -14.27
CA GLN C 143 -2.19 -11.41 -15.60
C GLN C 143 -2.21 -12.70 -16.42
N GLN C 144 -3.38 -12.99 -16.98
CA GLN C 144 -3.62 -14.13 -17.89
C GLN C 144 -2.79 -15.39 -17.60
N ASP C 145 -2.98 -15.96 -16.41
CA ASP C 145 -2.32 -17.20 -15.96
C ASP C 145 -0.79 -17.22 -16.10
N GLY C 146 -0.20 -16.03 -16.22
CA GLY C 146 1.27 -15.89 -16.32
C GLY C 146 1.86 -16.30 -17.65
N HIS C 147 1.06 -16.22 -18.72
CA HIS C 147 1.55 -16.46 -20.08
C HIS C 147 2.40 -15.26 -20.50
N LEU C 148 3.49 -15.55 -21.20
CA LEU C 148 4.39 -14.49 -21.64
C LEU C 148 3.82 -13.76 -22.86
N VAL C 149 2.93 -14.43 -23.58
CA VAL C 149 2.22 -13.80 -24.69
C VAL C 149 0.76 -13.61 -24.30
N HIS C 150 0.35 -12.36 -24.17
CA HIS C 150 -1.03 -12.03 -23.82
C HIS C 150 -1.90 -11.95 -25.07
N ASP C 151 -3.18 -12.26 -24.87
CA ASP C 151 -4.19 -12.07 -25.89
C ASP C 151 -4.87 -10.73 -25.65
N ILE C 152 -5.20 -10.04 -26.73
CA ILE C 152 -6.03 -8.84 -26.67
C ILE C 152 -7.13 -8.97 -27.72
N PHE C 153 -8.24 -9.55 -27.30
CA PHE C 153 -9.46 -9.59 -28.11
C PHE C 153 -10.68 -9.24 -27.23
N PRO C 154 -11.82 -8.88 -27.86
CA PRO C 154 -13.00 -8.53 -27.07
C PRO C 154 -13.72 -9.73 -26.46
N ILE C 155 -14.15 -9.57 -25.22
CA ILE C 155 -14.99 -10.57 -24.53
C ILE C 155 -16.30 -9.89 -24.16
N ARG C 156 -17.40 -10.64 -24.26
CA ARG C 156 -18.75 -10.14 -23.95
C ARG C 156 -18.91 -9.80 -22.46
N SER C 157 -18.14 -10.47 -21.61
CA SER C 157 -18.16 -10.23 -20.16
C SER C 157 -17.24 -9.08 -19.70
N HIS C 158 -16.85 -8.22 -20.63
CA HIS C 158 -15.99 -7.06 -20.33
C HIS C 158 -16.33 -5.87 -21.25
N GLU C 159 -17.57 -5.82 -21.72
CA GLU C 159 -17.97 -4.86 -22.76
C GLU C 159 -17.73 -3.39 -22.40
N ASN C 160 -18.00 -3.04 -21.14
CA ASN C 160 -17.91 -1.64 -20.69
C ASN C 160 -16.76 -1.36 -19.70
N ASP C 161 -15.74 -2.21 -19.71
CA ASP C 161 -14.60 -2.08 -18.79
C ASP C 161 -13.40 -1.36 -19.41
N GLN C 162 -12.59 -0.76 -18.55
CA GLN C 162 -11.36 -0.06 -18.94
C GLN C 162 -10.20 -1.08 -19.04
N LEU C 163 -10.30 -1.98 -20.00
CA LEU C 163 -9.27 -3.01 -20.23
C LEU C 163 -9.06 -3.25 -21.72
N GLY C 164 -7.98 -3.96 -22.03
CA GLY C 164 -7.69 -4.38 -23.40
C GLY C 164 -8.72 -5.36 -23.94
N MET C 165 -9.29 -6.15 -23.04
CA MET C 165 -10.35 -7.11 -23.39
C MET C 165 -11.71 -6.43 -23.59
N GLY C 166 -11.77 -5.11 -23.34
CA GLY C 166 -12.96 -4.32 -23.59
C GLY C 166 -13.02 -3.79 -25.02
N SER C 167 -14.07 -3.02 -25.32
CA SER C 167 -14.28 -2.49 -26.67
C SER C 167 -15.03 -1.16 -26.70
N LYS C 168 -16.23 -1.14 -26.13
CA LYS C 168 -17.15 0.01 -26.25
C LYS C 168 -16.72 1.25 -25.46
N GLN C 169 -15.84 1.08 -24.48
CA GLN C 169 -15.36 2.20 -23.69
C GLN C 169 -13.90 2.56 -24.02
N LEU C 170 -13.71 3.79 -24.50
CA LEU C 170 -12.39 4.34 -24.81
C LEU C 170 -11.37 3.95 -23.74
N LEU C 171 -10.34 3.21 -24.17
CA LEU C 171 -9.21 2.91 -23.28
C LEU C 171 -8.33 4.16 -23.13
N THR C 172 -8.43 4.78 -21.96
CA THR C 172 -7.70 6.02 -21.67
C THR C 172 -6.22 5.72 -21.65
N TRP C 173 -5.46 6.62 -22.28
CA TRP C 173 -4.06 6.39 -22.51
C TRP C 173 -3.29 6.31 -21.21
N HIS C 174 -2.20 5.58 -21.24
CA HIS C 174 -1.40 5.36 -20.06
C HIS C 174 -0.06 4.71 -20.40
N THR C 175 0.88 4.86 -19.48
CA THR C 175 2.07 4.07 -19.48
C THR C 175 1.63 2.73 -18.92
N GLU C 176 2.09 1.64 -19.51
CA GLU C 176 1.70 0.32 -19.05
C GLU C 176 2.26 0.08 -17.65
N ASP C 177 1.39 -0.35 -16.74
CA ASP C 177 1.74 -0.63 -15.34
C ASP C 177 2.54 0.52 -14.72
N ALA C 178 2.04 1.74 -14.88
CA ALA C 178 2.74 2.95 -14.43
C ALA C 178 3.14 2.89 -12.98
N PHE C 179 2.31 2.31 -12.13
CA PHE C 179 2.57 2.25 -10.70
C PHE C 179 3.81 1.44 -10.38
N HIS C 180 4.06 0.39 -11.17
CA HIS C 180 5.04 -0.63 -10.81
C HIS C 180 6.46 -0.22 -11.20
N PRO C 181 7.44 -0.43 -10.29
CA PRO C 181 8.83 -0.07 -10.58
C PRO C 181 9.53 -0.97 -11.58
N TYR C 182 8.99 -2.16 -11.82
CA TYR C 182 9.56 -3.11 -12.78
C TYR C 182 8.68 -3.25 -14.03
N ARG C 183 7.88 -2.24 -14.30
CA ARG C 183 7.03 -2.21 -15.49
C ARG C 183 7.84 -2.36 -16.77
N SER C 184 7.16 -2.70 -17.86
CA SER C 184 7.78 -2.90 -19.17
C SER C 184 8.67 -1.75 -19.61
N ASP C 185 9.74 -2.07 -20.33
CA ASP C 185 10.53 -1.06 -21.00
C ASP C 185 10.02 -0.85 -22.41
N TYR C 186 9.62 -1.96 -23.04
CA TYR C 186 8.93 -1.90 -24.32
C TYR C 186 7.71 -2.80 -24.32
N LEU C 187 6.84 -2.58 -25.29
CA LEU C 187 5.62 -3.35 -25.46
C LEU C 187 5.52 -3.77 -26.92
N ILE C 188 5.13 -5.03 -27.18
CA ILE C 188 4.98 -5.48 -28.56
C ILE C 188 3.55 -5.96 -28.79
N LEU C 189 2.87 -5.29 -29.70
CA LEU C 189 1.50 -5.61 -30.05
C LEU C 189 1.47 -6.10 -31.51
N GLY C 190 1.07 -7.36 -31.69
CA GLY C 190 1.02 -7.96 -33.02
C GLY C 190 -0.42 -8.20 -33.42
N ALA C 191 -0.87 -7.50 -34.46
CA ALA C 191 -2.25 -7.63 -34.91
C ALA C 191 -2.48 -8.84 -35.81
N LEU C 192 -3.06 -9.90 -35.24
CA LEU C 192 -3.42 -11.09 -36.03
C LEU C 192 -4.52 -10.76 -37.02
N ARG C 193 -5.44 -9.92 -36.57
CA ARG C 193 -6.47 -9.37 -37.43
C ARG C 193 -7.09 -8.12 -36.83
N ASN C 194 -7.42 -7.18 -37.69
CA ASN C 194 -8.11 -5.94 -37.30
C ASN C 194 -8.98 -5.50 -38.47
N PRO C 195 -10.05 -6.27 -38.77
CA PRO C 195 -10.88 -6.10 -39.98
C PRO C 195 -11.56 -4.74 -40.11
N ASP C 196 -11.92 -4.11 -38.99
CA ASP C 196 -12.55 -2.80 -39.01
C ASP C 196 -11.55 -1.64 -38.91
N HIS C 197 -10.27 -1.96 -38.79
CA HIS C 197 -9.18 -0.96 -38.70
C HIS C 197 -9.33 -0.04 -37.49
N VAL C 198 -9.41 -0.65 -36.32
CA VAL C 198 -9.50 0.09 -35.06
C VAL C 198 -8.11 0.63 -34.67
N PRO C 199 -7.98 1.96 -34.50
CA PRO C 199 -6.67 2.52 -34.20
C PRO C 199 -6.25 2.24 -32.77
N THR C 200 -4.94 2.12 -32.57
CA THR C 200 -4.34 2.23 -31.25
C THR C 200 -3.96 3.70 -31.12
N THR C 201 -4.02 4.25 -29.91
CA THR C 201 -3.55 5.60 -29.68
C THR C 201 -2.18 5.55 -29.03
N VAL C 202 -1.26 6.37 -29.54
CA VAL C 202 0.06 6.52 -28.93
C VAL C 202 0.42 8.01 -28.82
N GLY C 203 0.83 8.41 -27.63
CA GLY C 203 1.21 9.79 -27.38
C GLY C 203 2.63 9.88 -26.84
N GLU C 204 3.38 10.83 -27.39
CA GLU C 204 4.72 11.12 -26.91
C GLU C 204 4.69 12.39 -26.07
N LEU C 205 5.87 12.84 -25.68
CA LEU C 205 6.02 14.02 -24.83
C LEU C 205 6.64 15.15 -25.64
N ASP C 206 5.86 16.21 -25.87
CA ASP C 206 6.36 17.43 -26.48
C ASP C 206 6.67 18.48 -25.40
N LEU C 207 7.88 19.04 -25.45
CA LEU C 207 8.37 20.03 -24.48
C LEU C 207 8.14 21.49 -24.92
N SER C 208 7.47 21.71 -26.05
CA SER C 208 7.35 23.06 -26.61
C SER C 208 6.51 24.05 -25.78
N SER C 209 5.73 23.54 -24.82
CA SER C 209 4.96 24.41 -23.91
C SER C 209 5.35 24.21 -22.44
N LEU C 210 6.42 23.45 -22.21
CA LEU C 210 6.86 23.09 -20.86
C LEU C 210 8.21 23.73 -20.50
N SER C 211 8.26 24.29 -19.30
CA SER C 211 9.44 25.02 -18.83
C SER C 211 10.34 24.09 -18.03
N ALA C 212 11.59 24.50 -17.85
CA ALA C 212 12.51 23.75 -17.01
C ALA C 212 11.91 23.56 -15.62
N GLU C 213 11.27 24.61 -15.12
CA GLU C 213 10.71 24.62 -13.77
C GLU C 213 9.55 23.64 -13.62
N ASP C 214 8.67 23.58 -14.63
CA ASP C 214 7.57 22.60 -14.64
C ASP C 214 8.17 21.20 -14.58
N ILE C 215 9.18 20.98 -15.42
CA ILE C 215 9.84 19.69 -15.52
C ILE C 215 10.48 19.30 -14.18
N ASP C 216 11.08 20.25 -13.49
CA ASP C 216 11.60 20.00 -12.15
C ASP C 216 10.50 19.46 -11.24
N VAL C 217 9.35 20.12 -11.23
CA VAL C 217 8.24 19.73 -10.35
C VAL C 217 7.72 18.32 -10.69
N LEU C 218 7.70 17.96 -11.96
CA LEU C 218 7.27 16.63 -12.39
C LEU C 218 8.30 15.53 -12.12
N PHE C 219 9.58 15.92 -12.01
CA PHE C 219 10.68 15.01 -11.65
C PHE C 219 10.70 14.65 -10.16
N GLU C 220 9.87 15.32 -9.36
CA GLU C 220 9.90 15.13 -7.93
C GLU C 220 8.79 14.18 -7.43
N PRO C 221 9.06 13.46 -6.32
CA PRO C 221 8.14 12.47 -5.75
C PRO C 221 6.95 13.15 -5.10
N ARG C 222 6.01 13.58 -5.93
CA ARG C 222 4.93 14.45 -5.46
C ARG C 222 3.55 14.02 -5.98
N TYR C 223 3.47 12.82 -6.55
CA TYR C 223 2.26 12.37 -7.24
C TYR C 223 1.91 10.94 -6.86
N HIS C 224 0.62 10.64 -6.82
CA HIS C 224 0.15 9.30 -6.49
C HIS C 224 -0.42 8.60 -7.71
N ILE C 225 0.16 7.45 -8.05
CA ILE C 225 -0.38 6.57 -9.10
C ILE C 225 -0.74 5.22 -8.48
N ALA C 226 -2.03 4.93 -8.40
CA ALA C 226 -2.48 3.64 -7.88
C ALA C 226 -2.34 2.54 -8.92
N PRO C 227 -2.20 1.27 -8.47
CA PRO C 227 -2.27 0.10 -9.36
C PRO C 227 -3.67 -0.11 -9.91
N ASP C 228 -3.76 -0.64 -11.13
CA ASP C 228 -5.04 -0.73 -11.84
C ASP C 228 -5.93 -1.89 -11.38
N GLU C 229 -7.08 -2.02 -12.04
CA GLU C 229 -8.08 -3.06 -11.73
C GLU C 229 -7.69 -4.46 -12.22
N SER C 230 -6.69 -4.54 -13.11
CA SER C 230 -6.20 -5.84 -13.62
C SER C 230 -5.12 -6.48 -12.73
N HIS C 231 -4.99 -6.00 -11.50
CA HIS C 231 -4.16 -6.63 -10.48
C HIS C 231 -5.02 -7.14 -9.32
N LEU C 232 -6.33 -7.22 -9.56
CA LEU C 232 -7.30 -7.72 -8.58
C LEU C 232 -7.64 -9.19 -8.88
N PRO C 233 -7.92 -10.01 -7.84
CA PRO C 233 -8.36 -11.39 -8.07
C PRO C 233 -9.81 -11.49 -8.54
N LYS C 234 -10.04 -11.06 -9.79
CA LYS C 234 -11.39 -10.99 -10.37
C LYS C 234 -11.40 -11.52 -11.81
N ASN C 235 -10.47 -11.01 -12.63
CA ASN C 235 -10.38 -11.38 -14.04
C ASN C 235 -9.75 -12.76 -14.27
N ASN C 236 -8.88 -13.17 -13.35
CA ASN C 236 -8.15 -14.44 -13.45
C ASN C 236 -8.74 -15.54 -12.56
N THR C 237 -8.25 -16.77 -12.74
CA THR C 237 -8.72 -17.92 -11.97
C THR C 237 -8.13 -17.91 -10.57
N ILE C 238 -9.01 -17.85 -9.57
CA ILE C 238 -8.59 -17.77 -8.15
C ILE C 238 -8.53 -19.16 -7.53
N ALA C 244 -1.23 -19.40 -0.67
CA ALA C 244 -1.04 -18.55 0.51
C ALA C 244 -0.84 -17.08 0.14
N ALA C 245 0.02 -16.81 -0.84
CA ALA C 245 0.31 -15.45 -1.28
C ALA C 245 0.75 -15.37 -2.74
N ARG C 246 0.11 -14.48 -3.49
CA ARG C 246 0.50 -14.15 -4.87
C ARG C 246 0.12 -12.70 -5.24
N PHE C 247 -0.92 -12.18 -4.61
CA PHE C 247 -1.32 -10.78 -4.71
C PHE C 247 -0.81 -9.97 -3.52
N ALA C 248 -0.08 -10.63 -2.61
CA ALA C 248 0.45 -10.00 -1.38
C ALA C 248 1.77 -9.25 -1.62
N THR C 249 2.31 -9.37 -2.83
CA THR C 249 3.49 -8.59 -3.25
C THR C 249 3.07 -7.33 -4.04
N ILE C 250 1.77 -7.22 -4.31
CA ILE C 250 1.17 -6.01 -4.90
C ILE C 250 0.50 -5.19 -3.79
N GLN C 251 -0.02 -5.88 -2.76
CA GLN C 251 -0.68 -5.23 -1.60
C GLN C 251 0.29 -4.50 -0.66
N ARG C 252 1.60 -4.68 -0.87
CA ARG C 252 2.63 -3.95 -0.12
C ARG C 252 2.62 -2.44 -0.42
N MET C 253 2.07 -2.08 -1.58
CA MET C 253 2.13 -0.71 -2.12
C MET C 253 0.87 0.11 -1.85
N ILE C 254 -0.29 -0.56 -1.90
CA ILE C 254 -1.59 0.09 -1.65
C ILE C 254 -1.69 0.51 -0.18
N ASP C 255 -0.96 -0.20 0.68
CA ASP C 255 -0.90 0.11 2.11
C ASP C 255 -0.04 1.35 2.39
N GLU C 256 1.18 1.34 1.84
CA GLU C 256 2.15 2.42 2.09
C GLU C 256 1.82 3.75 1.39
N ARG C 257 1.23 3.66 0.20
CA ARG C 257 0.81 4.83 -0.60
C ARG C 257 1.86 5.94 -0.75
N PRO C 258 3.04 5.62 -1.30
CA PRO C 258 4.06 6.65 -1.40
C PRO C 258 3.79 7.56 -2.59
N LEU C 259 4.52 8.68 -2.64
CA LEU C 259 4.45 9.62 -3.75
C LEU C 259 5.64 9.40 -4.68
N GLY C 260 5.37 9.44 -5.98
CA GLY C 260 6.40 9.23 -7.01
C GLY C 260 6.50 10.36 -8.03
N PRO C 261 7.57 10.34 -8.85
CA PRO C 261 7.65 11.28 -9.95
C PRO C 261 6.82 10.82 -11.15
N LEU C 262 6.41 11.78 -11.97
CA LEU C 262 5.83 11.48 -13.28
C LEU C 262 6.85 11.54 -14.41
N LEU C 263 7.97 12.24 -14.18
CA LEU C 263 9.09 12.27 -15.16
C LEU C 263 10.41 11.85 -14.52
N TYR C 264 11.26 11.22 -15.32
CA TYR C 264 12.56 10.75 -14.84
C TYR C 264 13.58 10.72 -15.99
N GLY C 265 14.81 10.28 -15.69
CA GLY C 265 15.88 10.27 -16.68
C GLY C 265 16.47 11.66 -16.80
N SER C 266 16.69 12.12 -18.03
CA SER C 266 17.26 13.45 -18.26
C SER C 266 16.18 14.51 -18.34
N ARG C 267 16.38 15.60 -17.60
CA ARG C 267 15.46 16.74 -17.62
C ARG C 267 15.39 17.39 -19.00
N LEU C 268 16.40 17.16 -19.84
CA LEU C 268 16.44 17.71 -21.19
C LEU C 268 15.68 16.85 -22.22
N ASP C 269 15.42 15.58 -21.86
CA ASP C 269 14.75 14.62 -22.75
C ASP C 269 14.08 13.54 -21.89
N PRO C 270 13.04 13.91 -21.17
CA PRO C 270 12.57 13.06 -20.08
C PRO C 270 11.79 11.82 -20.50
N TYR C 271 11.95 10.76 -19.73
CA TYR C 271 11.09 9.59 -19.80
C TYR C 271 9.87 9.91 -18.97
N MET C 272 8.78 9.18 -19.18
CA MET C 272 7.55 9.46 -18.43
C MET C 272 6.80 8.24 -17.93
N ARG C 273 5.95 8.49 -16.93
CA ARG C 273 5.23 7.47 -16.19
C ARG C 273 3.87 8.05 -15.79
N LEU C 274 2.87 7.68 -16.58
CA LEU C 274 1.56 8.34 -16.57
C LEU C 274 0.42 7.33 -16.60
N ASP C 275 -0.50 7.45 -15.66
CA ASP C 275 -1.78 6.75 -15.77
C ASP C 275 -2.87 7.64 -15.18
N PRO C 276 -3.31 8.63 -15.95
CA PRO C 276 -4.20 9.67 -15.46
C PRO C 276 -5.43 9.15 -14.71
N TYR C 277 -6.00 8.05 -15.19
CA TYR C 277 -7.20 7.45 -14.60
C TYR C 277 -6.95 6.93 -13.18
N PHE C 278 -5.71 6.59 -12.86
CA PHE C 278 -5.36 6.11 -11.55
C PHE C 278 -4.39 7.09 -10.85
N THR C 279 -4.49 8.37 -11.21
CA THR C 279 -3.64 9.40 -10.62
C THR C 279 -4.43 10.38 -9.75
N SER C 280 -3.83 10.74 -8.63
CA SER C 280 -4.28 11.86 -7.80
C SER C 280 -3.07 12.65 -7.31
N VAL C 281 -3.30 13.92 -6.98
CA VAL C 281 -2.26 14.79 -6.42
C VAL C 281 -2.76 15.38 -5.11
N PRO C 282 -1.93 15.38 -4.06
CA PRO C 282 -2.27 16.07 -2.80
C PRO C 282 -2.81 17.48 -3.02
N GLN C 283 -3.92 17.79 -2.35
CA GLN C 283 -4.64 19.07 -2.52
C GLN C 283 -3.78 20.28 -2.18
N ASP C 284 -2.98 20.17 -1.12
CA ASP C 284 -2.11 21.24 -0.68
C ASP C 284 -1.06 21.60 -1.73
N ASP C 285 -0.50 20.60 -2.39
CA ASP C 285 0.63 20.82 -3.31
C ASP C 285 0.17 21.48 -4.62
N THR C 286 -0.03 22.80 -4.53
CA THR C 286 -0.48 23.62 -5.65
C THR C 286 0.48 23.60 -6.85
N ASP C 287 1.78 23.57 -6.58
CA ASP C 287 2.79 23.54 -7.67
C ASP C 287 2.75 22.25 -8.47
N ALA C 288 2.45 21.13 -7.83
CA ALA C 288 2.38 19.83 -8.49
C ALA C 288 1.10 19.67 -9.29
N ARG C 289 -0.01 20.17 -8.75
CA ARG C 289 -1.31 20.06 -9.41
C ARG C 289 -1.31 20.82 -10.75
N ARG C 290 -0.65 21.97 -10.79
CA ARG C 290 -0.58 22.77 -12.02
C ARG C 290 0.37 22.15 -13.03
N ALA C 291 1.46 21.57 -12.53
CA ALA C 291 2.42 20.88 -13.39
C ALA C 291 1.82 19.63 -14.01
N TYR C 292 1.13 18.82 -13.22
CA TYR C 292 0.51 17.60 -13.73
C TYR C 292 -0.58 17.93 -14.72
N ASP C 293 -1.41 18.92 -14.40
CA ASP C 293 -2.50 19.32 -15.28
C ASP C 293 -1.95 19.73 -16.63
N ALA C 294 -0.85 20.48 -16.61
CA ALA C 294 -0.16 20.87 -17.83
C ALA C 294 0.32 19.63 -18.57
N LEU C 295 1.04 18.75 -17.88
CA LEU C 295 1.55 17.51 -18.46
C LEU C 295 0.45 16.68 -19.12
N PHE C 296 -0.69 16.54 -18.45
CA PHE C 296 -1.85 15.81 -19.00
C PHE C 296 -2.34 16.45 -20.28
N LYS C 297 -2.58 17.75 -20.26
CA LYS C 297 -3.08 18.45 -21.45
C LYS C 297 -2.13 18.33 -22.63
N VAL C 298 -0.84 18.52 -22.36
CA VAL C 298 0.21 18.42 -23.38
C VAL C 298 0.19 17.05 -24.04
N VAL C 299 0.12 16.00 -23.23
CA VAL C 299 0.16 14.62 -23.73
C VAL C 299 -1.17 14.24 -24.37
N ASP C 300 -2.26 14.79 -23.85
CA ASP C 300 -3.59 14.54 -24.45
C ASP C 300 -3.73 15.15 -25.85
N SER C 301 -3.18 16.35 -26.05
CA SER C 301 -3.28 17.02 -27.36
C SER C 301 -2.35 16.45 -28.42
N GLY C 302 -1.31 15.73 -27.97
CA GLY C 302 -0.35 15.11 -28.89
C GLY C 302 -0.64 13.66 -29.24
N MET C 303 -1.78 13.14 -28.81
CA MET C 303 -2.14 11.75 -29.10
C MET C 303 -2.33 11.57 -30.60
N ARG C 304 -1.62 10.59 -31.14
CA ARG C 304 -1.74 10.20 -32.54
C ARG C 304 -2.53 8.89 -32.62
N GLU C 305 -3.17 8.68 -33.76
CA GLU C 305 -3.87 7.42 -34.03
C GLU C 305 -2.99 6.55 -34.92
N VAL C 306 -2.76 5.31 -34.48
CA VAL C 306 -1.91 4.36 -35.20
C VAL C 306 -2.66 3.04 -35.32
N VAL C 307 -3.08 2.68 -36.54
CA VAL C 307 -3.79 1.43 -36.78
C VAL C 307 -2.78 0.30 -37.03
N ALA C 308 -2.85 -0.71 -36.16
CA ALA C 308 -2.12 -1.93 -36.39
C ALA C 308 -3.01 -2.86 -37.19
N ASP C 309 -2.72 -2.95 -38.49
CA ASP C 309 -3.50 -3.80 -39.37
C ASP C 309 -2.94 -5.22 -39.35
N GLN C 310 -3.74 -6.17 -39.82
CA GLN C 310 -3.29 -7.55 -39.91
C GLN C 310 -1.91 -7.59 -40.54
N GLY C 311 -0.99 -8.27 -39.88
CA GLY C 311 0.40 -8.35 -40.35
C GLY C 311 1.30 -7.25 -39.82
N ASP C 312 0.74 -6.30 -39.07
CA ASP C 312 1.52 -5.26 -38.39
C ASP C 312 1.94 -5.71 -37.00
N VAL C 313 3.21 -5.48 -36.68
CA VAL C 313 3.69 -5.61 -35.31
C VAL C 313 4.06 -4.23 -34.84
N LEU C 314 3.33 -3.73 -33.85
CA LEU C 314 3.57 -2.42 -33.25
C LEU C 314 4.48 -2.51 -32.03
N PHE C 315 5.53 -1.67 -32.03
CA PHE C 315 6.50 -1.65 -30.94
C PHE C 315 6.35 -0.35 -30.19
N ILE C 316 6.15 -0.44 -28.89
CA ILE C 316 5.89 0.74 -28.07
C ILE C 316 6.98 0.88 -27.02
N ASP C 317 7.68 2.02 -27.07
CA ASP C 317 8.61 2.41 -26.02
C ASP C 317 7.81 2.88 -24.82
N ASN C 318 7.79 2.08 -23.77
CA ASN C 318 7.01 2.38 -22.59
C ASN C 318 7.60 3.52 -21.74
N HIS C 319 8.83 3.93 -22.04
CA HIS C 319 9.42 5.11 -21.41
C HIS C 319 8.99 6.38 -22.12
N ARG C 320 8.83 6.30 -23.44
CA ARG C 320 8.63 7.49 -24.25
C ARG C 320 7.22 7.64 -24.82
N ALA C 321 6.32 6.71 -24.53
CA ALA C 321 4.96 6.81 -25.04
C ALA C 321 3.94 6.20 -24.13
N VAL C 322 2.78 6.84 -24.10
CA VAL C 322 1.59 6.28 -23.49
C VAL C 322 0.74 5.68 -24.61
N HIS C 323 -0.12 4.73 -24.28
CA HIS C 323 -0.98 4.11 -25.27
C HIS C 323 -2.40 3.93 -24.78
N GLY C 324 -3.34 3.97 -25.72
CA GLY C 324 -4.72 3.59 -25.47
C GLY C 324 -5.35 2.93 -26.67
N ARG C 325 -6.66 2.72 -26.60
CA ARG C 325 -7.44 2.16 -27.71
C ARG C 325 -8.79 2.86 -27.78
N LEU C 326 -9.21 3.22 -28.99
CA LEU C 326 -10.48 3.91 -29.19
C LEU C 326 -11.66 2.94 -29.03
N PRO C 327 -12.88 3.49 -28.89
CA PRO C 327 -14.07 2.62 -28.75
C PRO C 327 -14.50 1.99 -30.08
N PHE C 328 -14.88 0.72 -30.04
CA PHE C 328 -15.39 0.04 -31.23
C PHE C 328 -16.43 -1.00 -30.87
N GLN C 329 -17.28 -1.34 -31.84
CA GLN C 329 -18.33 -2.36 -31.64
C GLN C 329 -17.84 -3.72 -32.13
N ALA C 330 -17.79 -4.68 -31.22
CA ALA C 330 -17.37 -6.04 -31.53
C ALA C 330 -18.55 -6.93 -31.89
N ARG C 331 -18.27 -8.01 -32.63
CA ARG C 331 -19.30 -8.92 -33.15
C ARG C 331 -19.45 -10.22 -32.34
N TYR C 332 -18.37 -10.62 -31.66
CA TYR C 332 -18.34 -11.86 -30.84
C TYR C 332 -18.69 -13.13 -31.62
N ASP C 333 -18.41 -13.11 -32.92
CA ASP C 333 -18.69 -14.23 -33.84
C ASP C 333 -17.41 -14.96 -34.29
N GLY C 334 -16.29 -14.63 -33.66
CA GLY C 334 -15.00 -15.23 -34.00
C GLY C 334 -14.25 -14.54 -35.14
N THR C 335 -14.69 -13.33 -35.50
CA THR C 335 -14.03 -12.56 -36.57
C THR C 335 -13.48 -11.23 -36.05
N ASP C 336 -13.48 -11.07 -34.72
CA ASP C 336 -13.07 -9.82 -34.09
C ASP C 336 -11.58 -9.54 -34.11
N ARG C 337 -11.25 -8.25 -34.00
CA ARG C 337 -9.90 -7.77 -33.72
C ARG C 337 -9.16 -8.68 -32.75
N TRP C 338 -7.94 -9.05 -33.11
CA TRP C 338 -7.14 -9.95 -32.27
C TRP C 338 -5.67 -9.56 -32.32
N LEU C 339 -5.17 -9.00 -31.22
CA LEU C 339 -3.75 -8.69 -31.10
C LEU C 339 -3.11 -9.60 -30.07
N LYS C 340 -1.80 -9.81 -30.22
CA LYS C 340 -0.99 -10.44 -29.18
C LYS C 340 -0.10 -9.40 -28.54
N ARG C 341 0.16 -9.56 -27.26
CA ARG C 341 1.05 -8.64 -26.51
C ARG C 341 2.18 -9.40 -25.84
N VAL C 342 3.38 -8.84 -25.95
CA VAL C 342 4.53 -9.31 -25.18
C VAL C 342 5.15 -8.11 -24.47
N CYS C 343 5.46 -8.31 -23.20
CA CYS C 343 6.15 -7.33 -22.37
C CYS C 343 7.66 -7.57 -22.36
N VAL C 344 8.43 -6.48 -22.46
CA VAL C 344 9.89 -6.56 -22.59
C VAL C 344 10.61 -5.78 -21.50
N THR C 345 11.51 -6.44 -20.78
CA THR C 345 12.34 -5.79 -19.80
C THR C 345 13.79 -5.73 -20.29
N SER C 346 14.45 -4.59 -20.10
CA SER C 346 15.86 -4.40 -20.47
C SER C 346 16.78 -5.05 -19.45
N ASP C 347 16.25 -5.41 -18.28
CA ASP C 347 17.07 -5.92 -17.19
C ASP C 347 16.24 -6.79 -16.27
N LEU C 348 16.27 -8.09 -16.51
CA LEU C 348 15.45 -9.06 -15.79
C LEU C 348 15.80 -9.18 -14.31
N ARG C 349 17.08 -9.02 -14.01
CA ARG C 349 17.59 -9.20 -12.65
C ARG C 349 17.14 -8.11 -11.69
N ARG C 350 16.90 -6.92 -12.21
CA ARG C 350 16.45 -5.79 -11.39
C ARG C 350 15.15 -6.10 -10.66
N SER C 351 14.38 -7.04 -11.17
CA SER C 351 13.13 -7.44 -10.53
C SER C 351 13.28 -8.71 -9.71
N ARG C 352 14.51 -9.12 -9.44
CA ARG C 352 14.78 -10.38 -8.73
C ARG C 352 14.01 -10.53 -7.41
N GLU C 353 13.91 -9.46 -6.62
CA GLU C 353 13.22 -9.50 -5.33
C GLU C 353 11.73 -9.84 -5.45
N MET C 354 11.15 -9.62 -6.62
CA MET C 354 9.73 -9.90 -6.87
C MET C 354 9.51 -11.12 -7.73
N ARG C 355 10.57 -11.90 -7.95
CA ARG C 355 10.46 -13.17 -8.68
C ARG C 355 10.80 -14.35 -7.75
N ALA C 356 9.98 -15.40 -7.82
CA ALA C 356 10.07 -16.55 -6.90
C ALA C 356 11.42 -17.29 -6.92
N THR C 357 12.02 -17.39 -8.10
CA THR C 357 13.37 -17.96 -8.30
C THR C 357 14.12 -17.10 -9.30
N SER C 358 15.43 -17.32 -9.40
CA SER C 358 16.24 -16.64 -10.42
C SER C 358 15.76 -16.92 -11.85
N ALA C 359 15.38 -18.16 -12.11
CA ALA C 359 15.04 -18.60 -13.47
C ALA C 359 13.66 -18.16 -13.97
N THR C 360 12.77 -17.73 -13.08
CA THR C 360 11.41 -17.39 -13.50
C THR C 360 11.31 -15.99 -14.07
N ARG C 361 10.46 -15.85 -15.08
CA ARG C 361 10.24 -14.58 -15.75
C ARG C 361 8.91 -13.96 -15.36
N LEU C 362 8.32 -14.44 -14.26
CA LEU C 362 7.05 -13.88 -13.79
C LEU C 362 7.21 -13.23 -12.43
N LEU C 363 6.66 -12.02 -12.32
CA LEU C 363 6.68 -11.24 -11.08
C LEU C 363 5.37 -11.42 -10.33
N GLY C 364 5.43 -11.33 -9.00
CA GLY C 364 4.24 -11.49 -8.16
C GLY C 364 4.05 -12.91 -7.69
N THR D 29 33.08 -24.67 -10.51
CA THR D 29 32.66 -23.50 -11.36
C THR D 29 32.70 -23.84 -12.86
N PRO D 30 31.53 -23.87 -13.53
CA PRO D 30 31.45 -24.11 -14.96
C PRO D 30 32.44 -23.31 -15.77
N SER D 31 33.00 -23.95 -16.79
CA SER D 31 33.84 -23.28 -17.78
C SER D 31 33.72 -24.02 -19.12
N TYR D 32 33.99 -23.30 -20.19
CA TYR D 32 33.85 -23.84 -21.53
C TYR D 32 35.19 -23.74 -22.24
N SER D 33 35.62 -24.85 -22.83
CA SER D 33 36.91 -24.90 -23.52
C SER D 33 36.68 -25.09 -25.02
N LEU D 34 37.21 -24.16 -25.81
CA LEU D 34 37.04 -24.17 -27.26
C LEU D 34 37.79 -25.31 -27.93
N THR D 35 37.13 -25.99 -28.86
CA THR D 35 37.80 -26.93 -29.75
C THR D 35 38.70 -26.13 -30.71
N PRO D 36 39.82 -26.72 -31.17
CA PRO D 36 40.71 -26.03 -32.13
C PRO D 36 39.96 -25.45 -33.34
N ALA D 37 38.90 -26.13 -33.76
CA ALA D 37 38.03 -25.64 -34.83
C ALA D 37 37.27 -24.37 -34.40
N GLU D 38 36.70 -24.41 -33.21
CA GLU D 38 35.97 -23.26 -32.66
C GLU D 38 36.87 -22.03 -32.49
N ALA D 39 38.06 -22.25 -31.96
CA ALA D 39 39.03 -21.16 -31.77
C ALA D 39 39.35 -20.51 -33.10
N SER D 40 39.54 -21.34 -34.12
CA SER D 40 39.91 -20.86 -35.46
C SER D 40 38.77 -20.10 -36.12
N ALA D 41 37.56 -20.62 -35.94
CA ALA D 41 36.33 -19.99 -36.43
C ALA D 41 36.14 -18.61 -35.83
N VAL D 42 36.32 -18.53 -34.51
CA VAL D 42 36.25 -17.27 -33.78
C VAL D 42 37.29 -16.31 -34.29
N ALA D 43 38.52 -16.80 -34.41
CA ALA D 43 39.65 -15.98 -34.88
C ALA D 43 39.35 -15.32 -36.23
N GLU D 44 38.91 -16.10 -37.21
CA GLU D 44 38.73 -15.56 -38.56
C GLU D 44 37.55 -14.59 -38.66
N LEU D 45 36.48 -14.87 -37.91
CA LEU D 45 35.33 -13.95 -37.81
C LEU D 45 35.84 -12.63 -37.25
N THR D 46 36.63 -12.76 -36.20
CA THR D 46 37.28 -11.63 -35.55
C THR D 46 38.16 -10.85 -36.56
N LEU D 47 38.90 -11.57 -37.40
CA LEU D 47 39.79 -10.97 -38.42
C LEU D 47 39.00 -10.23 -39.51
N GLU D 48 37.97 -10.91 -40.02
CA GLU D 48 37.05 -10.32 -41.00
C GLU D 48 36.46 -9.00 -40.50
N LEU D 49 35.91 -9.03 -39.29
CA LEU D 49 35.32 -7.85 -38.66
C LEU D 49 36.31 -6.70 -38.45
N ALA D 50 37.56 -7.03 -38.17
CA ALA D 50 38.62 -6.02 -38.03
C ALA D 50 38.88 -5.30 -39.35
N ALA D 51 38.75 -6.02 -40.46
CA ALA D 51 38.94 -5.46 -41.79
C ALA D 51 37.74 -4.63 -42.21
N ALA D 52 36.55 -5.20 -42.03
CA ALA D 52 35.30 -4.61 -42.52
C ALA D 52 34.88 -3.33 -41.77
N TYR D 53 35.32 -3.19 -40.52
CA TYR D 53 35.00 -2.01 -39.70
C TYR D 53 36.25 -1.20 -39.36
N GLY D 54 36.08 0.12 -39.24
CA GLY D 54 37.20 1.05 -39.02
C GLY D 54 37.62 1.26 -37.58
N SER D 55 36.65 1.49 -36.70
CA SER D 55 36.91 1.68 -35.26
C SER D 55 35.64 1.42 -34.43
N PHE D 56 35.72 1.68 -33.13
CA PHE D 56 34.55 1.62 -32.25
C PHE D 56 33.68 2.88 -32.33
N GLY D 57 34.28 4.00 -32.75
CA GLY D 57 33.56 5.25 -32.96
C GLY D 57 32.50 5.15 -34.04
N ASP D 58 32.62 4.12 -34.88
CA ASP D 58 31.63 3.80 -35.91
C ASP D 58 30.36 3.30 -35.25
N PRO D 59 29.24 4.03 -35.42
CA PRO D 59 27.93 3.63 -34.88
C PRO D 59 27.42 2.31 -35.45
N VAL D 60 27.76 2.03 -36.70
CA VAL D 60 27.25 0.83 -37.40
C VAL D 60 27.78 -0.44 -36.72
N LEU D 61 29.04 -0.41 -36.33
CA LEU D 61 29.65 -1.51 -35.59
C LEU D 61 28.92 -1.76 -34.27
N LEU D 62 28.61 -0.68 -33.57
CA LEU D 62 27.88 -0.77 -32.29
C LEU D 62 26.46 -1.29 -32.54
N ARG D 63 25.84 -0.81 -33.62
CA ARG D 63 24.52 -1.28 -34.03
C ARG D 63 24.55 -2.78 -34.33
N ASP D 64 25.52 -3.19 -35.14
CA ASP D 64 25.59 -4.56 -35.67
C ASP D 64 26.01 -5.60 -34.63
N LEU D 65 26.64 -5.15 -33.56
CA LEU D 65 27.24 -6.01 -32.55
C LEU D 65 26.45 -7.29 -32.19
N PRO D 66 25.17 -7.17 -31.74
CA PRO D 66 24.47 -8.42 -31.36
C PRO D 66 24.23 -9.40 -32.51
N ARG D 67 24.04 -8.89 -33.72
CA ARG D 67 23.91 -9.75 -34.91
C ARG D 67 25.26 -10.39 -35.26
N LEU D 68 26.33 -9.59 -35.22
CA LEU D 68 27.68 -10.12 -35.42
C LEU D 68 28.02 -11.23 -34.42
N ALA D 69 27.59 -11.06 -33.18
CA ALA D 69 27.84 -12.05 -32.13
C ALA D 69 27.22 -13.41 -32.43
N ALA D 70 26.11 -13.39 -33.16
CA ALA D 70 25.40 -14.62 -33.54
C ALA D 70 26.18 -15.47 -34.56
N ARG D 71 27.29 -14.94 -35.06
CA ARG D 71 28.17 -15.69 -35.95
C ARG D 71 29.29 -16.44 -35.20
N LEU D 72 29.34 -16.26 -33.89
CA LEU D 72 30.21 -17.06 -33.02
C LEU D 72 29.66 -18.47 -32.93
N PRO D 73 30.51 -19.45 -32.58
CA PRO D 73 30.03 -20.83 -32.51
C PRO D 73 28.78 -20.95 -31.66
N GLU D 74 27.81 -21.70 -32.16
CA GLU D 74 26.53 -21.92 -31.48
C GLU D 74 26.70 -22.32 -30.00
N GLY D 75 27.69 -23.17 -29.74
CA GLY D 75 27.94 -23.68 -28.39
C GLY D 75 28.48 -22.64 -27.42
N VAL D 76 29.13 -21.61 -27.96
CA VAL D 76 29.63 -20.52 -27.15
C VAL D 76 28.45 -19.67 -26.70
N GLN D 77 27.58 -19.35 -27.66
CA GLN D 77 26.37 -18.57 -27.41
C GLN D 77 25.44 -19.25 -26.40
N ASP D 78 25.34 -20.57 -26.50
CA ASP D 78 24.50 -21.35 -25.57
C ASP D 78 25.06 -21.26 -24.16
N PHE D 79 26.38 -21.34 -24.06
CA PHE D 79 27.06 -21.37 -22.76
C PHE D 79 26.86 -20.05 -22.00
N LEU D 80 27.26 -18.94 -22.64
CA LEU D 80 27.10 -17.62 -22.02
C LEU D 80 25.66 -17.29 -21.68
N ARG D 81 24.75 -17.61 -22.59
CA ARG D 81 23.31 -17.45 -22.36
C ARG D 81 22.84 -18.22 -21.13
N GLU D 82 23.37 -19.43 -20.94
CA GLU D 82 23.03 -20.24 -19.77
C GLU D 82 23.58 -19.60 -18.49
N PHE D 83 24.79 -19.06 -18.58
CA PHE D 83 25.44 -18.34 -17.48
C PHE D 83 24.60 -17.14 -17.06
N LYS D 84 24.20 -16.33 -18.04
CA LYS D 84 23.37 -15.15 -17.81
C LYS D 84 21.99 -15.46 -17.23
N LEU D 85 21.28 -16.42 -17.82
CA LEU D 85 19.91 -16.73 -17.36
C LEU D 85 19.88 -17.43 -16.00
N ALA D 86 20.92 -18.22 -15.73
CA ALA D 86 21.00 -18.98 -14.47
C ALA D 86 21.08 -18.09 -13.24
N ASP D 87 21.74 -16.94 -13.38
CA ASP D 87 21.94 -16.00 -12.28
C ASP D 87 22.40 -16.73 -11.02
N ARG D 88 23.43 -17.56 -11.19
CA ARG D 88 23.94 -18.40 -10.11
C ARG D 88 25.41 -18.08 -9.81
N HIS D 89 26.26 -18.23 -10.81
CA HIS D 89 27.70 -18.22 -10.58
C HIS D 89 28.33 -16.85 -10.80
N GLY D 90 29.20 -16.48 -9.88
CA GLY D 90 29.84 -15.18 -9.88
C GLY D 90 30.77 -14.96 -11.07
N HIS D 91 31.18 -16.04 -11.70
CA HIS D 91 32.05 -15.94 -12.87
C HIS D 91 32.02 -17.22 -13.71
N THR D 92 32.40 -17.09 -14.98
CA THR D 92 32.75 -18.22 -15.85
C THR D 92 33.94 -17.83 -16.71
N VAL D 93 34.43 -18.82 -17.46
CA VAL D 93 35.55 -18.64 -18.36
C VAL D 93 35.30 -19.42 -19.64
N ILE D 94 35.78 -18.86 -20.75
CA ILE D 94 35.87 -19.58 -22.01
C ILE D 94 37.35 -19.62 -22.38
N ARG D 95 37.93 -20.81 -22.33
CA ARG D 95 39.36 -21.01 -22.58
C ARG D 95 39.63 -21.44 -24.01
N GLY D 96 40.86 -21.21 -24.45
CA GLY D 96 41.36 -21.77 -25.71
C GLY D 96 41.13 -20.92 -26.94
N HIS D 97 41.19 -19.60 -26.79
CA HIS D 97 41.10 -18.70 -27.93
C HIS D 97 42.45 -18.63 -28.64
N ASP D 98 42.41 -18.48 -29.96
CA ASP D 98 43.61 -18.34 -30.76
C ASP D 98 44.00 -16.87 -30.85
N PHE D 99 44.76 -16.39 -29.87
CA PHE D 99 45.24 -15.01 -29.86
C PHE D 99 46.61 -14.89 -30.53
N ASP D 100 46.63 -14.38 -31.76
CA ASP D 100 47.87 -14.27 -32.57
C ASP D 100 48.88 -13.32 -31.94
N GLN D 101 49.94 -13.89 -31.36
CA GLN D 101 50.93 -13.13 -30.59
C GLN D 101 51.82 -12.24 -31.45
N ARG D 102 52.09 -12.66 -32.68
CA ARG D 102 52.90 -11.85 -33.61
C ARG D 102 52.16 -10.58 -34.01
N ARG D 103 50.87 -10.73 -34.32
CA ARG D 103 50.04 -9.60 -34.75
C ARG D 103 49.78 -8.65 -33.58
N ILE D 104 49.39 -9.20 -32.43
CA ILE D 104 49.13 -8.40 -31.23
C ILE D 104 50.30 -7.44 -30.97
N GLY D 105 51.50 -8.00 -30.88
CA GLY D 105 52.71 -7.20 -30.70
C GLY D 105 53.01 -6.85 -29.25
N PRO D 106 53.88 -5.85 -29.02
CA PRO D 106 54.35 -5.56 -27.69
C PRO D 106 53.32 -4.85 -26.82
N THR D 107 53.34 -5.16 -25.53
CA THR D 107 52.53 -4.48 -24.53
C THR D 107 52.95 -2.99 -24.46
N PRO D 108 52.00 -2.08 -24.72
CA PRO D 108 52.29 -0.63 -24.74
C PRO D 108 52.74 -0.05 -23.40
N ASP D 109 53.20 1.20 -23.43
CA ASP D 109 53.72 1.90 -22.24
C ASP D 109 52.59 2.54 -21.43
N HIS D 110 51.63 3.15 -22.12
CA HIS D 110 50.46 3.73 -21.51
C HIS D 110 49.28 3.59 -22.49
N TRP D 111 48.10 4.01 -22.06
CA TRP D 111 46.90 3.96 -22.89
C TRP D 111 46.58 5.27 -23.61
N ARG D 112 47.23 6.35 -23.22
CA ARG D 112 47.03 7.65 -23.87
C ARG D 112 47.69 7.67 -25.24
N GLY D 113 47.27 8.62 -26.08
CA GLY D 113 47.71 8.67 -27.48
C GLY D 113 47.49 7.32 -28.15
N ARG D 114 48.52 6.85 -28.87
CA ARG D 114 48.56 5.50 -29.46
C ARG D 114 47.46 5.26 -30.51
N VAL D 115 47.89 4.96 -31.74
CA VAL D 115 46.97 4.77 -32.87
C VAL D 115 45.85 3.78 -32.52
N ARG D 116 44.66 4.32 -32.27
CA ARG D 116 43.52 3.52 -31.84
C ARG D 116 42.55 3.35 -33.01
N PRO D 117 42.10 2.12 -33.28
CA PRO D 117 42.49 0.90 -32.57
C PRO D 117 43.73 0.25 -33.16
N GLY D 118 44.51 -0.39 -32.30
CA GLY D 118 45.78 -1.00 -32.69
C GLY D 118 45.63 -2.31 -33.45
N PRO D 119 46.73 -3.09 -33.57
CA PRO D 119 46.71 -4.36 -34.29
C PRO D 119 45.98 -5.48 -33.55
N GLU D 120 45.79 -5.30 -32.24
CA GLU D 120 45.03 -6.23 -31.39
C GLU D 120 43.51 -5.98 -31.46
N PHE D 121 43.11 -5.10 -32.37
CA PHE D 121 41.69 -4.77 -32.65
C PHE D 121 40.76 -6.00 -32.74
N PRO D 122 41.14 -7.03 -33.53
CA PRO D 122 40.40 -8.28 -33.55
C PRO D 122 39.94 -8.79 -32.18
N GLU D 123 40.86 -8.80 -31.22
CA GLU D 123 40.57 -9.25 -29.85
C GLU D 123 39.62 -8.30 -29.11
N GLU D 124 39.70 -7.01 -29.42
CA GLU D 124 38.79 -6.03 -28.83
C GLU D 124 37.36 -6.28 -29.31
N LEU D 125 37.21 -6.56 -30.59
CA LEU D 125 35.92 -6.89 -31.19
C LEU D 125 35.31 -8.14 -30.55
N LEU D 126 36.14 -9.16 -30.34
CA LEU D 126 35.68 -10.40 -29.73
C LEU D 126 34.98 -10.11 -28.42
N LEU D 127 35.66 -9.38 -27.55
CA LEU D 127 35.10 -9.02 -26.25
C LEU D 127 33.83 -8.16 -26.37
N MET D 128 33.76 -7.34 -27.42
CA MET D 128 32.57 -6.56 -27.70
C MET D 128 31.41 -7.46 -28.16
N LEU D 129 31.71 -8.44 -28.99
CA LEU D 129 30.70 -9.43 -29.39
C LEU D 129 30.12 -10.07 -28.15
N TYR D 130 31.03 -10.51 -27.28
CA TYR D 130 30.67 -11.14 -26.04
C TYR D 130 29.79 -10.25 -25.16
N SER D 131 30.06 -8.95 -25.16
CA SER D 131 29.31 -8.00 -24.34
C SER D 131 27.88 -7.83 -24.84
N ALA D 132 27.68 -7.93 -26.15
CA ALA D 132 26.35 -7.86 -26.76
C ALA D 132 25.53 -9.10 -26.41
N LEU D 133 26.20 -10.23 -26.23
CA LEU D 133 25.54 -11.45 -25.85
C LEU D 133 24.99 -11.34 -24.43
N LEU D 134 25.66 -10.54 -23.60
CA LEU D 134 25.30 -10.36 -22.20
C LEU D 134 24.44 -9.13 -21.96
N GLY D 135 24.70 -8.06 -22.70
CA GLY D 135 23.99 -6.80 -22.49
C GLY D 135 24.48 -5.76 -23.46
N GLU D 136 24.91 -4.60 -22.94
CA GLU D 136 25.43 -3.51 -23.77
C GLU D 136 26.79 -3.01 -23.24
N PRO D 137 27.77 -2.85 -24.13
CA PRO D 137 29.03 -2.28 -23.72
C PRO D 137 28.88 -0.79 -23.50
N PHE D 138 29.34 -0.32 -22.35
CA PHE D 138 29.33 1.10 -22.04
C PHE D 138 30.68 1.47 -21.45
N GLY D 139 30.89 2.76 -21.23
CA GLY D 139 32.13 3.23 -20.61
C GLY D 139 31.91 4.51 -19.83
N TRP D 140 33.01 5.02 -19.29
CA TRP D 140 33.01 6.29 -18.57
C TRP D 140 33.93 7.24 -19.30
N ALA D 141 33.52 8.50 -19.43
CA ALA D 141 34.40 9.53 -19.96
C ALA D 141 35.44 9.89 -18.88
N THR D 142 35.04 9.69 -17.63
CA THR D 142 35.91 9.95 -16.47
C THR D 142 37.08 8.97 -16.35
N GLN D 143 37.00 7.85 -17.08
CA GLN D 143 37.94 6.73 -16.94
C GLN D 143 38.52 6.26 -18.28
N GLN D 144 39.85 6.29 -18.37
CA GLN D 144 40.62 5.87 -19.56
C GLN D 144 40.14 6.49 -20.89
N ASP D 145 39.71 7.74 -20.83
CA ASP D 145 39.33 8.57 -22.00
C ASP D 145 38.17 8.03 -22.86
N GLY D 146 37.14 7.50 -22.18
CA GLY D 146 35.91 7.06 -22.85
C GLY D 146 36.06 5.94 -23.85
N HIS D 147 37.14 5.18 -23.75
CA HIS D 147 37.32 3.99 -24.57
C HIS D 147 36.40 2.90 -24.06
N LEU D 148 35.72 2.23 -24.99
CA LEU D 148 34.79 1.16 -24.62
C LEU D 148 35.55 -0.11 -24.23
N VAL D 149 36.76 -0.26 -24.74
CA VAL D 149 37.62 -1.37 -24.35
C VAL D 149 38.84 -0.85 -23.58
N HIS D 150 38.87 -1.13 -22.27
CA HIS D 150 39.95 -0.69 -21.39
C HIS D 150 41.19 -1.55 -21.54
N ASP D 151 42.34 -0.90 -21.62
CA ASP D 151 43.63 -1.56 -21.54
C ASP D 151 43.97 -1.85 -20.08
N ILE D 152 44.52 -3.03 -19.81
CA ILE D 152 45.01 -3.40 -18.48
C ILE D 152 46.44 -3.93 -18.58
N PHE D 153 47.37 -3.20 -17.95
CA PHE D 153 48.78 -3.60 -17.87
C PHE D 153 49.53 -2.73 -16.85
N PRO D 154 50.69 -3.19 -16.35
CA PRO D 154 51.47 -2.34 -15.45
C PRO D 154 52.12 -1.15 -16.14
N ILE D 155 52.07 0.01 -15.49
CA ILE D 155 52.68 1.25 -16.01
C ILE D 155 53.74 1.75 -15.02
N ARG D 156 54.71 2.51 -15.55
CA ARG D 156 55.80 3.12 -14.77
C ARG D 156 55.34 3.70 -13.41
N SER D 157 54.63 4.83 -13.46
CA SER D 157 54.30 5.59 -12.25
C SER D 157 53.09 5.04 -11.48
N HIS D 158 52.34 4.13 -12.09
CA HIS D 158 51.20 3.48 -11.42
C HIS D 158 51.66 2.12 -10.87
N GLU D 159 52.52 2.18 -9.86
CA GLU D 159 53.13 0.99 -9.27
C GLU D 159 52.50 0.63 -7.93
N ASN D 160 52.52 1.57 -6.99
CA ASN D 160 52.05 1.35 -5.62
C ASN D 160 50.55 1.64 -5.43
N ASP D 161 49.86 1.95 -6.52
CA ASP D 161 48.46 2.35 -6.48
C ASP D 161 47.50 1.18 -6.27
N GLN D 162 46.28 1.51 -5.83
CA GLN D 162 45.17 0.56 -5.77
C GLN D 162 44.32 0.64 -7.04
N LEU D 163 44.99 0.58 -8.18
CA LEU D 163 44.37 0.69 -9.50
C LEU D 163 44.59 -0.59 -10.31
N GLY D 164 43.89 -0.69 -11.44
CA GLY D 164 44.04 -1.82 -12.36
C GLY D 164 45.39 -1.88 -13.05
N MET D 165 45.97 -0.71 -13.29
CA MET D 165 47.29 -0.59 -13.91
C MET D 165 48.40 -0.80 -12.88
N GLY D 166 48.02 -1.13 -11.64
CA GLY D 166 48.95 -1.44 -10.58
C GLY D 166 49.64 -2.79 -10.76
N SER D 167 50.70 -3.01 -10.00
CA SER D 167 51.49 -4.24 -10.07
C SER D 167 52.05 -4.69 -8.72
N LYS D 168 52.68 -3.76 -7.99
CA LYS D 168 53.37 -4.07 -6.73
C LYS D 168 52.45 -4.37 -5.55
N GLN D 169 51.45 -3.51 -5.32
CA GLN D 169 50.51 -3.70 -4.20
C GLN D 169 49.34 -4.61 -4.58
N LEU D 170 48.98 -5.50 -3.65
CA LEU D 170 47.84 -6.41 -3.83
C LEU D 170 46.57 -5.59 -3.98
N LEU D 171 46.05 -5.55 -5.20
CA LEU D 171 44.77 -4.89 -5.50
C LEU D 171 43.67 -5.58 -4.71
N THR D 172 43.26 -4.96 -3.60
CA THR D 172 42.24 -5.53 -2.74
C THR D 172 40.95 -5.73 -3.54
N TRP D 173 40.22 -6.78 -3.19
CA TRP D 173 39.04 -7.13 -3.92
C TRP D 173 37.91 -6.13 -3.74
N HIS D 174 36.98 -6.13 -4.69
CA HIS D 174 35.89 -5.16 -4.76
C HIS D 174 34.92 -5.45 -5.89
N THR D 175 33.68 -5.04 -5.69
CA THR D 175 32.71 -4.88 -6.77
C THR D 175 33.22 -3.73 -7.64
N GLU D 176 33.12 -3.86 -8.96
CA GLU D 176 33.55 -2.79 -9.85
C GLU D 176 32.64 -1.58 -9.69
N ASP D 177 33.24 -0.41 -9.50
CA ASP D 177 32.54 0.86 -9.32
C ASP D 177 31.37 0.78 -8.32
N ALA D 178 31.65 0.21 -7.16
CA ALA D 178 30.62 -0.18 -6.19
C ALA D 178 29.71 0.96 -5.73
N PHE D 179 30.29 2.14 -5.54
CA PHE D 179 29.54 3.35 -5.14
C PHE D 179 28.46 3.78 -6.12
N HIS D 180 28.67 3.47 -7.40
CA HIS D 180 27.86 4.03 -8.49
C HIS D 180 26.58 3.25 -8.76
N PRO D 181 25.44 3.95 -8.85
CA PRO D 181 24.15 3.24 -9.07
C PRO D 181 24.03 2.58 -10.44
N TYR D 182 24.78 3.07 -11.42
CA TYR D 182 24.77 2.55 -12.79
C TYR D 182 26.07 1.82 -13.15
N ARG D 183 26.68 1.20 -12.14
CA ARG D 183 27.89 0.40 -12.29
C ARG D 183 27.63 -0.80 -13.17
N SER D 184 28.70 -1.40 -13.66
CA SER D 184 28.63 -2.56 -14.55
C SER D 184 27.79 -3.66 -13.93
N ASP D 185 27.03 -4.35 -14.77
CA ASP D 185 26.34 -5.56 -14.37
C ASP D 185 27.25 -6.78 -14.58
N TYR D 186 28.13 -6.68 -15.57
CA TYR D 186 29.10 -7.73 -15.87
C TYR D 186 30.43 -7.12 -16.26
N LEU D 187 31.51 -7.84 -15.97
CA LEU D 187 32.84 -7.46 -16.45
C LEU D 187 33.36 -8.54 -17.38
N ILE D 188 33.99 -8.11 -18.46
CA ILE D 188 34.65 -9.04 -19.37
C ILE D 188 36.13 -8.75 -19.36
N LEU D 189 36.93 -9.76 -19.03
CA LEU D 189 38.39 -9.65 -18.99
C LEU D 189 39.01 -10.64 -19.97
N GLY D 190 39.50 -10.12 -21.10
CA GLY D 190 40.16 -10.95 -22.11
C GLY D 190 41.67 -10.97 -21.91
N ALA D 191 42.20 -12.12 -21.52
CA ALA D 191 43.64 -12.27 -21.29
C ALA D 191 44.41 -12.39 -22.59
N LEU D 192 44.99 -11.26 -23.03
CA LEU D 192 45.82 -11.25 -24.23
C LEU D 192 47.10 -12.06 -24.01
N ARG D 193 47.81 -11.76 -22.93
CA ARG D 193 48.98 -12.54 -22.52
C ARG D 193 49.19 -12.50 -21.01
N ASN D 194 49.55 -13.64 -20.45
CA ASN D 194 49.82 -13.76 -19.02
C ASN D 194 50.98 -14.75 -18.78
N PRO D 195 52.23 -14.30 -19.01
CA PRO D 195 53.39 -15.19 -18.98
C PRO D 195 53.59 -15.87 -17.63
N ASP D 196 53.63 -15.08 -16.56
CA ASP D 196 53.90 -15.59 -15.21
C ASP D 196 52.67 -16.25 -14.55
N HIS D 197 51.62 -16.46 -15.34
CA HIS D 197 50.35 -17.04 -14.89
C HIS D 197 49.80 -16.30 -13.66
N VAL D 198 49.77 -14.98 -13.76
CA VAL D 198 49.35 -14.09 -12.67
C VAL D 198 47.85 -14.27 -12.41
N PRO D 199 47.49 -14.74 -11.19
CA PRO D 199 46.10 -15.06 -10.90
C PRO D 199 45.23 -13.83 -10.70
N THR D 200 43.98 -13.93 -11.14
CA THR D 200 42.95 -12.97 -10.77
C THR D 200 42.16 -13.63 -9.65
N THR D 201 41.91 -12.86 -8.60
CA THR D 201 41.13 -13.35 -7.47
C THR D 201 39.66 -12.96 -7.65
N VAL D 202 38.76 -13.93 -7.46
CA VAL D 202 37.32 -13.66 -7.44
C VAL D 202 36.72 -14.35 -6.23
N GLY D 203 35.63 -13.79 -5.72
CA GLY D 203 34.97 -14.34 -4.54
C GLY D 203 33.48 -14.12 -4.60
N GLU D 204 32.72 -15.12 -4.14
CA GLU D 204 31.26 -15.08 -4.18
C GLU D 204 30.69 -14.94 -2.77
N LEU D 205 29.40 -15.23 -2.59
CA LEU D 205 28.76 -15.02 -1.31
C LEU D 205 28.22 -16.31 -0.70
N ASP D 206 29.01 -16.88 0.22
CA ASP D 206 28.57 -18.02 1.01
C ASP D 206 27.55 -17.51 2.03
N LEU D 207 26.28 -17.61 1.69
CA LEU D 207 25.20 -17.03 2.49
C LEU D 207 24.97 -17.78 3.81
N SER D 208 25.21 -19.09 3.80
CA SER D 208 25.01 -19.95 4.97
C SER D 208 25.82 -19.52 6.19
N SER D 209 26.99 -18.94 5.93
CA SER D 209 27.95 -18.58 6.97
C SER D 209 27.53 -17.35 7.80
N LEU D 210 26.37 -16.77 7.48
CA LEU D 210 25.90 -15.56 8.15
C LEU D 210 24.50 -15.75 8.76
N SER D 211 24.32 -15.16 9.94
CA SER D 211 23.03 -15.13 10.60
C SER D 211 22.04 -14.27 9.80
N ALA D 212 20.75 -14.60 9.90
CA ALA D 212 19.70 -13.83 9.22
C ALA D 212 19.50 -12.45 9.85
N GLU D 213 20.00 -12.27 11.06
CA GLU D 213 20.00 -10.98 11.74
C GLU D 213 20.99 -10.01 11.06
N ASP D 214 22.19 -10.52 10.74
CA ASP D 214 23.21 -9.76 10.03
C ASP D 214 22.74 -9.35 8.63
N ILE D 215 22.30 -10.33 7.86
CA ILE D 215 21.79 -10.11 6.50
C ILE D 215 20.75 -8.98 6.48
N ASP D 216 19.86 -8.98 7.46
CA ASP D 216 18.81 -7.96 7.56
C ASP D 216 19.35 -6.54 7.75
N VAL D 217 20.50 -6.44 8.42
CA VAL D 217 21.16 -5.14 8.64
C VAL D 217 21.90 -4.71 7.37
N LEU D 218 22.53 -5.66 6.69
CA LEU D 218 23.25 -5.43 5.42
C LEU D 218 22.37 -4.99 4.26
N PHE D 219 21.07 -5.32 4.34
CA PHE D 219 20.08 -4.85 3.35
C PHE D 219 19.62 -3.42 3.58
N GLU D 220 19.85 -2.89 4.78
CA GLU D 220 19.44 -1.53 5.13
C GLU D 220 20.50 -0.50 4.72
N PRO D 221 20.06 0.74 4.43
CA PRO D 221 20.99 1.77 3.96
C PRO D 221 21.84 2.36 5.10
N ARG D 222 22.87 1.63 5.52
CA ARG D 222 23.64 1.98 6.72
C ARG D 222 25.15 2.05 6.49
N TYR D 223 25.58 2.01 5.23
CA TYR D 223 27.00 1.87 4.91
C TYR D 223 27.46 2.89 3.88
N HIS D 224 28.68 3.39 4.05
CA HIS D 224 29.20 4.43 3.18
C HIS D 224 30.27 3.84 2.27
N ILE D 225 30.05 3.94 0.96
CA ILE D 225 31.07 3.57 -0.03
C ILE D 225 31.43 4.76 -0.93
N ALA D 226 32.69 5.18 -0.90
CA ALA D 226 33.14 6.34 -1.65
C ALA D 226 33.57 5.99 -3.07
N PRO D 227 33.56 6.97 -4.00
CA PRO D 227 34.06 6.80 -5.37
C PRO D 227 35.54 6.47 -5.45
N ASP D 228 35.88 5.40 -6.16
CA ASP D 228 37.26 4.92 -6.23
C ASP D 228 38.15 5.82 -7.09
N GLU D 229 39.42 5.43 -7.21
CA GLU D 229 40.37 6.15 -8.04
C GLU D 229 40.10 5.84 -9.52
N SER D 230 40.74 6.59 -10.41
CA SER D 230 40.41 6.63 -11.85
C SER D 230 39.06 7.32 -12.12
N HIS D 231 38.43 7.79 -11.05
CA HIS D 231 37.36 8.78 -11.12
C HIS D 231 37.93 10.10 -10.61
N LEU D 232 39.26 10.17 -10.57
CA LEU D 232 39.99 11.37 -10.16
C LEU D 232 40.59 12.08 -11.39
N PRO D 233 40.71 13.42 -11.35
CA PRO D 233 41.24 14.18 -12.50
C PRO D 233 42.72 13.92 -12.83
N LYS D 234 43.49 13.50 -11.82
CA LYS D 234 44.94 13.24 -11.98
C LYS D 234 45.25 11.87 -12.59
N ASN D 235 44.22 11.03 -12.75
CA ASN D 235 44.34 9.72 -13.41
C ASN D 235 43.79 9.71 -14.84
N ASN D 236 43.50 10.90 -15.37
CA ASN D 236 43.03 11.09 -16.75
C ASN D 236 43.67 12.31 -17.41
N THR D 237 43.33 12.55 -18.67
CA THR D 237 43.81 13.73 -19.39
C THR D 237 43.16 15.00 -18.84
N ILE D 238 43.93 16.09 -18.85
CA ILE D 238 43.52 17.40 -18.33
C ILE D 238 42.18 17.80 -18.95
N ALA D 239 41.24 18.25 -18.13
CA ALA D 239 39.85 18.48 -18.56
C ALA D 239 39.64 19.77 -19.36
N THR D 240 38.88 19.66 -20.45
CA THR D 240 38.47 20.82 -21.25
C THR D 240 37.31 21.52 -20.55
N GLU D 241 37.24 22.85 -20.67
CA GLU D 241 36.17 23.64 -20.03
C GLU D 241 34.88 23.72 -20.86
N GLU D 242 34.89 23.10 -22.04
CA GLU D 242 33.67 22.86 -22.80
C GLU D 242 32.88 21.75 -22.10
N GLU D 243 33.61 20.79 -21.54
CA GLU D 243 33.04 19.73 -20.71
C GLU D 243 32.71 20.28 -19.33
N ALA D 244 31.53 20.90 -19.22
CA ALA D 244 31.08 21.51 -17.96
C ALA D 244 30.80 20.43 -16.91
N ALA D 245 29.92 19.48 -17.25
CA ALA D 245 29.59 18.36 -16.36
C ALA D 245 30.31 17.08 -16.80
N ARG D 246 31.50 16.86 -16.24
CA ARG D 246 32.33 15.71 -16.58
C ARG D 246 32.91 15.06 -15.32
N PHE D 247 33.56 15.87 -14.48
CA PHE D 247 34.01 15.43 -13.15
C PHE D 247 33.12 16.02 -12.03
N ALA D 248 31.96 16.54 -12.41
CA ALA D 248 31.04 17.22 -11.48
C ALA D 248 29.82 16.36 -11.08
N THR D 249 29.62 15.23 -11.77
CA THR D 249 28.60 14.26 -11.38
C THR D 249 29.15 13.31 -10.31
N ILE D 250 30.47 13.20 -10.24
CA ILE D 250 31.17 12.48 -9.17
C ILE D 250 31.17 13.34 -7.88
N GLN D 251 31.36 14.65 -8.05
CA GLN D 251 31.37 15.60 -6.94
C GLN D 251 29.97 15.93 -6.37
N ARG D 252 28.92 15.42 -7.00
CA ARG D 252 27.56 15.53 -6.47
C ARG D 252 27.33 14.47 -5.39
N MET D 253 27.92 13.29 -5.59
CA MET D 253 27.81 12.17 -4.66
C MET D 253 28.67 12.38 -3.40
N ILE D 254 29.85 12.96 -3.60
CA ILE D 254 30.77 13.30 -2.49
C ILE D 254 30.16 14.35 -1.58
N ASP D 255 29.49 15.34 -2.17
CA ASP D 255 28.85 16.43 -1.41
C ASP D 255 27.77 15.93 -0.46
N GLU D 256 27.05 14.89 -0.86
CA GLU D 256 25.90 14.38 -0.10
C GLU D 256 26.28 13.31 0.93
N ARG D 257 27.33 12.54 0.64
CA ARG D 257 27.77 11.38 1.46
C ARG D 257 26.62 10.49 1.96
N PRO D 258 25.89 9.85 1.02
CA PRO D 258 24.71 9.09 1.42
C PRO D 258 25.08 7.71 1.95
N LEU D 259 24.17 7.11 2.70
CA LEU D 259 24.34 5.74 3.15
C LEU D 259 23.55 4.80 2.24
N GLY D 260 24.08 3.59 2.04
CA GLY D 260 23.45 2.60 1.19
C GLY D 260 23.71 1.18 1.67
N PRO D 261 22.89 0.22 1.19
CA PRO D 261 23.06 -1.17 1.55
C PRO D 261 24.30 -1.79 0.94
N LEU D 262 24.66 -2.97 1.42
CA LEU D 262 25.71 -3.77 0.82
C LEU D 262 25.13 -5.01 0.17
N LEU D 263 23.94 -5.41 0.63
CA LEU D 263 23.18 -6.51 0.05
C LEU D 263 21.83 -6.01 -0.49
N TYR D 264 21.42 -6.56 -1.63
CA TYR D 264 20.14 -6.19 -2.27
C TYR D 264 19.62 -7.35 -3.10
N GLY D 265 18.41 -7.19 -3.63
CA GLY D 265 17.74 -8.26 -4.37
C GLY D 265 16.99 -9.15 -3.41
N SER D 266 17.06 -10.47 -3.61
CA SER D 266 16.32 -11.42 -2.78
C SER D 266 17.06 -11.75 -1.47
N ARG D 267 16.33 -11.68 -0.36
CA ARG D 267 16.92 -11.94 0.96
C ARG D 267 17.36 -13.40 1.15
N LEU D 268 16.83 -14.29 0.32
CA LEU D 268 17.21 -15.71 0.35
C LEU D 268 18.35 -16.00 -0.63
N ASP D 269 18.54 -15.10 -1.60
CA ASP D 269 19.63 -15.19 -2.57
C ASP D 269 20.04 -13.77 -3.03
N PRO D 270 20.87 -13.08 -2.24
CA PRO D 270 21.12 -11.66 -2.45
C PRO D 270 22.27 -11.31 -3.38
N TYR D 271 22.19 -10.11 -3.96
CA TYR D 271 23.28 -9.53 -4.69
C TYR D 271 24.13 -8.71 -3.71
N MET D 272 25.36 -8.41 -4.09
CA MET D 272 26.21 -7.62 -3.22
C MET D 272 26.95 -6.53 -3.97
N ARG D 273 27.20 -5.43 -3.26
CA ARG D 273 28.16 -4.43 -3.71
C ARG D 273 29.10 -4.12 -2.55
N LEU D 274 30.39 -4.18 -2.81
CA LEU D 274 31.38 -4.26 -1.73
C LEU D 274 32.70 -3.69 -2.20
N ASP D 275 33.25 -2.73 -1.46
CA ASP D 275 34.56 -2.18 -1.78
C ASP D 275 35.19 -1.65 -0.50
N PRO D 276 35.85 -2.54 0.25
CA PRO D 276 36.33 -2.26 1.59
C PRO D 276 37.25 -1.05 1.65
N TYR D 277 38.16 -0.97 0.70
CA TYR D 277 39.13 0.12 0.65
C TYR D 277 38.50 1.52 0.65
N PHE D 278 37.27 1.62 0.16
CA PHE D 278 36.52 2.88 0.12
C PHE D 278 35.24 2.84 0.97
N THR D 279 35.18 1.91 1.92
CA THR D 279 34.03 1.77 2.81
C THR D 279 34.32 2.29 4.20
N SER D 280 33.36 3.00 4.78
CA SER D 280 33.35 3.32 6.19
C SER D 280 31.95 3.06 6.77
N VAL D 281 31.88 2.98 8.08
CA VAL D 281 30.62 2.74 8.80
C VAL D 281 30.54 3.74 9.97
N PRO D 282 29.38 4.40 10.14
CA PRO D 282 29.17 5.27 11.31
C PRO D 282 29.45 4.56 12.65
N GLN D 283 30.18 5.23 13.53
CA GLN D 283 30.69 4.63 14.77
C GLN D 283 29.59 4.17 15.73
N ASP D 284 28.53 4.96 15.82
CA ASP D 284 27.39 4.64 16.67
C ASP D 284 26.68 3.34 16.29
N ASP D 285 26.65 3.05 15.00
CA ASP D 285 25.91 1.89 14.49
C ASP D 285 26.67 0.59 14.76
N THR D 286 26.47 0.05 15.96
CA THR D 286 27.14 -1.18 16.38
C THR D 286 26.71 -2.37 15.52
N ASP D 287 25.41 -2.47 15.26
CA ASP D 287 24.86 -3.54 14.43
C ASP D 287 25.49 -3.58 13.03
N ALA D 288 25.55 -2.41 12.38
CA ALA D 288 26.15 -2.29 11.04
C ALA D 288 27.63 -2.70 11.00
N ARG D 289 28.40 -2.31 12.01
CA ARG D 289 29.84 -2.64 12.07
C ARG D 289 30.07 -4.14 12.28
N ARG D 290 29.24 -4.75 13.12
CA ARG D 290 29.30 -6.19 13.35
C ARG D 290 29.00 -6.93 12.06
N ALA D 291 27.86 -6.59 11.44
CA ALA D 291 27.40 -7.26 10.22
C ALA D 291 28.41 -7.10 9.09
N TYR D 292 28.93 -5.90 8.92
CA TYR D 292 29.91 -5.63 7.88
C TYR D 292 31.17 -6.45 8.10
N ASP D 293 31.69 -6.43 9.32
CA ASP D 293 32.91 -7.19 9.65
C ASP D 293 32.73 -8.67 9.36
N ALA D 294 31.58 -9.21 9.75
CA ALA D 294 31.23 -10.59 9.43
C ALA D 294 31.24 -10.82 7.92
N LEU D 295 30.64 -9.91 7.16
CA LEU D 295 30.54 -10.03 5.71
C LEU D 295 31.91 -9.94 5.02
N PHE D 296 32.77 -9.07 5.52
CA PHE D 296 34.12 -8.98 5.00
C PHE D 296 34.82 -10.33 5.19
N LYS D 297 34.78 -10.85 6.41
CA LYS D 297 35.42 -12.14 6.77
C LYS D 297 34.96 -13.27 5.83
N VAL D 298 33.65 -13.44 5.72
CA VAL D 298 33.04 -14.47 4.86
C VAL D 298 33.54 -14.35 3.42
N VAL D 299 33.51 -13.15 2.87
CA VAL D 299 33.92 -12.94 1.48
C VAL D 299 35.45 -13.08 1.30
N ASP D 300 36.24 -12.56 2.24
CA ASP D 300 37.72 -12.64 2.15
C ASP D 300 38.24 -14.07 2.28
N SER D 301 37.58 -14.87 3.12
CA SER D 301 37.93 -16.28 3.30
C SER D 301 37.55 -17.10 2.07
N GLY D 302 36.35 -16.84 1.55
CA GLY D 302 35.84 -17.52 0.36
C GLY D 302 36.56 -17.20 -0.95
N MET D 303 37.38 -16.15 -0.95
CA MET D 303 38.12 -15.72 -2.14
C MET D 303 38.87 -16.87 -2.78
N ARG D 304 38.96 -16.85 -4.10
CA ARG D 304 39.49 -17.98 -4.86
C ARG D 304 40.37 -17.48 -6.00
N GLU D 305 41.45 -18.20 -6.28
CA GLU D 305 42.34 -17.85 -7.38
C GLU D 305 41.81 -18.41 -8.70
N VAL D 306 41.76 -17.55 -9.71
CA VAL D 306 41.32 -17.92 -11.04
C VAL D 306 42.31 -17.30 -12.02
N VAL D 307 43.07 -18.14 -12.71
CA VAL D 307 44.14 -17.66 -13.59
C VAL D 307 43.62 -17.46 -15.02
N ALA D 308 43.67 -16.22 -15.48
CA ALA D 308 43.37 -15.89 -16.85
C ALA D 308 44.66 -15.93 -17.68
N ASP D 309 44.87 -17.06 -18.34
CA ASP D 309 46.02 -17.24 -19.20
C ASP D 309 45.68 -16.83 -20.63
N GLN D 310 46.71 -16.48 -21.40
CA GLN D 310 46.56 -16.09 -22.79
C GLN D 310 45.50 -16.94 -23.50
N GLY D 311 44.45 -16.28 -24.01
CA GLY D 311 43.36 -16.98 -24.70
C GLY D 311 42.18 -17.31 -23.79
N ASP D 312 42.33 -17.03 -22.50
CA ASP D 312 41.21 -17.09 -21.57
C ASP D 312 40.46 -15.76 -21.61
N VAL D 313 39.13 -15.86 -21.52
CA VAL D 313 38.27 -14.69 -21.38
C VAL D 313 37.39 -14.89 -20.14
N LEU D 314 37.63 -14.08 -19.12
CA LEU D 314 36.94 -14.19 -17.83
C LEU D 314 35.71 -13.29 -17.80
N PHE D 315 34.59 -13.85 -17.34
CA PHE D 315 33.32 -13.15 -17.24
C PHE D 315 32.94 -13.02 -15.78
N ILE D 316 32.98 -11.81 -15.24
CA ILE D 316 32.54 -11.62 -13.86
C ILE D 316 31.12 -11.07 -13.82
N ASP D 317 30.32 -11.64 -12.92
CA ASP D 317 29.01 -11.12 -12.60
C ASP D 317 29.22 -10.09 -11.50
N ASN D 318 29.02 -8.82 -11.84
CA ASN D 318 29.36 -7.75 -10.90
C ASN D 318 28.40 -7.63 -9.71
N HIS D 319 27.35 -8.43 -9.70
CA HIS D 319 26.40 -8.44 -8.59
C HIS D 319 26.54 -9.65 -7.69
N ARG D 320 27.35 -10.62 -8.08
CA ARG D 320 27.53 -11.84 -7.29
C ARG D 320 28.99 -12.15 -6.95
N ALA D 321 29.92 -11.38 -7.51
CA ALA D 321 31.33 -11.61 -7.26
C ALA D 321 32.14 -10.32 -7.21
N VAL D 322 32.97 -10.21 -6.18
CA VAL D 322 34.02 -9.21 -6.13
C VAL D 322 35.22 -9.74 -6.89
N HIS D 323 36.21 -8.89 -7.15
CA HIS D 323 37.38 -9.31 -7.89
C HIS D 323 38.60 -8.48 -7.53
N GLY D 324 39.76 -9.12 -7.56
CA GLY D 324 41.03 -8.43 -7.36
C GLY D 324 42.18 -9.14 -8.05
N ARG D 325 43.37 -8.57 -7.91
CA ARG D 325 44.58 -9.15 -8.47
C ARG D 325 45.61 -9.37 -7.36
N LEU D 326 46.47 -10.35 -7.54
CA LEU D 326 47.60 -10.57 -6.63
C LEU D 326 48.78 -9.69 -7.07
N PRO D 327 49.77 -9.49 -6.18
CA PRO D 327 50.97 -8.77 -6.58
C PRO D 327 51.78 -9.55 -7.59
N PHE D 328 52.45 -8.83 -8.49
CA PHE D 328 53.33 -9.45 -9.49
C PHE D 328 54.47 -8.52 -9.90
N GLN D 329 55.64 -9.11 -10.13
CA GLN D 329 56.81 -8.38 -10.61
C GLN D 329 56.64 -8.03 -12.09
N ALA D 330 56.65 -6.74 -12.39
CA ALA D 330 56.55 -6.26 -13.76
C ALA D 330 57.93 -6.15 -14.39
N ARG D 331 57.99 -6.30 -15.71
CA ARG D 331 59.25 -6.21 -16.46
C ARG D 331 59.39 -4.88 -17.21
N TYR D 332 58.26 -4.34 -17.70
CA TYR D 332 58.21 -3.11 -18.51
C TYR D 332 58.97 -3.23 -19.85
N ASP D 333 59.14 -4.47 -20.33
CA ASP D 333 59.87 -4.73 -21.58
C ASP D 333 58.93 -5.12 -22.72
N GLY D 334 57.66 -4.77 -22.60
CA GLY D 334 56.66 -5.03 -23.65
C GLY D 334 56.22 -6.47 -23.75
N THR D 335 56.34 -7.22 -22.65
CA THR D 335 55.85 -8.60 -22.58
C THR D 335 55.15 -8.86 -21.23
N ASP D 336 54.53 -7.82 -20.68
CA ASP D 336 53.83 -7.91 -19.41
C ASP D 336 52.39 -8.38 -19.58
N ARG D 337 51.85 -8.92 -18.49
CA ARG D 337 50.46 -9.39 -18.41
C ARG D 337 49.49 -8.33 -18.92
N TRP D 338 48.88 -8.59 -20.07
CA TRP D 338 48.03 -7.62 -20.75
C TRP D 338 46.63 -8.17 -20.93
N LEU D 339 45.65 -7.54 -20.28
CA LEU D 339 44.24 -7.86 -20.47
C LEU D 339 43.51 -6.69 -21.11
N LYS D 340 42.37 -7.00 -21.73
CA LYS D 340 41.42 -5.98 -22.17
C LYS D 340 40.14 -6.11 -21.34
N ARG D 341 39.50 -4.99 -21.05
CA ARG D 341 38.28 -4.99 -20.24
C ARG D 341 37.14 -4.29 -20.95
N VAL D 342 35.93 -4.85 -20.80
CA VAL D 342 34.69 -4.24 -21.29
C VAL D 342 33.67 -4.30 -20.16
N CYS D 343 33.08 -3.16 -19.85
CA CYS D 343 31.97 -3.07 -18.90
C CYS D 343 30.64 -3.30 -19.61
N VAL D 344 29.73 -4.00 -18.96
CA VAL D 344 28.47 -4.40 -19.57
C VAL D 344 27.30 -3.96 -18.70
N THR D 345 26.35 -3.26 -19.31
CA THR D 345 25.10 -2.89 -18.64
C THR D 345 23.91 -3.67 -19.24
N SER D 346 23.02 -4.14 -18.37
CA SER D 346 21.81 -4.78 -18.82
C SER D 346 20.88 -3.74 -19.41
N ASP D 347 20.87 -2.56 -18.82
CA ASP D 347 19.99 -1.49 -19.27
C ASP D 347 20.69 -0.17 -19.38
N LEU D 348 20.96 0.23 -20.62
CA LEU D 348 21.65 1.46 -20.93
C LEU D 348 20.81 2.71 -20.61
N ARG D 349 19.50 2.63 -20.81
CA ARG D 349 18.64 3.80 -20.64
C ARG D 349 18.49 4.26 -19.19
N ARG D 350 18.79 3.36 -18.25
CA ARG D 350 18.73 3.65 -16.83
C ARG D 350 19.76 4.70 -16.39
N SER D 351 20.80 4.90 -17.18
CA SER D 351 21.85 5.89 -16.89
C SER D 351 21.75 7.13 -17.76
N ARG D 352 20.57 7.39 -18.30
CA ARG D 352 20.35 8.52 -19.23
C ARG D 352 20.65 9.89 -18.61
N GLU D 353 20.34 10.08 -17.33
CA GLU D 353 20.60 11.37 -16.67
C GLU D 353 22.10 11.72 -16.63
N MET D 354 22.96 10.69 -16.58
CA MET D 354 24.41 10.88 -16.57
C MET D 354 25.07 10.73 -17.93
N ARG D 355 24.27 10.74 -18.99
CA ARG D 355 24.78 10.68 -20.35
C ARG D 355 24.36 11.93 -21.13
N ALA D 356 25.34 12.51 -21.85
CA ALA D 356 25.17 13.77 -22.58
C ALA D 356 24.16 13.68 -23.73
N THR D 357 24.08 12.51 -24.37
CA THR D 357 23.12 12.26 -25.44
C THR D 357 22.50 10.87 -25.27
N SER D 358 21.33 10.67 -25.90
CA SER D 358 20.71 9.35 -25.94
C SER D 358 21.65 8.30 -26.54
N ALA D 359 22.32 8.68 -27.62
CA ALA D 359 23.17 7.78 -28.38
C ALA D 359 24.49 7.40 -27.68
N THR D 360 25.05 8.29 -26.88
CA THR D 360 26.35 7.99 -26.29
C THR D 360 26.26 6.89 -25.22
N ARG D 361 27.31 6.10 -25.14
CA ARG D 361 27.44 4.98 -24.20
C ARG D 361 28.38 5.33 -23.04
N LEU D 362 28.82 6.59 -23.00
CA LEU D 362 29.76 7.05 -21.99
C LEU D 362 29.03 7.79 -20.86
N LEU D 363 29.15 7.28 -19.65
CA LEU D 363 28.60 7.96 -18.47
C LEU D 363 29.52 9.11 -18.05
N GLY D 364 28.90 10.23 -17.70
CA GLY D 364 29.62 11.46 -17.35
C GLY D 364 30.15 12.21 -18.56
FE FE E . -16.74 -9.68 35.28
C1 SIN F . -16.59 -16.66 32.37
O1 SIN F . -17.42 -17.40 31.80
O2 SIN F . -15.42 -17.05 32.57
C2 SIN F . -17.00 -15.26 32.81
C3 SIN F . -16.19 -14.17 32.12
C4 SIN F . -15.68 -13.10 33.08
O3 SIN F . -14.78 -13.40 33.89
O4 SIN F . -16.16 -11.94 33.02
FE FE G . -25.34 24.37 12.51
C1 SIN H . -23.68 24.23 8.18
O1 SIN H . -22.79 23.59 8.78
O2 SIN H . -24.89 23.91 8.14
C2 SIN H . -23.25 25.46 7.45
C3 SIN H . -22.23 25.02 6.41
C4 SIN H . -22.31 25.90 5.20
O3 SIN H . -21.23 26.36 4.75
O4 SIN H . -23.44 26.12 4.70
FE FE I . -2.29 -1.23 -21.63
O 2OR J . -4.32 -3.93 -21.15
C 2OR J . -4.81 -4.52 -20.16
OXT 2OR J . -5.82 -5.26 -20.16
CA 2OR J . -4.12 -4.29 -18.79
N 2OR J . -3.18 -5.38 -18.51
CB 2OR J . -3.39 -2.95 -18.78
OB 2OR J . -2.44 -2.93 -19.83
CG 2OR J . -4.40 -1.82 -19.00
OG 2OR J . -3.91 -1.04 -20.09
CD 2OR J . -4.55 -1.05 -17.72
NE 2OR J . -5.25 0.21 -18.02
CZ 2OR J . -5.18 1.34 -17.27
NH2 2OR J . -4.43 1.37 -16.16
NH1 2OR J . -5.88 2.43 -17.62
C1 SIN K . -3.35 -2.12 -24.64
O1 SIN K . -2.22 -2.63 -24.77
O2 SIN K . -3.69 -1.52 -23.60
C2 SIN K . -4.34 -2.24 -25.78
C3 SIN K . -3.76 -1.78 -27.10
C4 SIN K . -4.76 -1.97 -28.23
O3 SIN K . -5.58 -2.90 -28.18
O4 SIN K . -4.70 -1.17 -29.19
FE FE L . 38.46 -3.50 -10.93
O 2OR M . 40.00 0.67 -13.13
C 2OR M . 40.15 0.79 -11.90
OXT 2OR M . 41.24 0.85 -11.30
CA 2OR M . 38.87 0.87 -11.03
N 2OR M . 37.71 1.29 -11.84
CB 2OR M . 38.64 -0.50 -10.36
OB 2OR M . 38.82 -1.58 -11.31
CG 2OR M . 39.63 -0.68 -9.22
OG 2OR M . 39.68 -2.06 -8.90
CD 2OR M . 39.20 0.14 -8.04
NE 2OR M . 39.97 -0.34 -6.87
CZ 2OR M . 39.46 -0.59 -5.65
NH2 2OR M . 40.26 -1.03 -4.67
NH1 2OR M . 38.16 -0.43 -5.40
C1 SIN N . 40.75 -5.09 -12.68
O1 SIN N . 41.81 -4.44 -12.86
O2 SIN N . 39.66 -4.55 -12.35
C2 SIN N . 40.78 -6.59 -12.90
C3 SIN N . 41.83 -7.26 -12.02
C4 SIN N . 42.91 -7.90 -12.87
O3 SIN N . 42.90 -9.16 -12.99
O4 SIN N . 43.77 -7.17 -13.41
#